data_4X16
#
_entry.id   4X16
#
_cell.length_a   149.810
_cell.length_b   95.580
_cell.length_c   128.790
_cell.angle_alpha   90.00
_cell.angle_beta   110.33
_cell.angle_gamma   90.00
#
_symmetry.space_group_name_H-M   'C 1 2 1'
#
loop_
_entity.id
_entity.type
_entity.pdbx_description
1 polymer 'Major capsid protein VP1'
2 non-polymer GLYCEROL
3 non-polymer 1,2-ETHANEDIOL
4 non-polymer 'POTASSIUM ION'
5 non-polymer 'N-acetyl-alpha-neuraminic acid'
6 water water
#
_entity_poly.entity_id   1
_entity_poly.type   'polypeptide(L)'
_entity_poly.pdbx_seq_one_letter_code
;GSHMGGVEVLEVKTGVDSITEVECFLTPEMGDPDEHLRGFSKSISISDTFESDSPNRDMLPCYSVARIPLPNLNEDLTCG
NILMWEAVTLKTEVIGVTSLMNVHSNGQATHDNGAGKPVQGTSFHFFSVGGEALELQGVLFNYRTKYPDGTIFPKNATVQ
SQVMNTEHKAYLDKNKAYPVECWVPDPTRNENTRYFGTLTGGENVPPVLHITNTATTVLLDEFGVGPLCKGDNLYLSAVD
VCGMFTNRSGSQQWRGLSRYFKVQLRKRRVKN
;
_entity_poly.pdbx_strand_id   A,B,C,D,E
#
loop_
_chem_comp.id
_chem_comp.type
_chem_comp.name
_chem_comp.formula
EDO non-polymer 1,2-ETHANEDIOL 'C2 H6 O2'
GOL non-polymer GLYCEROL 'C3 H8 O3'
K non-polymer 'POTASSIUM ION' 'K 1'
SIA D-saccharide, alpha linking 'N-acetyl-alpha-neuraminic acid' 'C11 H19 N O9'
#
# COMPACT_ATOMS: atom_id res chain seq x y z
N VAL A 7 13.72 -39.64 -0.21
CA VAL A 7 12.82 -40.19 -1.27
C VAL A 7 13.33 -39.78 -2.65
N GLU A 8 13.39 -40.73 -3.57
CA GLU A 8 13.55 -40.43 -4.98
C GLU A 8 12.15 -40.28 -5.58
N VAL A 9 11.83 -39.11 -6.10
CA VAL A 9 10.50 -38.85 -6.64
C VAL A 9 10.38 -39.26 -8.11
N LEU A 10 9.40 -40.11 -8.43
CA LEU A 10 9.24 -40.60 -9.80
C LEU A 10 7.98 -40.04 -10.44
N GLU A 11 7.28 -40.82 -11.26
CA GLU A 11 6.15 -40.28 -12.05
C GLU A 11 4.84 -40.08 -11.26
N VAL A 12 4.05 -39.13 -11.75
CA VAL A 12 2.69 -38.93 -11.32
C VAL A 12 1.79 -39.99 -11.94
N LYS A 13 0.90 -40.59 -11.13
CA LYS A 13 -0.10 -41.51 -11.67
C LYS A 13 -1.21 -40.70 -12.34
N THR A 14 -1.80 -41.28 -13.38
CA THR A 14 -2.95 -40.65 -14.03
C THR A 14 -4.16 -41.58 -13.97
N GLY A 15 -5.28 -41.09 -14.48
CA GLY A 15 -6.50 -41.90 -14.52
C GLY A 15 -7.50 -41.39 -13.51
N VAL A 16 -8.75 -41.84 -13.67
CA VAL A 16 -9.87 -41.46 -12.80
C VAL A 16 -9.52 -41.47 -11.31
N ASP A 17 -8.85 -42.53 -10.87
CA ASP A 17 -8.62 -42.80 -9.46
C ASP A 17 -7.43 -42.02 -8.82
N SER A 18 -6.71 -41.21 -9.60
CA SER A 18 -5.39 -40.76 -9.21
C SER A 18 -5.37 -39.41 -8.47
N ILE A 19 -6.53 -38.78 -8.33
CA ILE A 19 -6.63 -37.49 -7.67
C ILE A 19 -7.65 -37.55 -6.52
N THR A 20 -7.43 -36.74 -5.50
CA THR A 20 -8.40 -36.60 -4.42
C THR A 20 -8.36 -35.16 -3.91
N GLU A 21 -9.36 -34.80 -3.13
CA GLU A 21 -9.49 -33.43 -2.68
C GLU A 21 -9.83 -33.46 -1.19
N VAL A 22 -9.29 -32.49 -0.46
CA VAL A 22 -9.57 -32.31 0.94
C VAL A 22 -10.19 -30.91 1.08
N GLU A 23 -11.32 -30.85 1.75
CA GLU A 23 -11.99 -29.59 1.98
C GLU A 23 -12.40 -29.54 3.44
N CYS A 24 -12.06 -28.44 4.13
CA CYS A 24 -12.38 -28.30 5.55
C CYS A 24 -12.18 -26.88 6.05
N PHE A 25 -12.57 -26.66 7.30
CA PHE A 25 -12.27 -25.41 7.95
C PHE A 25 -11.53 -25.70 9.26
N LEU A 26 -10.61 -24.80 9.59
CA LEU A 26 -9.93 -24.82 10.87
CA LEU A 26 -9.92 -24.82 10.87
C LEU A 26 -10.46 -23.67 11.70
N THR A 27 -10.96 -23.96 12.89
CA THR A 27 -11.46 -22.91 13.76
C THR A 27 -10.29 -22.26 14.52
N PRO A 28 -10.45 -20.99 14.87
CA PRO A 28 -9.40 -20.28 15.62
C PRO A 28 -9.39 -20.70 17.08
N GLU A 29 -8.24 -20.56 17.73
CA GLU A 29 -8.08 -20.93 19.11
C GLU A 29 -7.44 -19.74 19.83
N MET A 30 -8.30 -18.78 20.16
CA MET A 30 -7.90 -17.49 20.70
C MET A 30 -7.81 -17.47 22.22
N GLY A 31 -8.40 -18.48 22.87
CA GLY A 31 -8.32 -18.63 24.31
C GLY A 31 -9.65 -18.99 24.95
N ASP A 32 -10.75 -18.47 24.40
CA ASP A 32 -12.11 -18.88 24.76
C ASP A 32 -12.33 -18.81 26.27
N PRO A 33 -12.27 -17.59 26.82
CA PRO A 33 -12.27 -17.34 28.25
C PRO A 33 -13.56 -17.72 29.00
N ASP A 34 -14.68 -17.77 28.31
CA ASP A 34 -15.91 -18.29 28.94
C ASP A 34 -16.82 -18.89 27.88
N GLU A 35 -17.97 -19.37 28.32
CA GLU A 35 -18.85 -20.14 27.44
C GLU A 35 -19.54 -19.28 26.36
N HIS A 36 -19.35 -17.96 26.41
CA HIS A 36 -19.96 -17.07 25.43
C HIS A 36 -18.97 -16.44 24.49
N LEU A 37 -17.69 -16.79 24.62
CA LEU A 37 -16.63 -16.02 23.99
C LEU A 37 -15.69 -16.85 23.11
N ARG A 38 -16.22 -17.92 22.54
CA ARG A 38 -15.53 -18.67 21.46
C ARG A 38 -15.07 -17.72 20.36
N GLY A 39 -13.79 -17.80 19.98
CA GLY A 39 -13.21 -16.91 19.00
C GLY A 39 -12.57 -15.64 19.55
N PHE A 40 -12.75 -15.37 20.85
CA PHE A 40 -12.09 -14.28 21.55
C PHE A 40 -11.09 -14.83 22.57
N SER A 41 -10.08 -14.03 22.92
CA SER A 41 -9.25 -14.28 24.07
C SER A 41 -9.86 -13.62 25.30
N LYS A 42 -9.33 -13.97 26.46
CA LYS A 42 -9.49 -13.20 27.67
C LYS A 42 -8.97 -11.75 27.43
N SER A 43 -9.54 -10.79 28.13
CA SER A 43 -9.04 -9.42 28.11
CA SER A 43 -9.03 -9.43 28.04
C SER A 43 -7.56 -9.45 28.42
N ILE A 44 -6.79 -8.58 27.77
CA ILE A 44 -5.35 -8.55 27.96
CA ILE A 44 -5.35 -8.55 27.96
C ILE A 44 -5.00 -7.73 29.19
N SER A 45 -4.18 -8.29 30.07
CA SER A 45 -3.63 -7.57 31.20
CA SER A 45 -3.62 -7.61 31.23
C SER A 45 -2.12 -7.46 31.03
N ILE A 46 -1.53 -6.45 31.64
CA ILE A 46 -0.12 -6.18 31.43
C ILE A 46 0.66 -6.37 32.73
N SER A 47 1.73 -7.17 32.67
CA SER A 47 2.58 -7.35 33.84
C SER A 47 3.29 -6.04 34.20
N ASP A 48 3.65 -5.91 35.47
CA ASP A 48 4.39 -4.76 35.98
C ASP A 48 5.85 -4.72 35.53
N THR A 49 6.44 -5.90 35.30
CA THR A 49 7.86 -6.03 34.94
C THR A 49 8.02 -7.20 33.99
N PHE A 50 9.17 -7.29 33.31
CA PHE A 50 9.47 -8.46 32.49
C PHE A 50 9.47 -9.73 33.33
N GLU A 51 10.07 -9.67 34.52
CA GLU A 51 10.18 -10.86 35.34
C GLU A 51 8.84 -11.35 35.87
N SER A 52 7.82 -10.49 35.93
CA SER A 52 6.51 -10.91 36.47
C SER A 52 5.47 -11.26 35.38
N ASP A 53 5.89 -11.31 34.12
CA ASP A 53 4.99 -11.67 32.99
C ASP A 53 4.53 -13.10 33.16
N SER A 54 3.21 -13.28 33.31
CA SER A 54 2.64 -14.58 33.63
CA SER A 54 2.62 -14.58 33.65
C SER A 54 1.25 -14.72 33.00
N PRO A 55 1.20 -14.77 31.67
CA PRO A 55 -0.11 -14.77 30.99
C PRO A 55 -0.91 -16.03 31.28
N ASN A 56 -2.22 -15.87 31.52
CA ASN A 56 -3.07 -17.04 31.66
C ASN A 56 -3.34 -17.68 30.32
N ARG A 57 -3.62 -18.97 30.38
CA ARG A 57 -3.82 -19.73 29.17
C ARG A 57 -4.91 -19.14 28.26
N ASP A 58 -6.01 -18.67 28.85
CA ASP A 58 -7.11 -18.15 28.04
C ASP A 58 -6.84 -16.76 27.43
N MET A 59 -5.69 -16.17 27.76
CA MET A 59 -5.24 -14.92 27.17
C MET A 59 -4.29 -15.10 25.98
N LEU A 60 -3.93 -16.35 25.64
CA LEU A 60 -2.92 -16.64 24.62
C LEU A 60 -3.48 -17.36 23.41
N PRO A 61 -3.58 -16.65 22.28
CA PRO A 61 -3.92 -17.38 21.04
C PRO A 61 -2.91 -18.48 20.72
N CYS A 62 -3.38 -19.56 20.11
CA CYS A 62 -2.54 -20.69 19.76
C CYS A 62 -2.73 -21.04 18.29
N TYR A 63 -1.74 -21.75 17.77
CA TYR A 63 -1.82 -22.25 16.41
C TYR A 63 -2.93 -23.28 16.29
N SER A 64 -3.64 -23.25 15.16
CA SER A 64 -4.63 -24.30 14.83
C SER A 64 -3.97 -25.32 13.93
N VAL A 65 -4.35 -26.59 14.08
CA VAL A 65 -3.81 -27.66 13.24
C VAL A 65 -4.87 -28.73 13.04
N ALA A 66 -4.94 -29.29 11.84
CA ALA A 66 -5.73 -30.50 11.60
C ALA A 66 -4.85 -31.50 10.84
N ARG A 67 -4.86 -32.72 11.32
CA ARG A 67 -4.25 -33.84 10.61
C ARG A 67 -5.40 -34.55 9.90
N ILE A 68 -5.38 -34.56 8.58
CA ILE A 68 -6.47 -35.09 7.77
C ILE A 68 -6.01 -36.42 7.17
N PRO A 69 -6.62 -37.55 7.59
CA PRO A 69 -6.25 -38.83 6.95
C PRO A 69 -6.70 -38.85 5.50
N LEU A 70 -5.84 -39.35 4.62
CA LEU A 70 -6.10 -39.46 3.18
C LEU A 70 -6.35 -40.93 2.81
N PRO A 71 -6.91 -41.18 1.61
CA PRO A 71 -7.13 -42.59 1.23
C PRO A 71 -5.84 -43.40 1.29
N ASN A 72 -5.94 -44.57 1.89
CA ASN A 72 -4.79 -45.43 2.12
C ASN A 72 -4.15 -45.84 0.79
N LEU A 73 -2.82 -45.76 0.70
CA LEU A 73 -2.11 -46.06 -0.57
C LEU A 73 -1.29 -47.35 -0.65
N ASN A 74 -0.71 -47.79 0.46
CA ASN A 74 0.19 -48.94 0.40
C ASN A 74 -0.22 -50.06 1.36
N ILE A 82 5.86 -47.95 -4.02
CA ILE A 82 5.36 -46.99 -3.02
C ILE A 82 4.78 -45.70 -3.63
N LEU A 83 3.51 -45.44 -3.32
CA LEU A 83 2.85 -44.23 -3.78
C LEU A 83 2.61 -43.33 -2.59
N MET A 84 2.63 -42.03 -2.85
CA MET A 84 2.28 -41.02 -1.84
C MET A 84 1.39 -40.00 -2.47
N TRP A 85 0.49 -39.45 -1.66
CA TRP A 85 -0.30 -38.30 -2.07
C TRP A 85 0.57 -37.08 -2.08
N GLU A 86 0.48 -36.32 -3.17
CA GLU A 86 1.21 -35.07 -3.36
C GLU A 86 0.22 -33.92 -3.41
N ALA A 87 0.41 -32.95 -2.52
CA ALA A 87 -0.47 -31.79 -2.47
C ALA A 87 -0.04 -30.83 -3.58
N VAL A 88 -0.98 -30.43 -4.44
CA VAL A 88 -0.65 -29.65 -5.66
C VAL A 88 -1.16 -28.21 -5.64
N THR A 89 -2.42 -28.04 -5.23
CA THR A 89 -3.03 -26.70 -5.17
C THR A 89 -3.81 -26.49 -3.88
N LEU A 90 -3.94 -25.21 -3.54
CA LEU A 90 -4.67 -24.75 -2.36
C LEU A 90 -5.55 -23.58 -2.73
N LYS A 91 -6.82 -23.64 -2.31
CA LYS A 91 -7.64 -22.44 -2.20
C LYS A 91 -7.92 -22.24 -0.71
N THR A 92 -7.84 -20.99 -0.28
CA THR A 92 -8.04 -20.71 1.13
C THR A 92 -8.63 -19.32 1.30
N GLU A 93 -9.41 -19.15 2.35
CA GLU A 93 -9.88 -17.84 2.71
C GLU A 93 -10.40 -17.81 4.13
N VAL A 94 -10.41 -16.61 4.69
CA VAL A 94 -10.88 -16.41 6.04
C VAL A 94 -12.42 -16.37 5.97
N ILE A 95 -13.08 -17.05 6.91
CA ILE A 95 -14.53 -17.20 6.89
C ILE A 95 -15.16 -16.32 7.95
N GLY A 96 -16.07 -15.45 7.51
CA GLY A 96 -16.82 -14.60 8.41
C GLY A 96 -16.28 -13.17 8.47
N VAL A 97 -15.60 -12.73 7.40
CA VAL A 97 -14.97 -11.41 7.41
C VAL A 97 -15.97 -10.29 7.76
N THR A 98 -17.21 -10.43 7.31
CA THR A 98 -18.21 -9.36 7.53
C THR A 98 -18.70 -9.24 8.99
N SER A 99 -18.43 -10.27 9.81
CA SER A 99 -18.79 -10.23 11.24
C SER A 99 -18.14 -9.03 11.92
N LEU A 100 -17.01 -8.59 11.36
CA LEU A 100 -16.28 -7.45 11.90
C LEU A 100 -17.01 -6.11 11.66
N MET A 101 -18.13 -6.15 10.96
CA MET A 101 -18.96 -4.94 10.84
C MET A 101 -19.96 -4.78 11.98
N ASN A 102 -19.95 -5.68 12.96
CA ASN A 102 -20.76 -5.48 14.16
C ASN A 102 -20.05 -4.50 15.07
N VAL A 103 -20.43 -3.23 14.91
CA VAL A 103 -19.88 -2.13 15.69
C VAL A 103 -20.95 -1.58 16.66
N HIS A 104 -21.90 -2.43 17.04
CA HIS A 104 -23.01 -2.04 17.92
C HIS A 104 -23.16 -2.93 19.14
N SER A 105 -22.16 -3.77 19.40
CA SER A 105 -22.24 -4.78 20.45
C SER A 105 -21.18 -4.55 21.53
N ASN A 106 -21.58 -3.81 22.58
CA ASN A 106 -20.69 -3.51 23.71
C ASN A 106 -19.26 -3.04 23.37
N GLY A 107 -19.12 -2.22 22.35
CA GLY A 107 -17.82 -1.69 21.98
C GLY A 107 -17.64 -0.27 22.50
N GLN A 108 -16.40 0.16 22.61
CA GLN A 108 -16.11 1.52 23.03
C GLN A 108 -16.38 2.47 21.85
N ALA A 109 -17.12 3.52 22.11
CA ALA A 109 -17.43 4.51 21.10
C ALA A 109 -16.15 5.16 20.56
N THR A 110 -16.11 5.36 19.26
CA THR A 110 -15.03 6.12 18.59
C THR A 110 -14.91 7.52 19.15
N HIS A 111 -16.05 8.11 19.48
CA HIS A 111 -16.12 9.45 20.05
C HIS A 111 -17.52 9.62 20.60
N ASP A 112 -17.80 10.73 21.28
CA ASP A 112 -19.15 10.97 21.87
C ASP A 112 -20.27 10.81 20.84
N ASN A 113 -21.18 9.90 21.12
CA ASN A 113 -22.33 9.58 20.24
C ASN A 113 -22.00 8.75 19.00
N GLY A 114 -20.76 8.32 18.91
CA GLY A 114 -20.25 7.62 17.74
C GLY A 114 -20.55 6.12 17.77
N ALA A 115 -20.21 5.44 16.67
CA ALA A 115 -20.31 3.98 16.59
C ALA A 115 -19.23 3.32 17.42
N GLY A 116 -19.38 2.01 17.67
CA GLY A 116 -18.34 1.26 18.34
C GLY A 116 -17.09 1.12 17.48
N LYS A 117 -15.94 1.09 18.12
CA LYS A 117 -14.69 0.81 17.42
C LYS A 117 -14.68 -0.61 16.86
N PRO A 118 -14.24 -0.78 15.61
CA PRO A 118 -14.16 -2.14 15.07
C PRO A 118 -12.92 -2.85 15.57
N VAL A 119 -12.87 -4.14 15.34
CA VAL A 119 -11.66 -4.90 15.57
C VAL A 119 -10.51 -4.32 14.73
N GLN A 120 -9.39 -4.08 15.37
CA GLN A 120 -8.24 -3.50 14.70
CA GLN A 120 -8.25 -3.46 14.73
C GLN A 120 -7.00 -3.73 15.55
N GLY A 121 -5.86 -3.39 14.99
CA GLY A 121 -4.60 -3.55 15.70
C GLY A 121 -3.88 -4.80 15.24
N THR A 122 -2.91 -5.26 16.03
CA THR A 122 -2.02 -6.32 15.60
C THR A 122 -2.74 -7.56 15.08
N SER A 123 -2.28 -8.07 13.94
CA SER A 123 -2.86 -9.25 13.32
C SER A 123 -1.76 -10.21 12.88
N PHE A 124 -2.11 -11.48 12.87
CA PHE A 124 -1.25 -12.50 12.29
C PHE A 124 -2.14 -13.43 11.49
N HIS A 125 -1.86 -13.53 10.19
CA HIS A 125 -2.58 -14.40 9.28
C HIS A 125 -1.58 -15.33 8.69
N PHE A 126 -1.84 -16.62 8.90
CA PHE A 126 -0.89 -17.66 8.60
C PHE A 126 -1.58 -18.93 8.14
N PHE A 127 -1.02 -19.61 7.12
CA PHE A 127 -1.50 -20.95 6.80
C PHE A 127 -0.38 -21.79 6.21
N SER A 128 -0.48 -23.10 6.40
CA SER A 128 0.49 -24.01 5.86
C SER A 128 -0.17 -25.30 5.45
N VAL A 129 0.42 -25.94 4.45
CA VAL A 129 -0.03 -27.24 3.97
C VAL A 129 1.21 -28.12 3.89
N GLY A 130 1.18 -29.28 4.53
CA GLY A 130 2.35 -30.15 4.56
C GLY A 130 2.05 -31.62 4.59
N GLY A 131 3.07 -32.43 4.29
CA GLY A 131 2.95 -33.87 4.33
C GLY A 131 3.38 -34.48 5.65
N GLU A 132 3.55 -33.59 6.63
CA GLU A 132 3.89 -33.95 8.00
C GLU A 132 3.66 -32.69 8.84
N ALA A 133 3.78 -32.82 10.15
CA ALA A 133 3.54 -31.67 11.05
C ALA A 133 4.46 -30.51 10.73
N LEU A 134 3.93 -29.32 10.88
CA LEU A 134 4.72 -28.11 10.78
C LEU A 134 5.81 -28.16 11.85
N GLU A 135 7.02 -27.85 11.45
CA GLU A 135 8.13 -27.76 12.37
C GLU A 135 8.29 -26.36 12.88
N LEU A 136 8.42 -26.24 14.20
CA LEU A 136 8.41 -24.93 14.85
C LEU A 136 9.74 -24.64 15.50
N GLN A 137 10.07 -23.35 15.55
CA GLN A 137 11.23 -22.84 16.27
C GLN A 137 10.70 -21.84 17.29
N GLY A 138 11.17 -21.93 18.53
CA GLY A 138 10.75 -20.99 19.59
C GLY A 138 11.56 -19.72 19.59
N VAL A 139 10.87 -18.58 19.72
CA VAL A 139 11.50 -17.26 19.92
C VAL A 139 10.58 -16.51 20.89
N LEU A 140 11.18 -15.97 21.95
CA LEU A 140 10.43 -15.33 23.01
C LEU A 140 10.67 -13.84 23.01
N PHE A 141 9.60 -13.08 23.17
CA PHE A 141 9.76 -11.65 23.35
C PHE A 141 10.57 -11.36 24.61
N ASN A 142 10.25 -12.11 25.66
CA ASN A 142 10.80 -11.96 26.99
C ASN A 142 11.01 -13.36 27.55
N TYR A 143 12.27 -13.75 27.71
CA TYR A 143 12.59 -15.11 28.11
C TYR A 143 12.09 -15.44 29.51
N ARG A 144 11.83 -14.41 30.33
CA ARG A 144 11.34 -14.62 31.70
C ARG A 144 9.82 -14.76 31.82
N THR A 145 9.11 -14.72 30.70
CA THR A 145 7.68 -15.02 30.71
C THR A 145 7.41 -16.43 31.24
N LYS A 146 6.50 -16.54 32.21
CA LYS A 146 6.07 -17.84 32.72
C LYS A 146 4.84 -18.26 31.95
N TYR A 147 5.00 -19.25 31.07
CA TYR A 147 3.88 -19.73 30.27
C TYR A 147 3.01 -20.68 31.07
N PRO A 148 1.70 -20.68 30.83
CA PRO A 148 0.80 -21.38 31.73
C PRO A 148 0.71 -22.87 31.49
N ASP A 149 0.28 -23.59 32.52
CA ASP A 149 -0.07 -25.00 32.42
C ASP A 149 -1.09 -25.24 31.31
N GLY A 150 -0.90 -26.33 30.58
CA GLY A 150 -1.77 -26.64 29.46
C GLY A 150 -1.30 -26.09 28.12
N THR A 151 -0.23 -25.30 28.10
CA THR A 151 0.39 -24.88 26.85
C THR A 151 1.74 -25.57 26.69
N ILE A 152 2.18 -25.66 25.44
CA ILE A 152 3.47 -26.22 25.08
C ILE A 152 4.35 -25.07 24.59
N PHE A 153 5.44 -24.83 25.32
CA PHE A 153 6.22 -23.59 25.16
C PHE A 153 7.70 -23.90 25.25
N PRO A 154 8.54 -22.98 24.77
CA PRO A 154 9.98 -23.24 24.83
C PRO A 154 10.46 -23.47 26.26
N LYS A 155 11.14 -24.58 26.49
CA LYS A 155 11.62 -24.95 27.81
C LYS A 155 13.11 -24.67 27.93
N ASN A 156 13.56 -24.47 29.17
CA ASN A 156 14.94 -24.09 29.46
C ASN A 156 15.30 -22.78 28.77
N ALA A 157 14.39 -21.82 28.79
CA ALA A 157 14.59 -20.54 28.14
C ALA A 157 15.78 -19.82 28.78
N THR A 158 16.55 -19.14 27.95
CA THR A 158 17.64 -18.28 28.39
C THR A 158 17.49 -16.94 27.69
N VAL A 159 18.34 -15.98 28.06
CA VAL A 159 18.27 -14.70 27.39
C VAL A 159 18.47 -14.85 25.88
N GLN A 160 19.27 -15.82 25.47
CA GLN A 160 19.45 -16.08 24.04
C GLN A 160 18.16 -16.48 23.34
N SER A 161 17.18 -17.00 24.08
CA SER A 161 15.88 -17.35 23.55
C SER A 161 15.13 -16.12 23.01
N GLN A 162 15.54 -14.93 23.43
CA GLN A 162 14.96 -13.69 22.87
C GLN A 162 15.39 -13.38 21.42
N VAL A 163 16.41 -14.06 20.92
CA VAL A 163 16.83 -13.90 19.52
C VAL A 163 16.94 -15.21 18.73
N MET A 164 17.61 -16.21 19.28
CA MET A 164 17.68 -17.54 18.65
C MET A 164 18.35 -18.54 19.59
N ASN A 165 17.59 -19.49 20.08
CA ASN A 165 18.11 -20.58 20.88
C ASN A 165 17.66 -21.84 20.15
N THR A 166 18.63 -22.56 19.59
CA THR A 166 18.30 -23.69 18.73
C THR A 166 17.75 -24.91 19.50
N GLU A 167 17.76 -24.86 20.83
CA GLU A 167 17.11 -25.89 21.62
C GLU A 167 15.59 -25.93 21.39
N HIS A 168 14.99 -24.78 21.10
CA HIS A 168 13.53 -24.70 21.05
C HIS A 168 12.95 -25.19 19.74
N LYS A 169 12.96 -26.50 19.58
CA LYS A 169 12.40 -27.14 18.39
C LYS A 169 11.15 -27.91 18.78
N ALA A 170 10.11 -27.85 17.95
CA ALA A 170 8.89 -28.60 18.22
C ALA A 170 8.14 -28.89 16.93
N TYR A 171 7.12 -29.72 17.07
CA TYR A 171 6.19 -30.03 16.01
C TYR A 171 4.81 -29.49 16.40
N LEU A 172 4.12 -28.88 15.43
CA LEU A 172 2.77 -28.45 15.65
C LEU A 172 1.86 -29.68 15.55
N ASP A 173 1.68 -30.36 16.67
CA ASP A 173 1.04 -31.69 16.72
C ASP A 173 -0.14 -31.78 17.68
N LYS A 174 -0.62 -30.64 18.14
CA LYS A 174 -1.75 -30.62 19.04
C LYS A 174 -2.43 -29.26 18.95
N ASN A 175 -3.77 -29.29 19.00
CA ASN A 175 -4.57 -28.05 18.97
CA ASN A 175 -4.58 -28.07 18.91
C ASN A 175 -4.69 -27.42 20.31
N LYS A 176 -4.93 -26.10 20.36
CA LYS A 176 -5.11 -25.42 21.65
C LYS A 176 -3.88 -25.48 22.55
N ALA A 177 -2.68 -25.61 21.99
CA ALA A 177 -1.51 -25.90 22.81
C ALA A 177 -0.30 -25.00 22.59
N TYR A 178 0.01 -24.69 21.34
CA TYR A 178 1.25 -23.98 20.99
C TYR A 178 0.93 -22.49 20.83
N PRO A 179 1.33 -21.66 21.82
CA PRO A 179 0.97 -20.25 21.70
C PRO A 179 1.62 -19.56 20.51
N VAL A 180 0.86 -18.71 19.84
CA VAL A 180 1.34 -18.04 18.65
C VAL A 180 2.58 -17.20 18.96
N GLU A 181 2.58 -16.53 20.11
CA GLU A 181 3.64 -15.56 20.42
C GLU A 181 5.02 -16.19 20.70
N CYS A 182 5.07 -17.50 20.92
CA CYS A 182 6.27 -18.27 21.32
CA CYS A 182 6.38 -18.04 21.24
C CYS A 182 6.94 -19.01 20.20
N TRP A 183 6.19 -19.26 19.13
CA TRP A 183 6.60 -20.18 18.06
C TRP A 183 6.41 -19.63 16.67
N VAL A 184 7.36 -19.93 15.79
CA VAL A 184 7.25 -19.63 14.36
C VAL A 184 7.61 -20.90 13.57
N PRO A 185 7.18 -20.96 12.29
CA PRO A 185 7.74 -22.01 11.43
C PRO A 185 9.28 -21.94 11.41
N ASP A 186 9.90 -23.12 11.58
CA ASP A 186 11.36 -23.26 11.57
C ASP A 186 11.83 -23.19 10.10
N PRO A 187 12.49 -22.08 9.71
CA PRO A 187 12.97 -22.00 8.34
C PRO A 187 14.10 -22.96 7.99
N THR A 188 14.76 -23.52 8.99
CA THR A 188 15.83 -24.47 8.78
C THR A 188 15.31 -25.86 8.49
N ARG A 189 14.01 -26.09 8.67
CA ARG A 189 13.41 -27.38 8.39
C ARG A 189 12.23 -27.16 7.44
N ASN A 190 11.15 -27.93 7.58
CA ASN A 190 9.91 -27.71 6.80
C ASN A 190 10.08 -27.89 5.30
N GLU A 191 11.01 -28.76 4.89
CA GLU A 191 11.18 -29.02 3.45
C GLU A 191 9.93 -29.63 2.81
N ASN A 192 9.10 -30.29 3.63
CA ASN A 192 7.93 -31.00 3.13
C ASN A 192 6.60 -30.30 3.47
N THR A 193 6.70 -28.99 3.68
CA THR A 193 5.56 -28.13 3.99
C THR A 193 5.72 -26.84 3.18
N ARG A 194 4.59 -26.22 2.83
CA ARG A 194 4.58 -24.87 2.24
C ARG A 194 3.84 -23.96 3.23
N TYR A 195 4.52 -22.94 3.71
CA TYR A 195 3.91 -22.02 4.69
C TYR A 195 3.97 -20.57 4.26
N PHE A 196 3.02 -19.80 4.75
CA PHE A 196 2.84 -18.40 4.35
C PHE A 196 2.23 -17.63 5.53
N GLY A 197 2.81 -16.49 5.89
CA GLY A 197 2.27 -15.71 7.00
C GLY A 197 2.65 -14.27 6.95
N THR A 198 1.80 -13.44 7.55
CA THR A 198 2.06 -12.01 7.64
C THR A 198 1.66 -11.52 9.02
N LEU A 199 2.62 -10.92 9.71
CA LEU A 199 2.37 -10.19 10.93
C LEU A 199 2.26 -8.71 10.55
N THR A 200 1.16 -8.09 10.94
CA THR A 200 0.99 -6.65 10.77
C THR A 200 0.78 -6.09 12.18
N GLY A 201 1.77 -5.37 12.69
CA GLY A 201 1.77 -4.96 14.11
C GLY A 201 1.37 -3.51 14.31
N GLY A 202 0.80 -3.16 15.43
CA GLY A 202 0.52 -1.72 15.66
C GLY A 202 -0.90 -1.64 16.10
N GLU A 203 -1.21 -0.74 17.04
CA GLU A 203 -2.51 -0.81 17.71
C GLU A 203 -3.62 -0.34 16.83
N ASN A 204 -3.32 0.39 15.78
CA ASN A 204 -4.38 0.94 14.96
C ASN A 204 -4.47 0.36 13.57
N VAL A 205 -3.72 -0.68 13.27
CA VAL A 205 -3.76 -1.19 11.91
CA VAL A 205 -3.72 -1.32 11.95
C VAL A 205 -5.14 -1.73 11.56
N PRO A 206 -5.60 -1.41 10.34
CA PRO A 206 -6.89 -1.89 9.87
C PRO A 206 -6.86 -3.30 9.32
N PRO A 207 -7.80 -4.16 9.71
CA PRO A 207 -7.91 -5.40 8.97
C PRO A 207 -8.23 -5.16 7.48
N VAL A 208 -7.54 -5.87 6.59
CA VAL A 208 -7.80 -5.82 5.16
C VAL A 208 -7.93 -7.30 4.77
N LEU A 209 -9.16 -7.74 4.56
CA LEU A 209 -9.42 -9.16 4.38
C LEU A 209 -10.13 -9.34 3.04
N HIS A 210 -9.52 -10.13 2.16
CA HIS A 210 -10.07 -10.35 0.83
C HIS A 210 -10.63 -11.73 0.72
N ILE A 211 -11.74 -11.84 0.00
CA ILE A 211 -12.39 -13.14 -0.25
C ILE A 211 -12.67 -13.26 -1.74
N THR A 212 -12.50 -14.47 -2.27
CA THR A 212 -12.87 -14.79 -3.61
C THR A 212 -12.73 -16.29 -3.79
N ASN A 213 -13.55 -16.86 -4.65
CA ASN A 213 -13.39 -18.27 -4.99
C ASN A 213 -12.61 -18.50 -6.31
N THR A 214 -11.89 -17.48 -6.76
CA THR A 214 -11.18 -17.51 -8.05
C THR A 214 -9.65 -17.60 -7.94
N ALA A 215 -9.12 -17.65 -6.73
CA ALA A 215 -7.67 -17.60 -6.48
C ALA A 215 -7.15 -18.97 -6.00
N THR A 216 -6.09 -19.44 -6.62
CA THR A 216 -5.46 -20.72 -6.27
C THR A 216 -3.98 -20.49 -6.02
N THR A 217 -3.43 -21.15 -5.00
CA THR A 217 -2.01 -21.17 -4.78
C THR A 217 -1.46 -22.55 -5.20
N VAL A 218 -0.42 -22.53 -6.02
CA VAL A 218 0.25 -23.76 -6.44
C VAL A 218 1.30 -24.11 -5.38
N LEU A 219 1.34 -25.38 -4.97
CA LEU A 219 2.17 -25.83 -3.85
C LEU A 219 3.44 -26.54 -4.31
N LEU A 220 3.62 -26.64 -5.63
CA LEU A 220 4.81 -27.29 -6.18
C LEU A 220 6.06 -26.43 -5.92
N ASP A 221 7.17 -27.09 -5.59
CA ASP A 221 8.45 -26.42 -5.48
C ASP A 221 9.06 -26.23 -6.87
N GLU A 222 10.30 -25.77 -6.89
CA GLU A 222 10.97 -25.40 -8.14
C GLU A 222 11.26 -26.64 -9.01
N PHE A 223 11.15 -27.83 -8.42
CA PHE A 223 11.32 -29.08 -9.18
C PHE A 223 9.98 -29.69 -9.62
N GLY A 224 8.88 -28.99 -9.40
CA GLY A 224 7.54 -29.50 -9.75
C GLY A 224 6.99 -30.49 -8.73
N VAL A 225 7.49 -30.48 -7.49
CA VAL A 225 7.08 -31.45 -6.47
C VAL A 225 6.36 -30.73 -5.30
N GLY A 226 5.16 -31.19 -4.99
CA GLY A 226 4.44 -30.73 -3.84
C GLY A 226 4.77 -31.47 -2.55
N PRO A 227 4.19 -31.01 -1.42
CA PRO A 227 4.29 -31.78 -0.18
C PRO A 227 3.84 -33.24 -0.41
N LEU A 228 4.64 -34.16 0.11
CA LEU A 228 4.35 -35.61 0.01
C LEU A 228 3.89 -36.14 1.36
N CYS A 229 2.71 -36.75 1.39
CA CYS A 229 2.02 -37.03 2.65
C CYS A 229 2.46 -38.33 3.29
N LYS A 230 3.34 -38.24 4.28
CA LYS A 230 3.83 -39.40 4.99
C LYS A 230 2.73 -40.10 5.76
N GLY A 231 2.64 -41.41 5.58
CA GLY A 231 1.61 -42.20 6.23
C GLY A 231 0.21 -41.79 5.84
N ASP A 232 0.05 -41.18 4.65
CA ASP A 232 -1.26 -40.77 4.12
C ASP A 232 -2.00 -39.77 5.04
N ASN A 233 -1.25 -38.84 5.61
CA ASN A 233 -1.80 -37.74 6.39
C ASN A 233 -1.39 -36.41 5.77
N LEU A 234 -2.37 -35.52 5.65
CA LEU A 234 -2.17 -34.14 5.24
C LEU A 234 -2.30 -33.22 6.47
N TYR A 235 -1.34 -32.33 6.66
CA TYR A 235 -1.35 -31.41 7.80
C TYR A 235 -1.66 -30.00 7.32
N LEU A 236 -2.72 -29.43 7.88
CA LEU A 236 -3.14 -28.07 7.63
C LEU A 236 -2.97 -27.31 8.94
N SER A 237 -2.40 -26.11 8.85
CA SER A 237 -2.20 -25.28 10.04
C SER A 237 -2.58 -23.85 9.71
N ALA A 238 -3.03 -23.10 10.72
CA ALA A 238 -3.47 -21.73 10.51
C ALA A 238 -3.43 -20.92 11.79
N VAL A 239 -3.27 -19.62 11.59
CA VAL A 239 -3.59 -18.64 12.61
C VAL A 239 -4.25 -17.49 11.85
N ASP A 240 -5.38 -16.99 12.37
CA ASP A 240 -5.98 -15.78 11.85
C ASP A 240 -6.46 -14.88 12.98
N VAL A 241 -5.46 -14.27 13.63
CA VAL A 241 -5.71 -13.27 14.67
C VAL A 241 -5.98 -11.99 13.87
N CYS A 242 -7.22 -11.52 13.89
CA CYS A 242 -7.63 -10.40 13.04
C CYS A 242 -7.31 -9.05 13.63
N GLY A 243 -7.08 -9.02 14.94
CA GLY A 243 -6.88 -7.78 15.68
C GLY A 243 -7.48 -7.93 17.08
N MET A 244 -7.73 -6.81 17.71
CA MET A 244 -8.35 -6.79 19.02
C MET A 244 -9.67 -6.09 19.01
N PHE A 245 -10.60 -6.64 19.80
CA PHE A 245 -11.89 -6.01 20.08
C PHE A 245 -11.73 -5.22 21.36
N THR A 246 -12.20 -3.98 21.34
CA THR A 246 -12.20 -3.10 22.51
C THR A 246 -13.62 -2.97 23.04
N ASN A 247 -13.86 -3.43 24.26
CA ASN A 247 -15.18 -3.21 24.84
C ASN A 247 -15.32 -1.84 25.49
N ARG A 248 -16.52 -1.58 26.02
CA ARG A 248 -16.83 -0.24 26.50
C ARG A 248 -15.93 0.22 27.65
N SER A 249 -15.39 -0.72 28.41
CA SER A 249 -14.50 -0.35 29.51
C SER A 249 -13.09 0.02 29.03
N GLY A 250 -12.77 -0.30 27.77
CA GLY A 250 -11.45 -0.06 27.23
C GLY A 250 -10.59 -1.33 27.15
N SER A 251 -11.03 -2.39 27.83
CA SER A 251 -10.29 -3.65 27.79
CA SER A 251 -10.32 -3.68 27.79
C SER A 251 -10.29 -4.22 26.38
N GLN A 252 -9.22 -4.93 26.05
CA GLN A 252 -9.05 -5.46 24.71
C GLN A 252 -8.87 -6.96 24.72
N GLN A 253 -9.50 -7.61 23.75
CA GLN A 253 -9.39 -9.06 23.57
C GLN A 253 -9.00 -9.36 22.13
N TRP A 254 -8.21 -10.38 21.93
CA TRP A 254 -7.95 -10.85 20.57
C TRP A 254 -9.22 -11.41 19.96
N ARG A 255 -9.44 -11.18 18.68
CA ARG A 255 -10.55 -11.81 17.94
C ARG A 255 -9.98 -12.55 16.72
N GLY A 256 -10.31 -13.83 16.60
CA GLY A 256 -9.89 -14.64 15.45
C GLY A 256 -11.07 -15.17 14.63
N LEU A 257 -10.77 -15.66 13.43
CA LEU A 257 -11.78 -16.24 12.55
C LEU A 257 -11.27 -17.56 11.97
N SER A 258 -12.21 -18.36 11.51
CA SER A 258 -11.92 -19.65 10.90
C SER A 258 -11.30 -19.46 9.50
N ARG A 259 -10.56 -20.50 9.05
CA ARG A 259 -9.97 -20.52 7.72
C ARG A 259 -10.42 -21.75 6.95
N TYR A 260 -10.88 -21.51 5.72
CA TYR A 260 -11.27 -22.56 4.79
C TYR A 260 -10.04 -23.04 4.06
N PHE A 261 -9.92 -24.37 3.84
CA PHE A 261 -8.88 -24.95 3.01
C PHE A 261 -9.53 -25.90 2.01
N LYS A 262 -9.11 -25.83 0.74
CA LYS A 262 -9.42 -26.88 -0.25
C LYS A 262 -8.12 -27.21 -0.95
N VAL A 263 -7.68 -28.45 -0.80
CA VAL A 263 -6.40 -28.89 -1.32
C VAL A 263 -6.66 -30.00 -2.32
N GLN A 264 -6.10 -29.87 -3.52
CA GLN A 264 -6.15 -30.96 -4.50
CA GLN A 264 -6.13 -30.94 -4.53
C GLN A 264 -4.83 -31.74 -4.44
N LEU A 265 -4.95 -33.07 -4.43
CA LEU A 265 -3.80 -33.97 -4.36
C LEU A 265 -3.81 -34.99 -5.48
N ARG A 266 -2.63 -35.46 -5.82
CA ARG A 266 -2.47 -36.50 -6.86
C ARG A 266 -1.52 -37.57 -6.36
N LYS A 267 -1.60 -38.76 -6.94
CA LYS A 267 -0.73 -39.84 -6.51
C LYS A 267 0.59 -39.74 -7.21
N ARG A 268 1.66 -39.90 -6.46
CA ARG A 268 3.02 -39.83 -6.97
C ARG A 268 3.80 -41.07 -6.55
N ARG A 269 4.49 -41.74 -7.49
CA ARG A 269 5.40 -42.84 -7.13
C ARG A 269 6.72 -42.30 -6.61
N VAL A 270 7.23 -42.95 -5.57
CA VAL A 270 8.55 -42.63 -4.98
C VAL A 270 9.31 -43.93 -4.71
N LYS A 271 10.64 -43.86 -4.56
CA LYS A 271 11.47 -45.09 -4.39
C LYS A 271 12.19 -45.16 -3.04
N VAL B 7 -24.04 -32.17 -15.10
CA VAL B 7 -23.90 -31.22 -16.26
C VAL B 7 -22.59 -31.43 -17.02
N GLU B 8 -22.66 -32.20 -18.10
CA GLU B 8 -21.56 -32.29 -19.07
C GLU B 8 -21.60 -31.07 -19.99
N VAL B 9 -20.54 -30.25 -19.95
CA VAL B 9 -20.46 -29.02 -20.71
C VAL B 9 -19.86 -29.32 -22.08
N LEU B 10 -20.57 -28.97 -23.14
CA LEU B 10 -20.10 -29.25 -24.50
C LEU B 10 -19.72 -27.95 -25.21
N GLU B 11 -20.02 -27.81 -26.50
CA GLU B 11 -19.48 -26.68 -27.27
C GLU B 11 -20.25 -25.39 -27.07
N VAL B 12 -19.53 -24.29 -27.30
CA VAL B 12 -20.11 -22.96 -27.39
C VAL B 12 -20.76 -22.76 -28.75
N LYS B 13 -21.97 -22.22 -28.78
CA LYS B 13 -22.63 -21.89 -30.05
C LYS B 13 -22.00 -20.63 -30.60
N THR B 14 -21.90 -20.53 -31.91
CA THR B 14 -21.49 -19.29 -32.56
C THR B 14 -22.62 -18.75 -33.46
N GLY B 15 -22.38 -17.62 -34.11
CA GLY B 15 -23.39 -16.98 -34.95
C GLY B 15 -23.90 -15.76 -34.21
N VAL B 16 -24.43 -14.79 -34.95
CA VAL B 16 -24.93 -13.52 -34.37
C VAL B 16 -25.94 -13.80 -33.24
N ASP B 17 -26.73 -14.87 -33.42
CA ASP B 17 -27.71 -15.32 -32.44
C ASP B 17 -27.17 -15.69 -31.03
N SER B 18 -25.86 -15.87 -30.88
CA SER B 18 -25.31 -16.67 -29.78
C SER B 18 -24.77 -15.91 -28.57
N ILE B 19 -24.81 -14.58 -28.63
CA ILE B 19 -24.28 -13.78 -27.54
C ILE B 19 -25.33 -12.77 -27.08
N THR B 20 -25.32 -12.46 -25.80
CA THR B 20 -26.16 -11.39 -25.27
C THR B 20 -25.44 -10.68 -24.14
N GLU B 21 -25.97 -9.53 -23.75
CA GLU B 21 -25.31 -8.72 -22.75
C GLU B 21 -26.37 -8.25 -21.73
N VAL B 22 -25.98 -8.20 -20.46
CA VAL B 22 -26.83 -7.67 -19.39
C VAL B 22 -26.11 -6.46 -18.81
N GLU B 23 -26.87 -5.39 -18.60
CA GLU B 23 -26.31 -4.18 -18.06
C GLU B 23 -27.31 -3.61 -17.08
N CYS B 24 -26.85 -3.32 -15.86
CA CYS B 24 -27.73 -2.76 -14.86
C CYS B 24 -26.97 -2.17 -13.68
N PHE B 25 -27.73 -1.57 -12.77
CA PHE B 25 -27.17 -1.10 -11.53
CA PHE B 25 -27.23 -0.99 -11.53
C PHE B 25 -27.94 -1.75 -10.40
N LEU B 26 -27.21 -2.12 -9.35
CA LEU B 26 -27.79 -2.62 -8.10
C LEU B 26 -27.66 -1.50 -7.08
N THR B 27 -28.78 -1.08 -6.52
CA THR B 27 -28.78 -0.03 -5.52
C THR B 27 -28.41 -0.64 -4.16
N PRO B 28 -27.80 0.17 -3.27
CA PRO B 28 -27.44 -0.34 -1.98
C PRO B 28 -28.64 -0.42 -1.04
N GLU B 29 -28.53 -1.31 -0.06
CA GLU B 29 -29.59 -1.47 0.96
C GLU B 29 -28.98 -1.30 2.35
N MET B 30 -28.82 -0.03 2.71
CA MET B 30 -28.12 0.35 3.94
C MET B 30 -29.04 0.44 5.16
N GLY B 31 -30.35 0.48 4.93
CA GLY B 31 -31.33 0.48 6.02
C GLY B 31 -32.46 1.51 5.84
N ASP B 32 -32.11 2.65 5.25
CA ASP B 32 -33.08 3.66 4.79
C ASP B 32 -34.07 4.06 5.89
N PRO B 33 -33.56 4.70 6.97
CA PRO B 33 -34.33 4.94 8.21
C PRO B 33 -35.48 5.92 8.07
N ASP B 34 -35.49 6.76 7.04
CA ASP B 34 -36.66 7.58 6.73
C ASP B 34 -36.76 7.89 5.24
N GLU B 35 -37.77 8.66 4.88
CA GLU B 35 -38.07 8.96 3.48
C GLU B 35 -37.01 9.82 2.80
N HIS B 36 -36.08 10.38 3.56
CA HIS B 36 -35.02 11.23 2.99
C HIS B 36 -33.65 10.59 2.97
N LEU B 37 -33.52 9.35 3.45
CA LEU B 37 -32.21 8.82 3.78
C LEU B 37 -31.85 7.51 3.08
N ARG B 38 -32.39 7.36 1.87
CA ARG B 38 -32.00 6.30 0.98
C ARG B 38 -30.48 6.29 0.79
N GLY B 39 -29.85 5.13 0.95
CA GLY B 39 -28.39 5.03 0.87
C GLY B 39 -27.65 5.21 2.20
N PHE B 40 -28.38 5.56 3.25
CA PHE B 40 -27.86 5.66 4.62
C PHE B 40 -28.50 4.61 5.54
N SER B 41 -27.79 4.23 6.60
CA SER B 41 -28.40 3.51 7.69
C SER B 41 -28.93 4.49 8.74
N LYS B 42 -29.71 3.96 9.66
CA LYS B 42 -29.98 4.63 10.93
C LYS B 42 -28.66 4.85 11.66
N SER B 43 -28.59 5.91 12.49
CA SER B 43 -27.45 6.11 13.36
CA SER B 43 -27.41 6.11 13.31
C SER B 43 -27.16 4.90 14.19
N ILE B 44 -25.88 4.65 14.43
CA ILE B 44 -25.47 3.46 15.15
CA ILE B 44 -25.45 3.47 15.17
C ILE B 44 -25.55 3.70 16.67
N SER B 45 -26.22 2.79 17.38
CA SER B 45 -26.21 2.79 18.84
CA SER B 45 -26.24 2.78 18.84
C SER B 45 -25.50 1.52 19.29
N ILE B 46 -24.96 1.54 20.49
CA ILE B 46 -24.12 0.45 20.99
C ILE B 46 -24.77 -0.18 22.22
N SER B 47 -24.92 -1.51 22.21
CA SER B 47 -25.51 -2.21 23.34
C SER B 47 -24.56 -2.17 24.54
N ASP B 48 -25.14 -2.23 25.73
CA ASP B 48 -24.38 -2.22 26.96
C ASP B 48 -23.74 -3.56 27.31
N THR B 49 -24.26 -4.65 26.74
CA THR B 49 -23.71 -5.99 26.90
C THR B 49 -23.81 -6.76 25.59
N PHE B 50 -23.08 -7.85 25.43
CA PHE B 50 -23.27 -8.72 24.27
C PHE B 50 -24.70 -9.28 24.23
N GLU B 51 -25.26 -9.70 25.35
CA GLU B 51 -26.57 -10.36 25.25
C GLU B 51 -27.72 -9.42 24.98
N SER B 52 -27.54 -8.12 25.24
CA SER B 52 -28.56 -7.10 24.94
C SER B 52 -28.43 -6.44 23.55
N ASP B 53 -27.48 -6.93 22.72
CA ASP B 53 -27.29 -6.45 21.34
C ASP B 53 -28.56 -6.81 20.55
N SER B 54 -29.28 -5.78 20.13
CA SER B 54 -30.57 -5.94 19.49
CA SER B 54 -30.58 -5.92 19.51
C SER B 54 -30.72 -4.87 18.40
N PRO B 55 -29.97 -5.02 17.30
CA PRO B 55 -29.98 -3.95 16.29
C PRO B 55 -31.33 -3.80 15.56
N ASN B 56 -31.79 -2.57 15.38
CA ASN B 56 -32.96 -2.29 14.57
C ASN B 56 -32.69 -2.59 13.12
N ARG B 57 -33.75 -3.00 12.41
CA ARG B 57 -33.58 -3.39 11.02
C ARG B 57 -32.97 -2.26 10.20
N ASP B 58 -33.42 -1.03 10.42
CA ASP B 58 -32.92 0.08 9.61
C ASP B 58 -31.46 0.51 9.94
N MET B 59 -30.86 -0.17 10.91
CA MET B 59 -29.47 0.07 11.29
C MET B 59 -28.53 -0.96 10.63
N LEU B 60 -29.10 -1.94 9.96
CA LEU B 60 -28.31 -3.06 9.38
C LEU B 60 -28.23 -3.05 7.85
N PRO B 61 -27.05 -2.77 7.30
CA PRO B 61 -26.86 -2.99 5.86
C PRO B 61 -27.10 -4.43 5.47
N CYS B 62 -27.71 -4.62 4.31
CA CYS B 62 -27.98 -5.93 3.78
C CYS B 62 -27.33 -6.13 2.40
N TYR B 63 -27.16 -7.38 2.02
CA TYR B 63 -26.74 -7.73 0.65
C TYR B 63 -27.81 -7.30 -0.36
N SER B 64 -27.34 -6.80 -1.50
CA SER B 64 -28.20 -6.51 -2.65
C SER B 64 -28.13 -7.66 -3.63
N VAL B 65 -29.27 -7.96 -4.25
CA VAL B 65 -29.33 -9.03 -5.26
C VAL B 65 -30.31 -8.65 -6.36
N ALA B 66 -29.95 -9.01 -7.59
CA ALA B 66 -30.90 -8.97 -8.70
C ALA B 66 -30.85 -10.31 -9.46
N ARG B 67 -32.03 -10.84 -9.71
CA ARG B 67 -32.24 -11.97 -10.61
C ARG B 67 -32.69 -11.40 -11.95
N ILE B 68 -31.87 -11.58 -12.98
CA ILE B 68 -32.11 -10.97 -14.28
C ILE B 68 -32.53 -12.05 -15.28
N PRO B 69 -33.77 -11.98 -15.78
CA PRO B 69 -34.17 -12.98 -16.80
C PRO B 69 -33.45 -12.76 -18.12
N LEU B 70 -32.96 -13.85 -18.73
CA LEU B 70 -32.30 -13.84 -20.02
C LEU B 70 -33.26 -14.35 -21.12
N PRO B 71 -32.88 -14.16 -22.40
CA PRO B 71 -33.75 -14.67 -23.47
C PRO B 71 -33.91 -16.18 -23.33
N ASN B 72 -35.14 -16.66 -23.50
CA ASN B 72 -35.47 -18.05 -23.22
C ASN B 72 -34.77 -18.94 -24.23
N LEU B 73 -34.20 -20.04 -23.75
CA LEU B 73 -33.39 -20.90 -24.60
C LEU B 73 -34.00 -22.24 -24.94
N ASN B 74 -34.88 -22.78 -24.10
CA ASN B 74 -35.39 -24.13 -24.39
C ASN B 74 -36.90 -24.22 -24.36
N ILE B 82 -30.28 -29.02 -24.96
CA ILE B 82 -30.21 -28.08 -23.83
C ILE B 82 -29.11 -27.03 -23.96
N LEU B 83 -29.50 -25.79 -24.24
CA LEU B 83 -28.59 -24.64 -24.20
C LEU B 83 -28.77 -23.86 -22.88
N MET B 84 -27.66 -23.34 -22.38
CA MET B 84 -27.63 -22.45 -21.23
C MET B 84 -26.75 -21.27 -21.56
N TRP B 85 -27.13 -20.10 -21.04
CA TRP B 85 -26.33 -18.91 -21.14
C TRP B 85 -25.17 -19.01 -20.20
N GLU B 86 -23.99 -18.65 -20.69
CA GLU B 86 -22.76 -18.76 -19.92
C GLU B 86 -22.16 -17.38 -19.74
N ALA B 87 -21.97 -16.95 -18.49
CA ALA B 87 -21.38 -15.62 -18.22
C ALA B 87 -19.86 -15.68 -18.42
N VAL B 88 -19.33 -14.80 -19.26
CA VAL B 88 -17.93 -14.86 -19.70
C VAL B 88 -17.11 -13.67 -19.16
N THR B 89 -17.64 -12.46 -19.23
CA THR B 89 -16.91 -11.29 -18.76
C THR B 89 -17.82 -10.37 -17.94
N LEU B 90 -17.19 -9.61 -17.04
CA LEU B 90 -17.84 -8.59 -16.23
C LEU B 90 -17.07 -7.26 -16.29
N LYS B 91 -17.80 -6.17 -16.46
CA LYS B 91 -17.26 -4.85 -16.14
C LYS B 91 -18.12 -4.37 -14.97
N THR B 92 -17.50 -3.80 -13.96
CA THR B 92 -18.25 -3.33 -12.80
C THR B 92 -17.57 -2.10 -12.23
N GLU B 93 -18.36 -1.23 -11.61
CA GLU B 93 -17.82 -0.15 -10.79
C GLU B 93 -18.85 0.48 -9.90
N VAL B 94 -18.34 1.15 -8.87
CA VAL B 94 -19.17 1.86 -7.91
C VAL B 94 -19.59 3.18 -8.56
N ILE B 95 -20.88 3.49 -8.44
CA ILE B 95 -21.48 4.65 -9.10
C ILE B 95 -21.73 5.75 -8.07
N GLY B 96 -21.16 6.93 -8.32
CA GLY B 96 -21.38 8.10 -7.46
C GLY B 96 -20.23 8.35 -6.49
N VAL B 97 -19.02 7.92 -6.86
CA VAL B 97 -17.90 8.03 -5.93
C VAL B 97 -17.66 9.46 -5.49
N THR B 98 -17.92 10.42 -6.38
CA THR B 98 -17.62 11.82 -6.07
C THR B 98 -18.60 12.44 -5.09
N SER B 99 -19.75 11.79 -4.87
CA SER B 99 -20.73 12.30 -3.87
C SER B 99 -20.08 12.40 -2.49
N LEU B 100 -19.07 11.57 -2.23
CA LEU B 100 -18.32 11.60 -0.96
C LEU B 100 -17.49 12.89 -0.75
N MET B 101 -17.46 13.75 -1.76
CA MET B 101 -16.83 15.07 -1.64
C MET B 101 -17.75 16.12 -1.03
N ASN B 102 -18.98 15.74 -0.69
CA ASN B 102 -19.84 16.69 0.01
C ASN B 102 -19.50 16.69 1.49
N VAL B 103 -18.68 17.67 1.88
CA VAL B 103 -18.18 17.85 3.24
C VAL B 103 -18.77 19.13 3.85
N HIS B 104 -19.92 19.54 3.33
CA HIS B 104 -20.59 20.78 3.77
C HIS B 104 -22.01 20.57 4.24
N SER B 105 -22.46 19.31 4.36
CA SER B 105 -23.85 18.99 4.63
C SER B 105 -24.01 18.49 6.06
N ASN B 106 -24.01 19.44 6.99
CA ASN B 106 -24.15 19.20 8.43
C ASN B 106 -23.32 18.06 9.02
N GLY B 107 -22.07 17.96 8.59
CA GLY B 107 -21.14 17.03 9.17
C GLY B 107 -20.48 17.60 10.41
N GLN B 108 -19.63 16.80 11.03
CA GLN B 108 -18.84 17.23 12.16
C GLN B 108 -17.54 17.80 11.65
N ALA B 109 -17.25 19.03 12.05
CA ALA B 109 -16.03 19.74 11.66
C ALA B 109 -14.81 18.97 12.12
N THR B 110 -13.83 18.85 11.23
CA THR B 110 -12.59 18.16 11.59
C THR B 110 -11.88 18.87 12.74
N HIS B 111 -12.07 20.19 12.87
CA HIS B 111 -11.49 21.05 13.91
C HIS B 111 -12.16 22.41 13.81
N ASP B 112 -11.87 23.33 14.72
CA ASP B 112 -12.55 24.64 14.74
C ASP B 112 -12.40 25.36 13.40
N ASN B 113 -13.53 25.69 12.78
CA ASN B 113 -13.61 26.41 11.50
C ASN B 113 -13.33 25.54 10.28
N GLY B 114 -13.11 24.25 10.50
CA GLY B 114 -12.71 23.32 9.45
C GLY B 114 -13.90 22.78 8.66
N ALA B 115 -13.59 22.04 7.59
CA ALA B 115 -14.60 21.38 6.77
C ALA B 115 -15.19 20.18 7.51
N GLY B 116 -16.30 19.66 7.01
CA GLY B 116 -16.89 18.46 7.58
C GLY B 116 -16.04 17.23 7.32
N LYS B 117 -16.03 16.31 8.27
CA LYS B 117 -15.40 15.01 8.08
C LYS B 117 -16.06 14.24 6.96
N PRO B 118 -15.24 13.66 6.08
CA PRO B 118 -15.78 12.87 4.98
C PRO B 118 -16.16 11.48 5.47
N VAL B 119 -16.96 10.80 4.67
CA VAL B 119 -17.25 9.38 4.89
C VAL B 119 -15.93 8.61 4.98
N GLN B 120 -15.83 7.78 6.01
CA GLN B 120 -14.63 7.00 6.26
CA GLN B 120 -14.62 7.02 6.27
C GLN B 120 -14.93 5.91 7.26
N GLY B 121 -13.95 5.05 7.47
CA GLY B 121 -14.11 3.94 8.39
C GLY B 121 -14.43 2.64 7.67
N THR B 122 -14.90 1.67 8.42
CA THR B 122 -15.08 0.31 7.94
C THR B 122 -15.89 0.25 6.64
N SER B 123 -15.35 -0.50 5.68
CA SER B 123 -16.00 -0.66 4.39
C SER B 123 -16.01 -2.12 3.99
N PHE B 124 -16.98 -2.46 3.18
CA PHE B 124 -17.07 -3.77 2.57
C PHE B 124 -17.57 -3.57 1.15
N HIS B 125 -16.72 -3.98 0.19
CA HIS B 125 -17.02 -3.89 -1.23
C HIS B 125 -16.98 -5.28 -1.80
N PHE B 126 -18.08 -5.70 -2.40
CA PHE B 126 -18.32 -7.08 -2.73
C PHE B 126 -19.18 -7.14 -3.99
N PHE B 127 -18.87 -8.09 -4.86
CA PHE B 127 -19.75 -8.38 -5.98
C PHE B 127 -19.62 -9.83 -6.40
N SER B 128 -20.68 -10.35 -6.96
CA SER B 128 -20.67 -11.70 -7.50
C SER B 128 -21.58 -11.82 -8.70
N VAL B 129 -21.22 -12.75 -9.58
CA VAL B 129 -22.00 -13.09 -10.75
C VAL B 129 -22.12 -14.61 -10.76
N GLY B 130 -23.35 -15.12 -10.79
CA GLY B 130 -23.58 -16.56 -10.89
C GLY B 130 -24.81 -16.96 -11.71
N GLY B 131 -24.89 -18.26 -11.98
CA GLY B 131 -26.03 -18.86 -12.69
C GLY B 131 -27.13 -19.36 -11.77
N GLU B 132 -27.06 -18.94 -10.51
CA GLU B 132 -28.01 -19.29 -9.48
C GLU B 132 -27.71 -18.38 -8.28
N ALA B 133 -28.56 -18.45 -7.26
CA ALA B 133 -28.38 -17.57 -6.09
C ALA B 133 -27.05 -17.81 -5.40
N LEU B 134 -26.45 -16.73 -4.92
CA LEU B 134 -25.25 -16.82 -4.11
C LEU B 134 -25.57 -17.65 -2.86
N GLU B 135 -24.68 -18.58 -2.56
CA GLU B 135 -24.81 -19.44 -1.39
C GLU B 135 -24.04 -18.83 -0.21
N LEU B 136 -24.70 -18.77 0.95
CA LEU B 136 -24.20 -18.07 2.13
C LEU B 136 -23.95 -19.01 3.29
N GLN B 137 -22.94 -18.66 4.08
CA GLN B 137 -22.63 -19.27 5.35
C GLN B 137 -22.73 -18.18 6.42
N GLY B 138 -23.43 -18.47 7.51
CA GLY B 138 -23.56 -17.53 8.62
C GLY B 138 -22.37 -17.59 9.54
N VAL B 139 -21.84 -16.41 9.91
CA VAL B 139 -20.86 -16.27 10.98
C VAL B 139 -21.25 -15.02 11.77
N LEU B 140 -21.33 -15.16 13.08
CA LEU B 140 -21.75 -14.09 13.99
C LEU B 140 -20.60 -13.51 14.82
N PHE B 141 -20.53 -12.20 14.87
CA PHE B 141 -19.59 -11.57 15.80
C PHE B 141 -19.88 -11.98 17.26
N ASN B 142 -21.18 -11.98 17.57
CA ASN B 142 -21.72 -12.21 18.89
C ASN B 142 -22.97 -13.06 18.70
N TYR B 143 -22.91 -14.32 19.14
CA TYR B 143 -24.02 -15.24 18.88
C TYR B 143 -25.29 -14.86 19.61
N ARG B 144 -25.18 -14.00 20.62
CA ARG B 144 -26.37 -13.56 21.38
C ARG B 144 -27.08 -12.35 20.75
N THR B 145 -26.54 -11.81 19.67
CA THR B 145 -27.23 -10.71 18.98
C THR B 145 -28.66 -11.14 18.58
N LYS B 146 -29.63 -10.28 18.85
CA LYS B 146 -31.02 -10.55 18.50
C LYS B 146 -31.30 -9.79 17.23
N TYR B 147 -31.36 -10.50 16.09
CA TYR B 147 -31.61 -9.84 14.81
C TYR B 147 -33.10 -9.58 14.62
N PRO B 148 -33.43 -8.49 13.93
CA PRO B 148 -34.80 -7.99 13.92
C PRO B 148 -35.75 -8.64 12.92
N ASP B 149 -37.04 -8.50 13.19
CA ASP B 149 -38.06 -8.99 12.29
CA ASP B 149 -38.08 -8.99 12.29
C ASP B 149 -37.89 -8.33 10.93
N GLY B 150 -38.08 -9.11 9.88
CA GLY B 150 -37.92 -8.64 8.53
C GLY B 150 -36.56 -8.96 7.98
N THR B 151 -35.61 -9.41 8.80
CA THR B 151 -34.32 -9.86 8.28
C THR B 151 -34.29 -11.38 8.33
N ILE B 152 -33.37 -11.94 7.53
CA ILE B 152 -33.14 -13.37 7.48
C ILE B 152 -31.74 -13.58 8.00
N PHE B 153 -31.65 -14.31 9.10
CA PHE B 153 -30.43 -14.41 9.89
C PHE B 153 -30.17 -15.82 10.37
N PRO B 154 -28.95 -16.09 10.86
CA PRO B 154 -28.67 -17.45 11.33
C PRO B 154 -29.54 -17.84 12.51
N LYS B 155 -30.24 -18.97 12.39
CA LYS B 155 -31.16 -19.45 13.43
C LYS B 155 -30.48 -20.55 14.24
N ASN B 156 -30.99 -20.79 15.46
CA ASN B 156 -30.40 -21.75 16.40
C ASN B 156 -28.91 -21.45 16.63
N ALA B 157 -28.59 -20.16 16.78
CA ALA B 157 -27.21 -19.74 16.98
C ALA B 157 -26.71 -20.30 18.30
N THR B 158 -25.45 -20.72 18.33
CA THR B 158 -24.78 -21.15 19.56
C THR B 158 -23.46 -20.41 19.60
N VAL B 159 -22.71 -20.60 20.68
CA VAL B 159 -21.41 -19.94 20.79
C VAL B 159 -20.48 -20.36 19.66
N GLN B 160 -20.65 -21.57 19.15
CA GLN B 160 -19.84 -22.02 18.01
C GLN B 160 -20.12 -21.19 16.74
N SER B 161 -21.28 -20.55 16.68
CA SER B 161 -21.64 -19.70 15.56
CA SER B 161 -21.64 -19.70 15.56
C SER B 161 -20.71 -18.49 15.44
N GLN B 162 -19.98 -18.17 16.51
CA GLN B 162 -18.99 -17.08 16.48
C GLN B 162 -17.71 -17.43 15.67
N VAL B 163 -17.51 -18.72 15.39
CA VAL B 163 -16.37 -19.17 14.57
C VAL B 163 -16.77 -20.00 13.34
N MET B 164 -17.63 -21.01 13.52
CA MET B 164 -18.17 -21.77 12.40
CA MET B 164 -18.15 -21.79 12.40
C MET B 164 -19.23 -22.75 12.90
N ASN B 165 -20.45 -22.56 12.41
CA ASN B 165 -21.53 -23.49 12.72
C ASN B 165 -22.12 -23.83 11.34
N THR B 166 -21.94 -25.08 10.90
CA THR B 166 -22.36 -25.48 9.56
C THR B 166 -23.87 -25.58 9.36
N GLU B 167 -24.65 -25.35 10.41
CA GLU B 167 -26.09 -25.27 10.24
C GLU B 167 -26.49 -24.01 9.46
N HIS B 168 -25.66 -22.95 9.53
CA HIS B 168 -26.06 -21.65 8.99
C HIS B 168 -25.80 -21.54 7.49
N LYS B 169 -26.66 -22.16 6.70
CA LYS B 169 -26.59 -22.13 5.24
C LYS B 169 -27.81 -21.39 4.70
N ALA B 170 -27.60 -20.53 3.71
CA ALA B 170 -28.73 -19.86 3.07
C ALA B 170 -28.41 -19.50 1.62
N TYR B 171 -29.46 -19.07 0.92
CA TYR B 171 -29.34 -18.53 -0.41
C TYR B 171 -29.67 -17.05 -0.36
N LEU B 172 -28.88 -16.25 -1.05
CA LEU B 172 -29.18 -14.84 -1.19
C LEU B 172 -30.27 -14.70 -2.23
N ASP B 173 -31.51 -14.84 -1.79
CA ASP B 173 -32.65 -14.98 -2.67
C ASP B 173 -33.71 -13.91 -2.41
N LYS B 174 -33.33 -12.86 -1.67
CA LYS B 174 -34.24 -11.78 -1.38
C LYS B 174 -33.46 -10.51 -1.07
N ASN B 175 -33.97 -9.39 -1.56
CA ASN B 175 -33.42 -8.06 -1.28
CA ASN B 175 -33.37 -8.08 -1.32
C ASN B 175 -33.86 -7.52 0.03
N LYS B 176 -33.05 -6.66 0.62
CA LYS B 176 -33.38 -5.98 1.89
C LYS B 176 -33.58 -6.96 3.03
N ALA B 177 -32.88 -8.10 3.01
CA ALA B 177 -33.21 -9.15 3.97
C ALA B 177 -32.01 -9.74 4.70
N TYR B 178 -30.94 -10.02 3.97
CA TYR B 178 -29.78 -10.73 4.51
C TYR B 178 -28.73 -9.73 5.02
N PRO B 179 -28.60 -9.59 6.35
CA PRO B 179 -27.70 -8.54 6.84
C PRO B 179 -26.26 -8.86 6.53
N VAL B 180 -25.50 -7.84 6.17
CA VAL B 180 -24.13 -8.07 5.73
C VAL B 180 -23.31 -8.72 6.85
N GLU B 181 -23.52 -8.26 8.08
CA GLU B 181 -22.64 -8.64 9.20
C GLU B 181 -22.77 -10.11 9.63
N CYS B 182 -23.84 -10.78 9.21
CA CYS B 182 -24.20 -12.16 9.59
CA CYS B 182 -23.97 -12.15 9.69
C CYS B 182 -23.78 -13.20 8.59
N TRP B 183 -23.54 -12.77 7.36
CA TRP B 183 -23.40 -13.71 6.27
C TRP B 183 -22.21 -13.42 5.41
N VAL B 184 -21.58 -14.48 4.91
CA VAL B 184 -20.53 -14.39 3.90
C VAL B 184 -20.81 -15.46 2.81
N PRO B 185 -20.20 -15.31 1.63
CA PRO B 185 -20.21 -16.38 0.65
C PRO B 185 -19.69 -17.67 1.26
N ASP B 186 -20.38 -18.76 1.00
CA ASP B 186 -19.99 -20.08 1.49
C ASP B 186 -18.89 -20.65 0.59
N PRO B 187 -17.64 -20.73 1.06
CA PRO B 187 -16.58 -21.23 0.19
C PRO B 187 -16.66 -22.72 -0.11
N THR B 188 -17.50 -23.46 0.61
CA THR B 188 -17.71 -24.88 0.39
C THR B 188 -18.70 -25.10 -0.77
N ARG B 189 -19.36 -24.04 -1.23
CA ARG B 189 -20.34 -24.18 -2.29
C ARG B 189 -19.97 -23.14 -3.37
N ASN B 190 -20.96 -22.55 -4.03
CA ASN B 190 -20.71 -21.51 -5.04
C ASN B 190 -19.84 -21.96 -6.23
N GLU B 191 -19.96 -23.25 -6.58
CA GLU B 191 -19.34 -23.79 -7.81
C GLU B 191 -19.75 -22.98 -9.05
N ASN B 192 -20.97 -22.47 -9.07
CA ASN B 192 -21.55 -21.85 -10.26
C ASN B 192 -21.66 -20.32 -10.15
N THR B 193 -20.80 -19.74 -9.30
CA THR B 193 -20.76 -18.29 -9.02
C THR B 193 -19.29 -17.87 -8.91
N ARG B 194 -18.99 -16.64 -9.32
CA ARG B 194 -17.66 -16.07 -9.08
C ARG B 194 -17.89 -14.88 -8.18
N TYR B 195 -17.21 -14.87 -7.02
CA TYR B 195 -17.38 -13.77 -6.06
C TYR B 195 -16.06 -13.16 -5.63
N PHE B 196 -16.14 -11.88 -5.26
CA PHE B 196 -14.97 -11.07 -4.96
C PHE B 196 -15.37 -10.06 -3.89
N GLY B 197 -14.60 -9.96 -2.83
CA GLY B 197 -14.92 -8.97 -1.79
C GLY B 197 -13.72 -8.57 -0.98
N THR B 198 -13.77 -7.34 -0.45
CA THR B 198 -12.76 -6.86 0.47
C THR B 198 -13.40 -6.12 1.66
N LEU B 199 -13.03 -6.55 2.86
CA LEU B 199 -13.36 -5.86 4.11
C LEU B 199 -12.14 -5.07 4.48
N THR B 200 -12.31 -3.76 4.63
CA THR B 200 -11.28 -2.92 5.18
C THR B 200 -11.83 -2.28 6.48
N GLY B 201 -11.32 -2.72 7.63
CA GLY B 201 -11.89 -2.36 8.92
C GLY B 201 -11.09 -1.28 9.64
N GLY B 202 -11.70 -0.53 10.51
CA GLY B 202 -10.93 0.52 11.22
C GLY B 202 -11.71 1.79 11.10
N GLU B 203 -11.82 2.56 12.19
CA GLU B 203 -12.73 3.71 12.16
CA GLU B 203 -12.66 3.75 12.26
C GLU B 203 -12.22 4.84 11.30
N ASN B 204 -10.95 4.88 10.97
CA ASN B 204 -10.43 6.00 10.20
C ASN B 204 -9.95 5.64 8.80
N VAL B 205 -10.27 4.43 8.33
CA VAL B 205 -9.86 3.99 7.01
CA VAL B 205 -9.77 4.06 7.01
C VAL B 205 -10.41 4.93 5.92
N PRO B 206 -9.56 5.41 4.99
CA PRO B 206 -10.02 6.21 3.87
C PRO B 206 -10.68 5.37 2.76
N PRO B 207 -11.85 5.79 2.25
CA PRO B 207 -12.32 5.14 1.03
C PRO B 207 -11.31 5.36 -0.10
N VAL B 208 -11.02 4.30 -0.83
CA VAL B 208 -10.19 4.39 -2.03
C VAL B 208 -10.98 3.73 -3.14
N LEU B 209 -11.56 4.56 -4.00
CA LEU B 209 -12.52 4.09 -4.99
C LEU B 209 -12.06 4.45 -6.40
N HIS B 210 -11.83 3.42 -7.20
CA HIS B 210 -11.34 3.57 -8.55
C HIS B 210 -12.46 3.37 -9.52
N ILE B 211 -12.46 4.22 -10.54
CA ILE B 211 -13.41 4.08 -11.66
C ILE B 211 -12.66 4.07 -13.00
N THR B 212 -13.15 3.25 -13.92
CA THR B 212 -12.67 3.24 -15.29
C THR B 212 -13.58 2.35 -16.13
N ASN B 213 -13.72 2.71 -17.40
CA ASN B 213 -14.44 1.83 -18.34
C ASN B 213 -13.52 0.90 -19.15
N THR B 214 -12.26 0.75 -18.72
CA THR B 214 -11.29 -0.02 -19.48
C THR B 214 -10.92 -1.37 -18.84
N ALA B 215 -11.51 -1.70 -17.70
CA ALA B 215 -11.18 -2.92 -16.98
C ALA B 215 -12.28 -3.97 -17.10
N THR B 216 -11.86 -5.20 -17.38
CA THR B 216 -12.76 -6.33 -17.52
C THR B 216 -12.28 -7.50 -16.65
N THR B 217 -13.19 -8.16 -15.97
CA THR B 217 -12.87 -9.41 -15.25
C THR B 217 -13.43 -10.58 -16.06
N VAL B 218 -12.60 -11.57 -16.34
CA VAL B 218 -13.02 -12.79 -17.02
C VAL B 218 -13.59 -13.75 -15.96
N LEU B 219 -14.74 -14.36 -16.26
CA LEU B 219 -15.48 -15.17 -15.33
C LEU B 219 -15.29 -16.67 -15.52
N LEU B 220 -14.47 -17.04 -16.50
CA LEU B 220 -14.23 -18.43 -16.81
C LEU B 220 -13.37 -19.07 -15.72
N ASP B 221 -13.65 -20.33 -15.40
CA ASP B 221 -12.81 -21.06 -14.47
C ASP B 221 -11.57 -21.61 -15.20
N GLU B 222 -10.78 -22.41 -14.49
CA GLU B 222 -9.55 -22.95 -15.04
C GLU B 222 -9.82 -23.92 -16.20
N PHE B 223 -11.06 -24.34 -16.39
CA PHE B 223 -11.41 -25.21 -17.50
C PHE B 223 -12.07 -24.45 -18.65
N GLY B 224 -12.13 -23.13 -18.54
CA GLY B 224 -12.71 -22.31 -19.59
C GLY B 224 -14.23 -22.19 -19.50
N VAL B 225 -14.81 -22.45 -18.34
CA VAL B 225 -16.27 -22.46 -18.18
C VAL B 225 -16.71 -21.38 -17.18
N GLY B 226 -17.62 -20.53 -17.62
CA GLY B 226 -18.16 -19.49 -16.76
C GLY B 226 -19.40 -19.99 -16.06
N PRO B 227 -20.01 -19.15 -15.21
CA PRO B 227 -21.28 -19.51 -14.61
C PRO B 227 -22.35 -19.85 -15.67
N LEU B 228 -23.10 -20.92 -15.42
CA LEU B 228 -24.13 -21.37 -16.35
C LEU B 228 -25.49 -21.04 -15.73
N CYS B 229 -26.32 -20.33 -16.48
CA CYS B 229 -27.53 -19.71 -15.91
C CYS B 229 -28.71 -20.66 -15.93
N LYS B 230 -29.02 -21.21 -14.77
CA LYS B 230 -30.10 -22.19 -14.63
C LYS B 230 -31.46 -21.49 -14.80
N GLY B 231 -32.33 -22.07 -15.60
CA GLY B 231 -33.63 -21.45 -15.90
C GLY B 231 -33.53 -20.10 -16.61
N ASP B 232 -32.41 -19.83 -17.25
CA ASP B 232 -32.18 -18.58 -17.99
C ASP B 232 -32.28 -17.33 -17.10
N ASN B 233 -31.68 -17.42 -15.91
CA ASN B 233 -31.59 -16.34 -14.95
C ASN B 233 -30.15 -16.10 -14.55
N LEU B 234 -29.73 -14.85 -14.61
CA LEU B 234 -28.44 -14.42 -14.13
C LEU B 234 -28.63 -13.78 -12.76
N TYR B 235 -27.74 -14.12 -11.81
CA TYR B 235 -27.77 -13.56 -10.47
C TYR B 235 -26.59 -12.64 -10.23
N LEU B 236 -26.90 -11.40 -9.91
CA LEU B 236 -25.91 -10.41 -9.55
C LEU B 236 -26.14 -10.01 -8.10
N SER B 237 -25.06 -9.94 -7.33
CA SER B 237 -25.12 -9.57 -5.93
C SER B 237 -24.01 -8.59 -5.60
N ALA B 238 -24.26 -7.73 -4.63
CA ALA B 238 -23.29 -6.67 -4.30
C ALA B 238 -23.49 -6.18 -2.90
N VAL B 239 -22.40 -5.70 -2.31
CA VAL B 239 -22.41 -4.84 -1.16
C VAL B 239 -21.37 -3.77 -1.40
N ASP B 240 -21.74 -2.51 -1.19
CA ASP B 240 -20.78 -1.42 -1.24
C ASP B 240 -21.01 -0.45 -0.08
N VAL B 241 -20.65 -0.90 1.11
CA VAL B 241 -20.66 -0.05 2.31
C VAL B 241 -19.37 0.75 2.23
N CYS B 242 -19.49 2.06 2.02
CA CYS B 242 -18.32 2.88 1.74
C CYS B 242 -17.59 3.33 3.01
N GLY B 243 -18.31 3.29 4.14
CA GLY B 243 -17.81 3.81 5.38
C GLY B 243 -18.98 4.41 6.14
N MET B 244 -18.66 5.27 7.10
CA MET B 244 -19.66 5.97 7.88
C MET B 244 -19.60 7.49 7.68
N PHE B 245 -20.78 8.08 7.64
CA PHE B 245 -20.97 9.54 7.72
C PHE B 245 -21.17 9.94 9.18
N THR B 246 -20.43 10.97 9.62
CA THR B 246 -20.51 11.50 10.97
C THR B 246 -21.26 12.85 10.92
N ASN B 247 -22.39 12.91 11.62
CA ASN B 247 -23.18 14.12 11.72
C ASN B 247 -22.54 15.08 12.70
N ARG B 248 -23.02 16.32 12.69
CA ARG B 248 -22.56 17.32 13.64
C ARG B 248 -22.57 16.83 15.07
N SER B 249 -23.61 16.09 15.46
CA SER B 249 -23.74 15.56 16.84
C SER B 249 -22.71 14.50 17.22
N GLY B 250 -22.05 13.94 16.22
CA GLY B 250 -21.12 12.83 16.45
C GLY B 250 -21.71 11.50 16.03
N SER B 251 -23.04 11.45 15.82
CA SER B 251 -23.68 10.17 15.45
C SER B 251 -23.21 9.76 14.07
N GLN B 252 -23.20 8.46 13.82
CA GLN B 252 -22.60 7.92 12.63
C GLN B 252 -23.57 6.96 11.97
N GLN B 253 -23.63 7.05 10.64
CA GLN B 253 -24.52 6.24 9.83
C GLN B 253 -23.69 5.59 8.73
N TRP B 254 -23.97 4.34 8.41
CA TRP B 254 -23.39 3.77 7.19
C TRP B 254 -23.85 4.51 5.95
N ARG B 255 -22.97 4.66 4.97
CA ARG B 255 -23.32 5.19 3.65
C ARG B 255 -22.86 4.21 2.57
N GLY B 256 -23.79 3.89 1.68
CA GLY B 256 -23.51 3.00 0.58
C GLY B 256 -23.73 3.65 -0.77
N LEU B 257 -23.25 2.97 -1.81
CA LEU B 257 -23.42 3.42 -3.19
C LEU B 257 -23.84 2.25 -4.08
N SER B 258 -24.48 2.58 -5.20
CA SER B 258 -24.87 1.61 -6.22
C SER B 258 -23.66 1.05 -6.95
N ARG B 259 -23.86 -0.12 -7.58
CA ARG B 259 -22.83 -0.80 -8.35
C ARG B 259 -23.39 -1.13 -9.73
N TYR B 260 -22.62 -0.76 -10.75
CA TYR B 260 -22.91 -1.05 -12.15
C TYR B 260 -22.35 -2.42 -12.49
N PHE B 261 -23.10 -3.17 -13.30
CA PHE B 261 -22.66 -4.47 -13.81
C PHE B 261 -22.90 -4.50 -15.34
N LYS B 262 -21.92 -4.94 -16.12
CA LYS B 262 -22.17 -5.28 -17.50
C LYS B 262 -21.58 -6.67 -17.69
N VAL B 263 -22.43 -7.64 -18.04
CA VAL B 263 -22.01 -9.03 -18.21
C VAL B 263 -22.25 -9.46 -19.66
N GLN B 264 -21.23 -10.09 -20.25
CA GLN B 264 -21.37 -10.64 -21.58
C GLN B 264 -21.56 -12.14 -21.42
N LEU B 265 -22.55 -12.68 -22.13
CA LEU B 265 -22.87 -14.10 -22.06
C LEU B 265 -22.92 -14.72 -23.44
N ARG B 266 -22.66 -16.02 -23.49
CA ARG B 266 -22.70 -16.76 -24.74
C ARG B 266 -23.47 -18.05 -24.51
N LYS B 267 -23.98 -18.64 -25.59
CA LYS B 267 -24.76 -19.88 -25.48
C LYS B 267 -23.84 -21.07 -25.46
N ARG B 268 -24.11 -21.98 -24.54
CA ARG B 268 -23.30 -23.16 -24.35
C ARG B 268 -24.20 -24.39 -24.33
N ARG B 269 -23.82 -25.43 -25.06
CA ARG B 269 -24.57 -26.69 -25.02
C ARG B 269 -24.10 -27.55 -23.86
N VAL B 270 -25.06 -28.20 -23.21
CA VAL B 270 -24.84 -29.03 -22.04
C VAL B 270 -25.63 -30.34 -22.25
N LYS B 271 -25.19 -31.44 -21.62
CA LYS B 271 -25.86 -32.76 -21.71
C LYS B 271 -26.31 -33.27 -20.34
N GLU C 8 -18.88 0.95 -38.82
CA GLU C 8 -17.94 0.10 -39.62
C GLU C 8 -16.53 0.70 -39.61
N VAL C 9 -15.67 0.14 -38.77
CA VAL C 9 -14.28 0.59 -38.63
C VAL C 9 -13.41 -0.25 -39.57
N LEU C 10 -12.73 0.40 -40.51
CA LEU C 10 -11.90 -0.31 -41.50
C LEU C 10 -10.42 -0.08 -41.19
N GLU C 11 -9.57 0.10 -42.20
CA GLU C 11 -8.12 0.11 -41.96
C GLU C 11 -7.57 1.47 -41.49
N VAL C 12 -6.41 1.40 -40.85
CA VAL C 12 -5.63 2.59 -40.51
C VAL C 12 -4.86 3.08 -41.73
N LYS C 13 -4.84 4.39 -41.96
CA LYS C 13 -4.02 4.96 -43.02
C LYS C 13 -2.60 5.05 -42.50
N THR C 14 -1.63 4.80 -43.38
CA THR C 14 -0.22 4.98 -43.08
C THR C 14 0.37 6.08 -43.95
N GLY C 15 1.65 6.37 -43.76
CA GLY C 15 2.34 7.37 -44.56
C GLY C 15 2.51 8.67 -43.79
N VAL C 16 3.17 9.63 -44.43
CA VAL C 16 3.57 10.89 -43.79
C VAL C 16 2.37 11.59 -43.14
N ASP C 17 1.34 11.80 -43.93
CA ASP C 17 0.17 12.59 -43.53
C ASP C 17 -0.68 12.01 -42.38
N SER C 18 -0.37 10.80 -41.92
CA SER C 18 -1.36 9.96 -41.26
C SER C 18 -1.40 9.99 -39.74
N ILE C 19 -0.46 10.68 -39.10
CA ILE C 19 -0.44 10.75 -37.64
C ILE C 19 -0.33 12.22 -37.19
N THR C 20 -0.92 12.51 -36.05
CA THR C 20 -0.81 13.85 -35.45
C THR C 20 -0.81 13.72 -33.93
N GLU C 21 -0.49 14.82 -33.26
CA GLU C 21 -0.32 14.81 -31.83
C GLU C 21 -0.94 16.08 -31.26
N VAL C 22 -1.58 15.95 -30.11
CA VAL C 22 -2.22 17.06 -29.40
C VAL C 22 -1.54 17.12 -28.06
N GLU C 23 -1.11 18.30 -27.67
CA GLU C 23 -0.52 18.48 -26.38
C GLU C 23 -1.19 19.68 -25.74
N CYS C 24 -1.54 19.57 -24.47
CA CYS C 24 -2.08 20.72 -23.75
C CYS C 24 -2.18 20.52 -22.25
N PHE C 25 -2.51 21.62 -21.57
CA PHE C 25 -2.75 21.56 -20.15
CA PHE C 25 -2.71 21.69 -20.13
C PHE C 25 -4.18 22.02 -19.90
N LEU C 26 -4.87 21.27 -19.02
CA LEU C 26 -6.20 21.63 -18.56
C LEU C 26 -6.07 22.24 -17.18
N THR C 27 -6.52 23.46 -17.01
CA THR C 27 -6.44 24.11 -15.70
C THR C 27 -7.58 23.62 -14.81
N PRO C 28 -7.38 23.63 -13.47
CA PRO C 28 -8.42 23.19 -12.56
C PRO C 28 -9.47 24.28 -12.36
N GLU C 29 -10.67 23.86 -11.99
CA GLU C 29 -11.75 24.80 -11.69
C GLU C 29 -12.30 24.53 -10.29
N MET C 30 -11.62 25.10 -9.30
CA MET C 30 -11.89 24.80 -7.89
C MET C 30 -12.90 25.74 -7.25
N GLY C 31 -13.20 26.84 -7.91
CA GLY C 31 -14.18 27.81 -7.44
C GLY C 31 -13.73 29.27 -7.54
N ASP C 32 -12.43 29.51 -7.33
CA ASP C 32 -11.81 30.82 -7.59
C ASP C 32 -12.56 31.96 -6.90
N PRO C 33 -12.54 31.96 -5.56
CA PRO C 33 -13.42 32.86 -4.81
C PRO C 33 -13.06 34.34 -4.89
N ASP C 34 -11.83 34.68 -5.29
CA ASP C 34 -11.51 36.08 -5.62
C ASP C 34 -10.39 36.17 -6.65
N GLU C 35 -9.96 37.40 -6.96
CA GLU C 35 -9.01 37.62 -8.05
C GLU C 35 -7.60 37.08 -7.76
N HIS C 36 -7.35 36.69 -6.51
CA HIS C 36 -6.05 36.17 -6.10
C HIS C 36 -6.01 34.68 -5.91
N LEU C 37 -7.15 33.99 -6.08
CA LEU C 37 -7.28 32.62 -5.55
C LEU C 37 -7.61 31.53 -6.59
N ARG C 38 -7.16 31.76 -7.81
CA ARG C 38 -7.22 30.76 -8.86
C ARG C 38 -6.55 29.47 -8.36
N GLY C 39 -7.25 28.34 -8.51
CA GLY C 39 -6.74 27.07 -8.04
C GLY C 39 -7.27 26.63 -6.68
N PHE C 40 -7.91 27.55 -5.96
CA PHE C 40 -8.49 27.31 -4.65
C PHE C 40 -10.02 27.48 -4.72
N SER C 41 -10.74 26.81 -3.83
CA SER C 41 -12.16 27.08 -3.58
C SER C 41 -12.31 28.15 -2.51
N LYS C 42 -13.53 28.66 -2.38
CA LYS C 42 -13.92 29.36 -1.15
C LYS C 42 -13.75 28.43 0.06
N SER C 43 -13.49 29.01 1.22
CA SER C 43 -13.42 28.16 2.42
CA SER C 43 -13.45 28.22 2.47
C SER C 43 -14.76 27.45 2.62
N ILE C 44 -14.66 26.23 3.14
CA ILE C 44 -15.83 25.38 3.27
CA ILE C 44 -15.83 25.37 3.29
C ILE C 44 -16.63 25.77 4.52
N SER C 45 -17.93 25.95 4.35
CA SER C 45 -18.83 26.14 5.48
CA SER C 45 -18.85 26.14 5.48
C SER C 45 -19.75 24.94 5.54
N ILE C 46 -20.27 24.66 6.72
CA ILE C 46 -21.10 23.49 6.97
C ILE C 46 -22.52 23.93 7.26
N SER C 47 -23.49 23.34 6.57
CA SER C 47 -24.92 23.67 6.83
C SER C 47 -25.31 23.29 8.26
N ASP C 48 -26.27 24.03 8.82
CA ASP C 48 -26.70 23.90 10.21
C ASP C 48 -27.59 22.70 10.39
N THR C 49 -28.14 22.22 9.28
CA THR C 49 -28.97 21.04 9.22
C THR C 49 -28.74 20.35 7.89
N PHE C 50 -29.11 19.09 7.80
CA PHE C 50 -28.93 18.33 6.57
C PHE C 50 -29.79 18.87 5.44
N GLU C 51 -31.03 19.23 5.75
CA GLU C 51 -31.93 19.69 4.71
C GLU C 51 -31.62 21.12 4.18
N SER C 52 -30.87 21.93 4.95
CA SER C 52 -30.53 23.30 4.54
C SER C 52 -29.16 23.44 3.82
N ASP C 53 -28.58 22.32 3.41
CA ASP C 53 -27.33 22.31 2.62
C ASP C 53 -27.51 23.18 1.37
N SER C 54 -26.64 24.19 1.23
CA SER C 54 -26.81 25.22 0.22
C SER C 54 -25.43 25.82 -0.17
N PRO C 55 -24.58 25.02 -0.80
CA PRO C 55 -23.22 25.48 -1.06
C PRO C 55 -23.17 26.61 -2.09
N ASN C 56 -22.35 27.63 -1.80
CA ASN C 56 -22.06 28.65 -2.79
C ASN C 56 -21.26 28.12 -3.98
N ARG C 57 -21.50 28.72 -5.13
CA ARG C 57 -20.85 28.30 -6.36
C ARG C 57 -19.34 28.23 -6.21
N ASP C 58 -18.75 29.25 -5.58
CA ASP C 58 -17.29 29.29 -5.51
C ASP C 58 -16.68 28.31 -4.48
N MET C 59 -17.54 27.57 -3.78
CA MET C 59 -17.09 26.52 -2.86
C MET C 59 -17.13 25.14 -3.53
N LEU C 60 -17.60 25.07 -4.79
CA LEU C 60 -17.75 23.77 -5.49
C LEU C 60 -16.77 23.57 -6.65
N PRO C 61 -15.80 22.68 -6.48
CA PRO C 61 -14.96 22.31 -7.62
C PRO C 61 -15.83 21.71 -8.74
N CYS C 62 -15.42 21.94 -9.97
CA CYS C 62 -16.12 21.43 -11.14
C CYS C 62 -15.19 20.65 -12.04
N TYR C 63 -15.77 19.84 -12.91
CA TYR C 63 -15.03 19.17 -13.95
C TYR C 63 -14.45 20.19 -14.92
N SER C 64 -13.21 19.94 -15.36
CA SER C 64 -12.58 20.65 -16.47
C SER C 64 -12.76 19.88 -17.76
N VAL C 65 -12.85 20.62 -18.85
CA VAL C 65 -12.99 20.06 -20.17
C VAL C 65 -12.37 20.96 -21.18
N ALA C 66 -11.71 20.37 -22.18
CA ALA C 66 -11.28 21.08 -23.37
C ALA C 66 -11.66 20.29 -24.60
N ARG C 67 -12.22 21.01 -25.58
CA ARG C 67 -12.42 20.48 -26.92
C ARG C 67 -11.30 20.98 -27.81
N ILE C 68 -10.51 20.06 -28.36
CA ILE C 68 -9.35 20.42 -29.18
C ILE C 68 -9.64 20.11 -30.65
N PRO C 69 -9.61 21.14 -31.52
CA PRO C 69 -9.78 20.90 -32.97
C PRO C 69 -8.56 20.22 -33.56
N LEU C 70 -8.80 19.26 -34.43
CA LEU C 70 -7.76 18.47 -35.05
C LEU C 70 -7.63 18.86 -36.52
N PRO C 71 -6.56 18.38 -37.21
CA PRO C 71 -6.47 18.70 -38.61
C PRO C 71 -7.71 18.24 -39.38
N ASN C 72 -8.24 19.15 -40.18
CA ASN C 72 -9.47 18.89 -40.90
C ASN C 72 -9.29 17.76 -41.90
N LEU C 73 -10.17 16.78 -41.82
CA LEU C 73 -10.21 15.66 -42.72
C LEU C 73 -11.40 15.80 -43.68
N ILE C 82 -14.81 8.24 -45.70
CA ILE C 82 -14.69 8.97 -44.45
C ILE C 82 -13.47 8.56 -43.62
N LEU C 83 -12.64 9.54 -43.28
CA LEU C 83 -11.55 9.35 -42.33
C LEU C 83 -11.89 10.03 -41.01
N MET C 84 -11.49 9.41 -39.91
CA MET C 84 -11.58 10.02 -38.58
C MET C 84 -10.25 9.86 -37.86
N TRP C 85 -9.93 10.84 -37.02
CA TRP C 85 -8.79 10.70 -36.16
C TRP C 85 -9.13 9.73 -35.06
N GLU C 86 -8.22 8.80 -34.81
CA GLU C 86 -8.38 7.80 -33.76
C GLU C 86 -7.30 8.06 -32.71
N ALA C 87 -7.71 8.22 -31.44
CA ALA C 87 -6.77 8.48 -30.36
C ALA C 87 -6.19 7.14 -29.91
N VAL C 88 -4.88 7.04 -29.90
CA VAL C 88 -4.21 5.76 -29.69
C VAL C 88 -3.47 5.71 -28.35
N THR C 89 -2.71 6.76 -28.04
CA THR C 89 -1.97 6.79 -26.79
C THR C 89 -2.16 8.10 -26.04
N LEU C 90 -1.87 8.02 -24.75
CA LEU C 90 -1.98 9.14 -23.82
C LEU C 90 -0.79 9.13 -22.88
N LYS C 91 -0.14 10.30 -22.74
CA LYS C 91 0.72 10.58 -21.59
C LYS C 91 0.05 11.73 -20.82
N THR C 92 0.08 11.60 -19.51
CA THR C 92 -0.58 12.58 -18.65
C THR C 92 0.08 12.63 -17.28
N GLU C 93 0.05 13.82 -16.67
CA GLU C 93 0.46 13.95 -15.29
C GLU C 93 -0.02 15.26 -14.74
N VAL C 94 -0.04 15.33 -13.42
CA VAL C 94 -0.38 16.58 -12.72
C VAL C 94 0.83 17.55 -12.77
N ILE C 95 0.54 18.82 -13.06
CA ILE C 95 1.57 19.83 -13.25
C ILE C 95 1.64 20.75 -12.03
N GLY C 96 2.81 20.82 -11.42
CA GLY C 96 3.05 21.68 -10.27
C GLY C 96 2.96 20.97 -8.94
N VAL C 97 3.27 19.67 -8.92
CA VAL C 97 3.16 18.90 -7.70
C VAL C 97 3.98 19.47 -6.56
N THR C 98 5.11 20.09 -6.86
CA THR C 98 5.99 20.59 -5.83
C THR C 98 5.49 21.83 -5.14
N SER C 99 4.55 22.55 -5.77
CA SER C 99 3.94 23.73 -5.15
C SER C 99 3.34 23.37 -3.80
N LEU C 100 2.96 22.11 -3.63
CA LEU C 100 2.40 21.67 -2.36
C LEU C 100 3.44 21.62 -1.24
N MET C 101 4.69 21.92 -1.54
CA MET C 101 5.73 22.02 -0.50
C MET C 101 5.78 23.39 0.14
N ASN C 102 4.96 24.33 -0.35
CA ASN C 102 4.84 25.61 0.34
C ASN C 102 4.06 25.46 1.64
N VAL C 103 4.82 25.35 2.73
CA VAL C 103 4.27 25.15 4.07
C VAL C 103 4.50 26.40 4.95
N HIS C 104 4.70 27.55 4.31
CA HIS C 104 5.05 28.79 5.00
C HIS C 104 4.12 29.97 4.72
N SER C 105 3.07 29.72 3.93
CA SER C 105 2.17 30.78 3.48
C SER C 105 0.86 30.86 4.31
N ASN C 106 1.02 31.34 5.55
CA ASN C 106 -0.07 31.55 6.48
C ASN C 106 -0.99 30.34 6.73
N GLY C 107 -0.39 29.16 6.81
CA GLY C 107 -1.12 27.95 7.15
C GLY C 107 -1.24 27.78 8.65
N GLN C 108 -1.91 26.71 9.05
CA GLN C 108 -2.06 26.36 10.44
C GLN C 108 -0.90 25.48 10.83
N ALA C 109 -0.21 25.86 11.88
CA ALA C 109 0.99 25.15 12.29
C ALA C 109 0.59 23.77 12.76
N THR C 110 1.43 22.81 12.44
CA THR C 110 1.25 21.43 12.87
C THR C 110 1.18 21.28 14.39
N HIS C 111 1.92 22.14 15.10
CA HIS C 111 2.04 22.18 16.55
C HIS C 111 2.84 23.44 16.87
N ASP C 112 3.00 23.78 18.13
CA ASP C 112 3.67 25.05 18.47
C ASP C 112 5.09 25.14 17.89
N ASN C 113 5.32 26.23 17.15
CA ASN C 113 6.58 26.51 16.45
C ASN C 113 6.82 25.67 15.20
N GLY C 114 5.85 24.83 14.84
CA GLY C 114 6.01 23.92 13.69
C GLY C 114 5.76 24.61 12.36
N ALA C 115 6.01 23.88 11.29
CA ALA C 115 5.67 24.35 9.96
C ALA C 115 4.17 24.27 9.73
N GLY C 116 3.73 24.86 8.62
CA GLY C 116 2.33 24.83 8.22
C GLY C 116 1.90 23.46 7.78
N LYS C 117 0.67 23.08 8.05
CA LYS C 117 0.15 21.81 7.55
C LYS C 117 0.11 21.85 6.04
N PRO C 118 0.52 20.76 5.38
CA PRO C 118 0.44 20.82 3.93
C PRO C 118 -0.98 20.47 3.46
N VAL C 119 -1.22 20.67 2.17
CA VAL C 119 -2.46 20.26 1.51
C VAL C 119 -2.60 18.76 1.70
N GLN C 120 -3.78 18.34 2.14
CA GLN C 120 -4.04 16.92 2.38
CA GLN C 120 -4.04 16.93 2.42
C GLN C 120 -5.54 16.71 2.53
N GLY C 121 -5.95 15.47 2.67
CA GLY C 121 -7.36 15.14 2.81
C GLY C 121 -7.95 14.70 1.50
N THR C 122 -9.29 14.67 1.45
CA THR C 122 -10.01 14.11 0.33
C THR C 122 -9.51 14.60 -1.02
N SER C 123 -9.23 13.66 -1.92
CA SER C 123 -8.79 13.98 -3.26
C SER C 123 -9.57 13.21 -4.32
N PHE C 124 -9.68 13.82 -5.50
CA PHE C 124 -10.21 13.17 -6.69
C PHE C 124 -9.32 13.52 -7.88
N HIS C 125 -8.75 12.48 -8.48
CA HIS C 125 -7.88 12.58 -9.64
C HIS C 125 -8.50 11.76 -10.74
N PHE C 126 -8.80 12.44 -11.85
CA PHE C 126 -9.60 11.91 -12.91
C PHE C 126 -9.17 12.48 -14.25
N PHE C 127 -9.17 11.64 -15.28
CA PHE C 127 -8.94 12.14 -16.62
C PHE C 127 -9.65 11.24 -17.64
N SER C 128 -10.04 11.83 -18.75
CA SER C 128 -10.60 11.08 -19.84
C SER C 128 -10.21 11.65 -21.19
N VAL C 129 -10.21 10.75 -22.18
CA VAL C 129 -9.97 11.12 -23.56
C VAL C 129 -11.06 10.48 -24.41
N GLY C 130 -11.70 11.29 -25.24
CA GLY C 130 -12.81 10.81 -26.06
C GLY C 130 -12.98 11.54 -27.37
N GLY C 131 -13.76 10.92 -28.26
CA GLY C 131 -14.07 11.56 -29.53
C GLY C 131 -15.37 12.34 -29.55
N GLU C 132 -15.90 12.57 -28.35
CA GLU C 132 -17.12 13.33 -28.11
C GLU C 132 -17.13 13.65 -26.62
N ALA C 133 -18.08 14.48 -26.20
CA ALA C 133 -18.17 14.89 -24.80
C ALA C 133 -18.31 13.70 -23.84
N LEU C 134 -17.63 13.78 -22.70
CA LEU C 134 -17.83 12.80 -21.64
C LEU C 134 -19.29 12.79 -21.20
N GLU C 135 -19.84 11.59 -21.07
CA GLU C 135 -21.24 11.43 -20.66
C GLU C 135 -21.29 11.20 -19.14
N LEU C 136 -22.15 11.96 -18.47
CA LEU C 136 -22.22 11.98 -17.01
C LEU C 136 -23.54 11.45 -16.47
N GLN C 137 -23.45 10.85 -15.30
CA GLN C 137 -24.60 10.40 -14.50
C GLN C 137 -24.54 11.14 -13.16
N GLY C 138 -25.67 11.68 -12.74
CA GLY C 138 -25.76 12.41 -11.47
C GLY C 138 -26.03 11.48 -10.30
N VAL C 139 -25.29 11.66 -9.21
CA VAL C 139 -25.53 10.99 -7.92
C VAL C 139 -25.27 12.03 -6.83
N LEU C 140 -26.25 12.18 -5.94
CA LEU C 140 -26.21 13.19 -4.90
C LEU C 140 -25.97 12.59 -3.53
N PHE C 141 -25.08 13.22 -2.77
CA PHE C 141 -24.88 12.78 -1.41
C PHE C 141 -26.15 13.02 -0.61
N ASN C 142 -26.78 14.17 -0.85
CA ASN C 142 -27.95 14.63 -0.13
C ASN C 142 -28.90 15.24 -1.17
N TYR C 143 -30.03 14.61 -1.43
CA TYR C 143 -30.90 15.07 -2.52
C TYR C 143 -31.51 16.44 -2.26
N ARG C 144 -31.54 16.85 -1.01
CA ARG C 144 -32.08 18.15 -0.62
C ARG C 144 -31.06 19.28 -0.69
N THR C 145 -29.81 18.99 -1.08
CA THR C 145 -28.86 20.05 -1.33
C THR C 145 -29.42 21.03 -2.38
N LYS C 146 -29.39 22.32 -2.08
CA LYS C 146 -29.70 23.35 -3.07
C LYS C 146 -28.40 23.74 -3.78
N TYR C 147 -28.27 23.31 -5.02
CA TYR C 147 -27.10 23.71 -5.83
C TYR C 147 -27.27 25.10 -6.40
N PRO C 148 -26.15 25.84 -6.55
CA PRO C 148 -26.29 27.27 -6.79
C PRO C 148 -26.38 27.69 -8.25
N ASP C 149 -26.93 28.87 -8.46
CA ASP C 149 -26.97 29.43 -9.80
C ASP C 149 -25.57 29.45 -10.42
N GLY C 150 -25.48 29.12 -11.71
CA GLY C 150 -24.19 29.09 -12.42
C GLY C 150 -23.61 27.71 -12.50
N THR C 151 -24.17 26.77 -11.75
CA THR C 151 -23.81 25.37 -11.93
C THR C 151 -24.91 24.60 -12.66
N ILE C 152 -24.51 23.47 -13.23
CA ILE C 152 -25.43 22.54 -13.89
C ILE C 152 -25.41 21.27 -13.04
N PHE C 153 -26.58 20.95 -12.49
CA PHE C 153 -26.71 19.95 -11.46
C PHE C 153 -27.92 19.08 -11.76
N PRO C 154 -28.02 17.90 -11.12
CA PRO C 154 -29.16 17.03 -11.31
C PRO C 154 -30.45 17.73 -10.95
N LYS C 155 -31.38 17.78 -11.93
CA LYS C 155 -32.68 18.44 -11.76
C LYS C 155 -33.74 17.44 -11.37
N ASN C 156 -34.81 17.93 -10.75
CA ASN C 156 -35.89 17.09 -10.26
C ASN C 156 -35.37 16.00 -9.35
N ALA C 157 -34.43 16.36 -8.47
CA ALA C 157 -33.84 15.38 -7.57
C ALA C 157 -34.90 14.80 -6.66
N THR C 158 -34.78 13.52 -6.36
CA THR C 158 -35.66 12.86 -5.39
C THR C 158 -34.73 12.09 -4.47
N VAL C 159 -35.29 11.46 -3.44
CA VAL C 159 -34.46 10.66 -2.53
C VAL C 159 -33.73 9.53 -3.26
N GLN C 160 -34.30 9.03 -4.34
CA GLN C 160 -33.62 8.01 -5.15
C GLN C 160 -32.33 8.53 -5.81
N SER C 161 -32.25 9.83 -5.98
CA SER C 161 -31.06 10.47 -6.51
C SER C 161 -29.83 10.23 -5.63
N GLN C 162 -30.06 9.87 -4.37
CA GLN C 162 -28.98 9.56 -3.44
C GLN C 162 -28.28 8.23 -3.74
N VAL C 163 -28.94 7.36 -4.51
CA VAL C 163 -28.33 6.09 -4.92
C VAL C 163 -28.29 5.86 -6.44
N MET C 164 -29.41 6.11 -7.15
CA MET C 164 -29.41 6.06 -8.61
C MET C 164 -30.76 6.52 -9.13
N ASN C 165 -30.74 7.63 -9.85
CA ASN C 165 -31.91 8.14 -10.53
C ASN C 165 -31.47 8.35 -11.99
N THR C 166 -31.98 7.51 -12.90
CA THR C 166 -31.53 7.50 -14.30
C THR C 166 -31.96 8.74 -15.09
N GLU C 167 -32.80 9.59 -14.51
CA GLU C 167 -33.12 10.86 -15.15
C GLU C 167 -31.88 11.78 -15.25
N HIS C 168 -30.91 11.62 -14.35
CA HIS C 168 -29.78 12.56 -14.25
C HIS C 168 -28.66 12.24 -15.21
N LYS C 169 -28.88 12.56 -16.48
CA LYS C 169 -27.93 12.35 -17.57
C LYS C 169 -27.47 13.70 -18.09
N ALA C 170 -26.18 13.83 -18.40
CA ALA C 170 -25.66 15.06 -18.93
C ALA C 170 -24.41 14.82 -19.75
N TYR C 171 -24.00 15.86 -20.48
CA TYR C 171 -22.76 15.85 -21.23
C TYR C 171 -21.85 16.88 -20.59
N LEU C 172 -20.59 16.53 -20.41
CA LEU C 172 -19.58 17.48 -19.94
C LEU C 172 -19.19 18.37 -21.11
N ASP C 173 -19.98 19.42 -21.31
CA ASP C 173 -19.90 20.29 -22.50
C ASP C 173 -19.66 21.77 -22.15
N LYS C 174 -19.30 22.03 -20.90
CA LYS C 174 -19.07 23.41 -20.44
C LYS C 174 -18.12 23.38 -19.25
N ASN C 175 -17.20 24.32 -19.25
CA ASN C 175 -16.29 24.53 -18.13
CA ASN C 175 -16.24 24.53 -18.16
C ASN C 175 -16.89 25.34 -17.02
N LYS C 176 -16.33 25.15 -15.82
CA LYS C 176 -16.76 25.84 -14.59
C LYS C 176 -18.23 25.63 -14.32
N ALA C 177 -18.77 24.45 -14.66
CA ALA C 177 -20.22 24.31 -14.60
C ALA C 177 -20.74 23.06 -13.88
N TYR C 178 -20.10 21.92 -14.14
CA TYR C 178 -20.57 20.64 -13.63
C TYR C 178 -19.83 20.33 -12.31
N PRO C 179 -20.51 20.44 -11.14
CA PRO C 179 -19.76 20.20 -9.92
C PRO C 179 -19.29 18.76 -9.78
N VAL C 180 -18.08 18.60 -9.27
CA VAL C 180 -17.49 17.27 -9.12
C VAL C 180 -18.39 16.40 -8.23
N GLU C 181 -18.91 16.99 -7.13
CA GLU C 181 -19.65 16.18 -6.16
C GLU C 181 -21.00 15.63 -6.65
N CYS C 182 -21.54 16.17 -7.74
CA CYS C 182 -22.85 15.79 -8.29
C CYS C 182 -22.80 14.79 -9.39
N TRP C 183 -21.65 14.63 -10.02
CA TRP C 183 -21.58 13.92 -11.29
C TRP C 183 -20.43 12.96 -11.37
N VAL C 184 -20.66 11.84 -12.06
CA VAL C 184 -19.62 10.88 -12.39
C VAL C 184 -19.76 10.44 -13.84
N PRO C 185 -18.71 9.83 -14.39
CA PRO C 185 -18.85 9.24 -15.71
C PRO C 185 -19.96 8.20 -15.70
N ASP C 186 -20.82 8.24 -16.71
CA ASP C 186 -21.91 7.30 -16.87
C ASP C 186 -21.38 5.98 -17.44
N PRO C 187 -21.35 4.91 -16.63
CA PRO C 187 -20.79 3.66 -17.17
C PRO C 187 -21.69 2.96 -18.19
N THR C 188 -22.95 3.39 -18.32
CA THR C 188 -23.86 2.84 -19.31
C THR C 188 -23.67 3.47 -20.67
N ARG C 189 -22.83 4.50 -20.76
CA ARG C 189 -22.55 5.15 -22.02
C ARG C 189 -21.03 5.21 -22.17
N ASN C 190 -20.51 6.31 -22.74
CA ASN C 190 -19.07 6.49 -22.93
C ASN C 190 -18.33 5.38 -23.73
N GLU C 191 -19.01 4.83 -24.72
CA GLU C 191 -18.41 3.83 -25.61
C GLU C 191 -17.23 4.41 -26.38
N ASN C 192 -17.29 5.71 -26.66
CA ASN C 192 -16.27 6.43 -27.44
C ASN C 192 -15.30 7.31 -26.64
N THR C 193 -15.15 6.95 -25.36
CA THR C 193 -14.30 7.65 -24.40
C THR C 193 -13.60 6.61 -23.51
N ARG C 194 -12.38 6.92 -23.08
CA ARG C 194 -11.69 6.11 -22.07
C ARG C 194 -11.51 7.02 -20.86
N TYR C 195 -12.00 6.56 -19.71
CA TYR C 195 -11.89 7.35 -18.48
C TYR C 195 -11.28 6.57 -17.33
N PHE C 196 -10.65 7.32 -16.43
CA PHE C 196 -9.89 6.81 -15.31
C PHE C 196 -9.97 7.79 -14.14
N GLY C 197 -10.35 7.29 -12.97
CA GLY C 197 -10.43 8.14 -11.78
C GLY C 197 -10.25 7.42 -10.48
N THR C 198 -9.74 8.14 -9.49
CA THR C 198 -9.61 7.62 -8.14
C THR C 198 -10.06 8.68 -7.14
N LEU C 199 -11.06 8.33 -6.33
CA LEU C 199 -11.39 9.06 -5.11
C LEU C 199 -10.63 8.46 -3.92
N THR C 200 -9.87 9.30 -3.23
CA THR C 200 -9.27 8.93 -1.96
C THR C 200 -9.83 9.85 -0.85
N GLY C 201 -10.74 9.33 -0.03
CA GLY C 201 -11.44 10.13 1.00
C GLY C 201 -10.84 10.12 2.39
N GLY C 202 -10.98 11.19 3.15
CA GLY C 202 -10.49 11.17 4.53
C GLY C 202 -9.70 12.42 4.74
N GLU C 203 -9.89 13.07 5.90
CA GLU C 203 -9.30 14.40 6.12
C GLU C 203 -7.80 14.40 6.26
N ASN C 204 -7.17 13.25 6.51
CA ASN C 204 -5.72 13.24 6.69
C ASN C 204 -4.97 12.47 5.61
N VAL C 205 -5.66 12.08 4.56
CA VAL C 205 -5.05 11.41 3.43
C VAL C 205 -3.90 12.24 2.84
N PRO C 206 -2.71 11.62 2.66
CA PRO C 206 -1.60 12.31 2.00
C PRO C 206 -1.72 12.32 0.49
N PRO C 207 -1.46 13.47 -0.13
CA PRO C 207 -1.26 13.42 -1.58
C PRO C 207 -0.07 12.51 -1.97
N VAL C 208 -0.28 11.64 -2.95
CA VAL C 208 0.81 10.86 -3.52
C VAL C 208 0.74 11.09 -5.01
N LEU C 209 1.70 11.84 -5.55
CA LEU C 209 1.61 12.36 -6.90
C LEU C 209 2.91 12.00 -7.63
N HIS C 210 2.76 11.22 -8.71
CA HIS C 210 3.90 10.73 -9.48
C HIS C 210 4.02 11.47 -10.80
N ILE C 211 5.24 11.82 -11.17
CA ILE C 211 5.47 12.44 -12.46
C ILE C 211 6.57 11.66 -13.18
N THR C 212 6.39 11.52 -14.49
CA THR C 212 7.41 10.95 -15.34
C THR C 212 7.00 11.13 -16.80
N ASN C 213 7.99 11.29 -17.67
CA ASN C 213 7.71 11.38 -19.09
C ASN C 213 7.89 10.03 -19.80
N THR C 214 7.93 8.93 -19.05
CA THR C 214 8.22 7.60 -19.62
C THR C 214 7.03 6.64 -19.61
N ALA C 215 5.87 7.09 -19.14
CA ALA C 215 4.69 6.25 -18.97
C ALA C 215 3.63 6.62 -19.99
N THR C 216 3.09 5.62 -20.68
CA THR C 216 2.08 5.83 -21.72
C THR C 216 0.90 4.92 -21.42
N THR C 217 -0.32 5.46 -21.54
CA THR C 217 -1.53 4.66 -21.49
C THR C 217 -2.02 4.41 -22.93
N VAL C 218 -2.33 3.17 -23.27
CA VAL C 218 -2.87 2.82 -24.59
C VAL C 218 -4.40 2.96 -24.50
N LEU C 219 -5.00 3.64 -25.47
CA LEU C 219 -6.44 3.95 -25.48
C LEU C 219 -7.27 2.99 -26.33
N LEU C 220 -6.62 1.99 -26.93
CA LEU C 220 -7.32 1.07 -27.78
C LEU C 220 -8.19 0.16 -26.93
N ASP C 221 -9.34 -0.20 -27.46
CA ASP C 221 -10.21 -1.14 -26.77
C ASP C 221 -9.74 -2.56 -27.09
N GLU C 222 -10.50 -3.56 -26.65
CA GLU C 222 -10.13 -4.96 -26.87
C GLU C 222 -10.14 -5.36 -28.34
N PHE C 223 -10.79 -4.56 -29.17
CA PHE C 223 -10.81 -4.79 -30.62
C PHE C 223 -9.73 -3.98 -31.38
N GLY C 224 -8.91 -3.28 -30.62
CA GLY C 224 -7.81 -2.50 -31.19
C GLY C 224 -8.25 -1.15 -31.73
N VAL C 225 -9.40 -0.67 -31.27
CA VAL C 225 -9.91 0.62 -31.71
C VAL C 225 -9.95 1.65 -30.57
N GLY C 226 -9.36 2.82 -30.84
CA GLY C 226 -9.38 3.93 -29.89
C GLY C 226 -10.59 4.84 -30.11
N PRO C 227 -10.72 5.86 -29.26
CA PRO C 227 -11.77 6.86 -29.49
C PRO C 227 -11.67 7.48 -30.88
N LEU C 228 -12.81 7.60 -31.56
CA LEU C 228 -12.88 8.15 -32.91
C LEU C 228 -13.48 9.55 -32.83
N CYS C 229 -12.79 10.52 -33.41
CA CYS C 229 -13.07 11.93 -33.13
C CYS C 229 -14.12 12.52 -34.06
N LYS C 230 -15.35 12.65 -33.57
CA LYS C 230 -16.43 13.17 -34.39
C LYS C 230 -16.25 14.68 -34.66
N GLY C 231 -16.42 15.05 -35.92
CA GLY C 231 -16.24 16.44 -36.34
C GLY C 231 -14.81 16.94 -36.19
N ASP C 232 -13.85 16.02 -36.13
CA ASP C 232 -12.42 16.37 -35.98
C ASP C 232 -12.15 17.16 -34.70
N ASN C 233 -12.79 16.73 -33.63
CA ASN C 233 -12.56 17.27 -32.30
C ASN C 233 -12.20 16.18 -31.30
N LEU C 234 -11.22 16.48 -30.46
CA LEU C 234 -10.79 15.61 -29.38
C LEU C 234 -11.22 16.20 -28.04
N TYR C 235 -11.87 15.40 -27.20
CA TYR C 235 -12.35 15.83 -25.90
C TYR C 235 -11.45 15.34 -24.77
N LEU C 236 -10.91 16.29 -24.01
CA LEU C 236 -10.12 15.98 -22.83
C LEU C 236 -10.83 16.52 -21.60
N SER C 237 -10.94 15.68 -20.57
CA SER C 237 -11.57 16.10 -19.32
C SER C 237 -10.71 15.70 -18.15
N ALA C 238 -10.81 16.47 -17.08
CA ALA C 238 -9.99 16.22 -15.91
C ALA C 238 -10.60 16.78 -14.65
N VAL C 239 -10.28 16.14 -13.54
CA VAL C 239 -10.39 16.73 -12.20
C VAL C 239 -9.14 16.37 -11.42
N ASP C 240 -8.52 17.34 -10.77
CA ASP C 240 -7.40 17.03 -9.88
C ASP C 240 -7.52 17.89 -8.61
N VAL C 241 -8.50 17.50 -7.80
CA VAL C 241 -8.61 18.04 -6.46
C VAL C 241 -7.57 17.31 -5.61
N CYS C 242 -6.54 18.03 -5.18
CA CYS C 242 -5.44 17.42 -4.48
C CYS C 242 -5.66 17.22 -3.00
N GLY C 243 -6.63 17.93 -2.44
CA GLY C 243 -6.88 17.93 -1.01
C GLY C 243 -7.30 19.34 -0.63
N MET C 244 -7.18 19.63 0.67
CA MET C 244 -7.49 20.92 1.23
C MET C 244 -6.30 21.60 1.86
N PHE C 245 -6.25 22.91 1.66
CA PHE C 245 -5.32 23.78 2.38
C PHE C 245 -6.03 24.32 3.60
N THR C 246 -5.34 24.28 4.74
CA THR C 246 -5.87 24.75 5.99
C THR C 246 -5.20 26.08 6.32
N ASN C 247 -6.00 27.13 6.41
CA ASN C 247 -5.51 28.43 6.85
C ASN C 247 -5.19 28.50 8.34
N ARG C 248 -4.41 29.50 8.74
CA ARG C 248 -4.12 29.73 10.16
C ARG C 248 -5.38 29.65 11.02
N SER C 249 -6.48 30.22 10.54
CA SER C 249 -7.72 30.26 11.33
C SER C 249 -8.40 28.90 11.49
N GLY C 250 -7.98 27.93 10.70
CA GLY C 250 -8.58 26.59 10.69
C GLY C 250 -9.51 26.39 9.50
N SER C 251 -9.88 27.48 8.81
CA SER C 251 -10.74 27.36 7.64
C SER C 251 -10.00 26.58 6.53
N GLN C 252 -10.75 25.87 5.71
CA GLN C 252 -10.16 24.97 4.73
C GLN C 252 -10.73 25.23 3.34
N GLN C 253 -9.84 25.19 2.35
CA GLN C 253 -10.19 25.41 0.94
C GLN C 253 -9.67 24.26 0.07
N TRP C 254 -10.47 23.81 -0.87
CA TRP C 254 -9.93 22.84 -1.87
C TRP C 254 -8.80 23.47 -2.65
N ARG C 255 -7.77 22.69 -2.96
CA ARG C 255 -6.70 23.12 -3.85
C ARG C 255 -6.56 22.12 -4.99
N GLY C 256 -6.56 22.64 -6.21
CA GLY C 256 -6.43 21.85 -7.45
C GLY C 256 -5.18 22.22 -8.22
N LEU C 257 -4.79 21.35 -9.15
CA LEU C 257 -3.67 21.60 -10.02
C LEU C 257 -4.06 21.24 -11.46
N SER C 258 -3.31 21.77 -12.41
CA SER C 258 -3.52 21.51 -13.82
C SER C 258 -3.02 20.10 -14.19
N ARG C 259 -3.57 19.60 -15.29
CA ARG C 259 -3.18 18.30 -15.85
C ARG C 259 -2.72 18.44 -17.31
N TYR C 260 -1.56 17.84 -17.58
CA TYR C 260 -0.95 17.76 -18.91
C TYR C 260 -1.52 16.57 -19.64
N PHE C 261 -1.82 16.77 -20.91
CA PHE C 261 -2.22 15.67 -21.83
C PHE C 261 -1.36 15.72 -23.10
N LYS C 262 -0.88 14.56 -23.54
CA LYS C 262 -0.32 14.42 -24.89
C LYS C 262 -0.97 13.20 -25.47
N VAL C 263 -1.70 13.40 -26.57
CA VAL C 263 -2.42 12.31 -27.22
C VAL C 263 -1.88 12.14 -28.63
N GLN C 264 -1.54 10.90 -28.99
CA GLN C 264 -1.17 10.57 -30.37
C GLN C 264 -2.37 9.99 -31.08
N LEU C 265 -2.61 10.48 -32.29
CA LEU C 265 -3.77 10.09 -33.10
C LEU C 265 -3.34 9.62 -34.48
N ARG C 266 -4.15 8.74 -35.07
CA ARG C 266 -3.87 8.25 -36.41
C ARG C 266 -5.17 8.27 -37.22
N LYS C 267 -5.04 8.41 -38.54
CA LYS C 267 -6.20 8.43 -39.44
C LYS C 267 -6.74 7.04 -39.65
N ARG C 268 -8.03 6.88 -39.42
CA ARG C 268 -8.71 5.62 -39.57
C ARG C 268 -9.85 5.75 -40.59
N ARG C 269 -9.97 4.83 -41.56
CA ARG C 269 -11.14 4.81 -42.46
C ARG C 269 -12.35 4.14 -41.82
N VAL C 270 -13.52 4.76 -42.02
CA VAL C 270 -14.80 4.33 -41.49
C VAL C 270 -15.83 4.37 -42.65
N LYS C 271 -16.86 3.51 -42.62
CA LYS C 271 -17.79 3.35 -43.77
C LYS C 271 -19.17 3.96 -43.54
N VAL D 7 18.21 15.50 -36.22
CA VAL D 7 19.23 14.42 -36.40
C VAL D 7 18.54 13.12 -36.81
N GLU D 8 19.05 12.45 -37.83
CA GLU D 8 18.67 11.06 -38.09
C GLU D 8 19.50 10.22 -37.11
N VAL D 9 18.84 9.30 -36.40
CA VAL D 9 19.53 8.35 -35.53
C VAL D 9 19.83 7.06 -36.30
N LEU D 10 21.11 6.74 -36.44
CA LEU D 10 21.53 5.59 -37.22
C LEU D 10 22.01 4.47 -36.26
N GLU D 11 23.07 3.73 -36.61
CA GLU D 11 23.42 2.54 -35.83
C GLU D 11 24.27 2.82 -34.60
N VAL D 12 24.19 1.89 -33.65
CA VAL D 12 25.07 1.87 -32.49
C VAL D 12 26.43 1.33 -32.93
N LYS D 13 27.49 1.97 -32.45
CA LYS D 13 28.84 1.50 -32.73
C LYS D 13 29.19 0.42 -31.72
N THR D 14 29.89 -0.62 -32.16
CA THR D 14 30.27 -1.71 -31.26
C THR D 14 31.77 -1.75 -31.11
N GLY D 15 32.26 -2.64 -30.27
CA GLY D 15 33.70 -2.79 -30.07
C GLY D 15 34.11 -2.33 -28.69
N VAL D 16 35.32 -2.69 -28.28
CA VAL D 16 35.81 -2.41 -26.93
C VAL D 16 35.61 -0.91 -26.61
N ASP D 17 35.97 -0.07 -27.58
CA ASP D 17 35.94 1.39 -27.47
C ASP D 17 34.56 2.08 -27.26
N SER D 18 33.48 1.33 -27.37
CA SER D 18 32.19 1.90 -27.72
C SER D 18 31.23 2.15 -26.56
N ILE D 19 31.62 1.79 -25.34
CA ILE D 19 30.79 2.01 -24.16
C ILE D 19 31.58 2.77 -23.11
N THR D 20 30.86 3.50 -22.27
CA THR D 20 31.47 4.16 -21.16
C THR D 20 30.45 4.25 -20.02
N GLU D 21 30.94 4.63 -18.85
CA GLU D 21 30.13 4.62 -17.68
C GLU D 21 30.43 5.88 -16.87
N VAL D 22 29.38 6.47 -16.31
CA VAL D 22 29.49 7.60 -15.39
C VAL D 22 28.96 7.19 -14.02
N GLU D 23 29.71 7.54 -12.98
CA GLU D 23 29.32 7.24 -11.63
C GLU D 23 29.56 8.49 -10.81
N CYS D 24 28.56 8.92 -10.05
CA CYS D 24 28.72 10.08 -9.20
C CYS D 24 27.63 10.19 -8.17
N PHE D 25 27.78 11.16 -7.27
CA PHE D 25 26.71 11.47 -6.35
C PHE D 25 26.39 12.95 -6.43
N LEU D 26 25.12 13.25 -6.26
CA LEU D 26 24.64 14.62 -6.18
C LEU D 26 24.24 14.90 -4.75
N THR D 27 24.82 15.93 -4.15
CA THR D 27 24.48 16.29 -2.78
C THR D 27 23.19 17.13 -2.79
N PRO D 28 22.44 17.08 -1.68
CA PRO D 28 21.19 17.82 -1.59
C PRO D 28 21.47 19.29 -1.31
N GLU D 29 20.55 20.15 -1.73
CA GLU D 29 20.67 21.59 -1.48
C GLU D 29 19.41 22.08 -0.78
N MET D 30 19.41 21.93 0.54
CA MET D 30 18.22 22.13 1.35
C MET D 30 18.11 23.54 1.93
N GLY D 31 19.21 24.30 1.87
CA GLY D 31 19.24 25.66 2.36
C GLY D 31 20.47 25.96 3.21
N ASP D 32 20.96 24.96 3.94
CA ASP D 32 22.24 25.07 4.68
C ASP D 32 22.37 26.37 5.49
N PRO D 33 21.54 26.54 6.52
CA PRO D 33 21.41 27.83 7.24
C PRO D 33 22.61 28.23 8.10
N ASP D 34 23.46 27.29 8.48
CA ASP D 34 24.75 27.67 9.08
C ASP D 34 25.83 26.64 8.79
N GLU D 35 27.01 26.86 9.35
CA GLU D 35 28.19 26.04 9.04
C GLU D 35 28.12 24.59 9.57
N HIS D 36 27.10 24.28 10.38
CA HIS D 36 26.92 22.94 10.96
C HIS D 36 25.73 22.20 10.39
N LEU D 37 25.04 22.78 9.41
CA LEU D 37 23.69 22.31 9.05
C LEU D 37 23.53 21.99 7.56
N ARG D 38 24.65 21.63 6.92
CA ARG D 38 24.61 21.08 5.59
C ARG D 38 23.63 19.88 5.55
N GLY D 39 22.71 19.87 4.58
CA GLY D 39 21.67 18.85 4.46
C GLY D 39 20.34 19.22 5.11
N PHE D 40 20.30 20.33 5.84
CA PHE D 40 19.08 20.81 6.49
C PHE D 40 18.73 22.18 5.90
N SER D 41 17.44 22.53 5.95
CA SER D 41 16.99 23.91 5.72
C SER D 41 17.04 24.71 7.02
N LYS D 42 16.88 26.04 6.89
CA LYS D 42 16.52 26.83 8.06
C LYS D 42 15.17 26.34 8.60
N SER D 43 14.90 26.54 9.89
CA SER D 43 13.59 26.16 10.42
CA SER D 43 13.60 26.20 10.46
C SER D 43 12.52 26.97 9.71
N ILE D 44 11.37 26.35 9.51
CA ILE D 44 10.30 26.97 8.76
C ILE D 44 9.56 27.98 9.63
N SER D 45 9.38 29.19 9.09
CA SER D 45 8.52 30.22 9.67
CA SER D 45 8.52 30.21 9.68
C SER D 45 7.30 30.40 8.78
N ILE D 46 6.16 30.75 9.38
CA ILE D 46 4.91 30.90 8.66
C ILE D 46 4.54 32.39 8.58
N SER D 47 4.21 32.88 7.40
CA SER D 47 3.83 34.30 7.22
C SER D 47 2.56 34.63 7.99
N ASP D 48 2.41 35.90 8.38
CA ASP D 48 1.29 36.34 9.21
C ASP D 48 0.01 36.49 8.40
N THR D 49 0.16 36.60 7.09
CA THR D 49 -0.95 36.73 6.15
C THR D 49 -0.55 36.00 4.90
N PHE D 50 -1.55 35.65 4.10
CA PHE D 50 -1.26 34.90 2.88
C PHE D 50 -0.48 35.74 1.88
N GLU D 51 -0.85 37.03 1.77
CA GLU D 51 -0.21 37.97 0.86
C GLU D 51 1.27 38.25 1.17
N SER D 52 1.66 38.15 2.44
CA SER D 52 3.01 38.54 2.88
C SER D 52 4.00 37.37 2.94
N ASP D 53 3.64 36.24 2.34
CA ASP D 53 4.54 35.09 2.26
C ASP D 53 5.88 35.54 1.65
N SER D 54 6.96 35.26 2.36
CA SER D 54 8.26 35.84 2.05
C SER D 54 9.39 34.93 2.59
N PRO D 55 9.54 33.76 1.99
CA PRO D 55 10.49 32.83 2.56
C PRO D 55 11.93 33.25 2.34
N ASN D 56 12.75 33.04 3.36
CA ASN D 56 14.17 33.28 3.21
C ASN D 56 14.84 32.23 2.35
N ARG D 57 15.93 32.62 1.70
CA ARG D 57 16.62 31.69 0.78
C ARG D 57 17.01 30.39 1.48
N ASP D 58 17.50 30.49 2.71
CA ASP D 58 17.98 29.28 3.40
C ASP D 58 16.85 28.38 3.92
N MET D 59 15.60 28.77 3.68
CA MET D 59 14.44 27.98 4.03
C MET D 59 13.90 27.18 2.83
N LEU D 60 14.52 27.36 1.66
CA LEU D 60 14.00 26.80 0.42
C LEU D 60 14.91 25.74 -0.19
N PRO D 61 14.50 24.47 -0.09
CA PRO D 61 15.24 23.47 -0.85
C PRO D 61 15.23 23.77 -2.36
N CYS D 62 16.34 23.44 -3.03
CA CYS D 62 16.52 23.64 -4.47
C CYS D 62 16.83 22.35 -5.20
N TYR D 63 16.57 22.34 -6.49
CA TYR D 63 16.99 21.24 -7.36
C TYR D 63 18.52 21.17 -7.40
N SER D 64 19.04 19.94 -7.40
CA SER D 64 20.46 19.66 -7.60
C SER D 64 20.68 19.28 -9.05
N VAL D 65 21.84 19.66 -9.59
CA VAL D 65 22.21 19.30 -10.95
C VAL D 65 23.72 19.13 -11.09
N ALA D 66 24.13 18.16 -11.89
CA ALA D 66 25.51 18.03 -12.26
C ALA D 66 25.58 17.81 -13.77
N ARG D 67 26.53 18.48 -14.40
CA ARG D 67 26.83 18.27 -15.80
C ARG D 67 28.13 17.52 -15.83
N ILE D 68 28.13 16.33 -16.42
CA ILE D 68 29.30 15.46 -16.41
C ILE D 68 29.89 15.38 -17.83
N PRO D 69 31.15 15.79 -18.01
CA PRO D 69 31.81 15.68 -19.32
C PRO D 69 32.09 14.23 -19.67
N LEU D 70 31.81 13.85 -20.92
CA LEU D 70 32.04 12.50 -21.40
C LEU D 70 33.27 12.46 -22.29
N PRO D 71 33.80 11.25 -22.55
CA PRO D 71 34.97 11.22 -23.40
C PRO D 71 34.69 11.91 -24.73
N ASN D 72 35.64 12.73 -25.18
CA ASN D 72 35.44 13.59 -26.34
C ASN D 72 35.29 12.76 -27.63
N LEU D 73 34.25 13.04 -28.39
CA LEU D 73 33.99 12.40 -29.67
C LEU D 73 34.21 13.40 -30.81
N ILE D 82 28.90 12.02 -37.47
CA ILE D 82 28.77 12.39 -36.06
C ILE D 82 28.39 11.24 -35.12
N LEU D 83 29.16 11.10 -34.05
CA LEU D 83 28.86 10.18 -32.97
C LEU D 83 28.44 10.98 -31.73
N MET D 84 27.44 10.44 -31.02
CA MET D 84 27.02 10.98 -29.75
C MET D 84 26.92 9.86 -28.74
N TRP D 85 27.21 10.17 -27.48
CA TRP D 85 26.98 9.24 -26.40
C TRP D 85 25.51 9.16 -26.13
N GLU D 86 25.02 7.93 -26.01
CA GLU D 86 23.61 7.62 -25.78
C GLU D 86 23.48 6.96 -24.40
N ALA D 87 22.70 7.56 -23.50
CA ALA D 87 22.50 6.97 -22.17
C ALA D 87 21.47 5.85 -22.27
N VAL D 88 21.82 4.67 -21.76
CA VAL D 88 21.03 3.47 -21.96
C VAL D 88 20.43 2.96 -20.66
N THR D 89 21.22 2.94 -19.59
CA THR D 89 20.73 2.49 -18.30
C THR D 89 21.17 3.38 -17.14
N LEU D 90 20.41 3.26 -16.05
CA LEU D 90 20.64 4.00 -14.80
C LEU D 90 20.46 3.07 -13.61
N LYS D 91 21.39 3.12 -12.66
CA LYS D 91 21.16 2.64 -11.32
C LYS D 91 21.24 3.86 -10.45
N THR D 92 20.32 3.96 -9.49
CA THR D 92 20.31 5.11 -8.60
C THR D 92 19.79 4.72 -7.24
N GLU D 93 20.30 5.36 -6.21
CA GLU D 93 19.68 5.26 -4.90
C GLU D 93 20.05 6.40 -3.98
N VAL D 94 19.26 6.54 -2.95
CA VAL D 94 19.47 7.58 -1.95
C VAL D 94 20.57 7.09 -1.01
N ILE D 95 21.55 7.96 -0.70
CA ILE D 95 22.72 7.56 0.09
C ILE D 95 22.56 8.05 1.52
N GLY D 96 22.62 7.12 2.48
CA GLY D 96 22.59 7.45 3.89
C GLY D 96 21.22 7.34 4.55
N VAL D 97 20.41 6.43 4.04
CA VAL D 97 19.06 6.22 4.56
C VAL D 97 19.04 5.93 6.07
N THR D 98 20.04 5.24 6.59
CA THR D 98 20.05 4.85 7.98
C THR D 98 20.31 6.01 8.94
N SER D 99 20.86 7.12 8.43
CA SER D 99 21.09 8.28 9.27
C SER D 99 19.79 8.75 9.91
N LEU D 100 18.66 8.49 9.25
CA LEU D 100 17.35 8.81 9.77
C LEU D 100 16.96 8.03 11.03
N MET D 101 17.77 7.05 11.42
CA MET D 101 17.58 6.37 12.69
C MET D 101 18.17 7.16 13.89
N ASN D 102 18.83 8.28 13.64
CA ASN D 102 19.25 9.11 14.78
C ASN D 102 18.04 9.86 15.37
N VAL D 103 17.46 9.29 16.41
CA VAL D 103 16.30 9.85 17.11
C VAL D 103 16.72 10.32 18.53
N HIS D 104 18.01 10.61 18.71
CA HIS D 104 18.56 10.94 20.02
C HIS D 104 19.28 12.28 20.03
N SER D 105 19.15 13.05 18.94
CA SER D 105 19.92 14.28 18.74
C SER D 105 18.96 15.48 18.73
N ASN D 106 18.71 16.04 19.92
CA ASN D 106 17.88 17.24 20.07
C ASN D 106 16.55 17.26 19.35
N GLY D 107 15.88 16.11 19.29
CA GLY D 107 14.56 16.01 18.71
C GLY D 107 13.48 16.27 19.73
N GLN D 108 12.24 16.34 19.26
CA GLN D 108 11.08 16.43 20.10
C GLN D 108 10.59 15.03 20.37
N ALA D 109 10.50 14.68 21.65
CA ALA D 109 9.99 13.38 22.07
C ALA D 109 8.58 13.14 21.58
N THR D 110 8.35 11.93 21.10
CA THR D 110 7.05 11.51 20.58
C THR D 110 5.99 11.56 21.65
N HIS D 111 6.38 11.29 22.89
CA HIS D 111 5.51 11.34 24.07
C HIS D 111 6.39 11.39 25.30
N ASP D 112 5.84 11.52 26.49
CA ASP D 112 6.64 11.64 27.72
CA ASP D 112 6.66 11.65 27.69
C ASP D 112 7.58 10.44 27.85
N ASN D 113 8.89 10.73 27.93
CA ASN D 113 9.95 9.75 28.09
C ASN D 113 10.31 9.00 26.82
N GLY D 114 9.65 9.32 25.71
CA GLY D 114 9.84 8.64 24.44
C GLY D 114 11.06 9.08 23.64
N ALA D 115 11.37 8.36 22.58
CA ALA D 115 12.46 8.72 21.68
C ALA D 115 12.06 9.96 20.87
N GLY D 116 13.04 10.58 20.22
CA GLY D 116 12.79 11.72 19.34
C GLY D 116 11.98 11.35 18.11
N LYS D 117 11.18 12.28 17.61
CA LYS D 117 10.44 12.03 16.38
C LYS D 117 11.43 11.91 15.24
N PRO D 118 11.28 10.89 14.40
CA PRO D 118 12.14 10.80 13.24
C PRO D 118 11.74 11.81 12.17
N VAL D 119 12.62 12.00 11.20
CA VAL D 119 12.29 12.74 9.97
C VAL D 119 11.08 12.10 9.32
N GLN D 120 10.11 12.94 9.00
CA GLN D 120 8.84 12.50 8.43
CA GLN D 120 8.84 12.49 8.44
C GLN D 120 8.08 13.69 7.86
N GLY D 121 6.97 13.41 7.20
CA GLY D 121 6.16 14.42 6.58
C GLY D 121 6.52 14.57 5.12
N THR D 122 6.16 15.71 4.56
CA THR D 122 6.22 15.91 3.12
C THR D 122 7.59 15.60 2.52
N SER D 123 7.60 14.77 1.48
CA SER D 123 8.83 14.41 0.78
C SER D 123 8.69 14.57 -0.74
N PHE D 124 9.82 14.81 -1.39
CA PHE D 124 9.89 14.84 -2.83
C PHE D 124 11.20 14.15 -3.24
N HIS D 125 11.05 13.05 -3.97
CA HIS D 125 12.16 12.27 -4.47
C HIS D 125 12.08 12.26 -5.95
N PHE D 126 13.14 12.73 -6.60
CA PHE D 126 13.12 13.06 -7.99
C PHE D 126 14.49 12.81 -8.58
N PHE D 127 14.51 12.26 -9.79
CA PHE D 127 15.79 12.21 -10.52
C PHE D 127 15.56 12.22 -12.02
N SER D 128 16.54 12.71 -12.74
CA SER D 128 16.47 12.72 -14.19
C SER D 128 17.87 12.54 -14.78
N VAL D 129 17.89 11.99 -15.99
CA VAL D 129 19.09 11.79 -16.81
C VAL D 129 18.76 12.32 -18.20
N GLY D 130 19.59 13.22 -18.72
CA GLY D 130 19.39 13.80 -20.04
C GLY D 130 20.64 14.16 -20.78
N GLY D 131 20.49 14.43 -22.07
CA GLY D 131 21.61 14.84 -22.90
C GLY D 131 21.68 16.34 -23.03
N GLU D 132 20.94 17.04 -22.17
CA GLU D 132 20.94 18.51 -22.10
C GLU D 132 20.23 18.87 -20.79
N ALA D 133 20.21 20.15 -20.40
CA ALA D 133 19.66 20.52 -19.10
C ALA D 133 18.18 20.15 -19.00
N LEU D 134 17.74 19.80 -17.80
CA LEU D 134 16.33 19.57 -17.53
C LEU D 134 15.56 20.85 -17.80
N GLU D 135 14.44 20.73 -18.51
CA GLU D 135 13.59 21.88 -18.78
C GLU D 135 12.46 21.95 -17.75
N LEU D 136 12.28 23.16 -17.21
CA LEU D 136 11.37 23.40 -16.10
C LEU D 136 10.19 24.28 -16.48
N GLN D 137 9.07 24.03 -15.80
CA GLN D 137 7.87 24.85 -15.88
C GLN D 137 7.56 25.32 -14.47
N GLY D 138 7.27 26.60 -14.33
CA GLY D 138 6.97 27.15 -13.02
C GLY D 138 5.49 27.02 -12.66
N VAL D 139 5.23 26.61 -11.42
CA VAL D 139 3.90 26.64 -10.84
C VAL D 139 4.05 27.11 -9.39
N LEU D 140 3.25 28.12 -9.01
CA LEU D 140 3.32 28.73 -7.69
C LEU D 140 2.12 28.35 -6.82
N PHE D 141 2.39 27.98 -5.56
CA PHE D 141 1.30 27.77 -4.63
C PHE D 141 0.50 29.05 -4.43
N ASN D 142 1.24 30.15 -4.28
CA ASN D 142 0.72 31.49 -3.97
C ASN D 142 1.50 32.48 -4.84
N TYR D 143 0.83 33.13 -5.81
CA TYR D 143 1.56 33.97 -6.76
C TYR D 143 2.08 35.24 -6.12
N ARG D 144 1.58 35.57 -4.93
CA ARG D 144 2.05 36.74 -4.20
C ARG D 144 3.23 36.48 -3.29
N THR D 145 3.68 35.23 -3.22
CA THR D 145 4.92 34.92 -2.52
C THR D 145 6.08 35.76 -3.04
N LYS D 146 6.79 36.41 -2.14
CA LYS D 146 8.05 37.09 -2.48
C LYS D 146 9.19 36.09 -2.36
N TYR D 147 9.73 35.67 -3.51
CA TYR D 147 10.86 34.73 -3.51
C TYR D 147 12.14 35.52 -3.30
N PRO D 148 13.11 34.93 -2.60
CA PRO D 148 14.26 35.69 -2.11
C PRO D 148 15.35 35.87 -3.15
N ASP D 149 16.12 36.94 -2.97
CA ASP D 149 17.30 37.15 -3.80
C ASP D 149 18.23 35.96 -3.68
N GLY D 150 18.81 35.55 -4.82
CA GLY D 150 19.74 34.44 -4.87
C GLY D 150 19.08 33.19 -5.39
N THR D 151 17.75 33.22 -5.47
CA THR D 151 17.03 32.18 -6.14
C THR D 151 16.52 32.61 -7.52
N ILE D 152 16.31 31.61 -8.36
CA ILE D 152 15.75 31.82 -9.68
C ILE D 152 14.34 31.27 -9.65
N PHE D 153 13.38 32.16 -9.83
CA PHE D 153 11.97 31.85 -9.62
C PHE D 153 11.13 32.40 -10.75
N PRO D 154 9.86 31.98 -10.82
CA PRO D 154 8.98 32.51 -11.86
C PRO D 154 8.79 34.01 -11.75
N LYS D 155 9.15 34.71 -12.83
CA LYS D 155 9.06 36.17 -12.92
C LYS D 155 7.74 36.62 -13.52
N ASN D 156 7.35 37.84 -13.19
CA ASN D 156 6.10 38.41 -13.69
C ASN D 156 4.91 37.52 -13.33
N ALA D 157 4.93 37.01 -12.11
CA ALA D 157 3.87 36.12 -11.64
C ALA D 157 2.52 36.82 -11.65
N THR D 158 1.50 36.08 -12.05
CA THR D 158 0.14 36.55 -12.01
C THR D 158 -0.71 35.51 -11.29
N VAL D 159 -2.00 35.79 -11.07
CA VAL D 159 -2.83 34.76 -10.44
C VAL D 159 -2.88 33.46 -11.28
N GLN D 160 -2.80 33.57 -12.59
CA GLN D 160 -2.72 32.36 -13.44
C GLN D 160 -1.52 31.45 -13.11
N SER D 161 -0.44 32.03 -12.61
CA SER D 161 0.75 31.28 -12.20
C SER D 161 0.45 30.24 -11.11
N GLN D 162 -0.65 30.42 -10.40
CA GLN D 162 -1.10 29.40 -9.42
C GLN D 162 -1.62 28.11 -10.04
N VAL D 163 -1.94 28.12 -11.34
CA VAL D 163 -2.41 26.90 -12.03
C VAL D 163 -1.61 26.60 -13.29
N MET D 164 -1.39 27.59 -14.15
CA MET D 164 -0.52 27.43 -15.32
C MET D 164 -0.32 28.73 -16.07
N ASN D 165 0.92 29.20 -16.05
CA ASN D 165 1.35 30.38 -16.80
C ASN D 165 2.57 29.94 -17.62
N THR D 166 2.35 29.77 -18.93
CA THR D 166 3.37 29.28 -19.83
C THR D 166 4.57 30.23 -20.04
N GLU D 167 4.51 31.46 -19.51
CA GLU D 167 5.70 32.32 -19.46
C GLU D 167 6.83 31.71 -18.61
N HIS D 168 6.48 30.89 -17.60
CA HIS D 168 7.47 30.43 -16.64
C HIS D 168 8.24 29.23 -17.14
N LYS D 169 9.18 29.46 -18.05
CA LYS D 169 10.04 28.39 -18.61
C LYS D 169 11.47 28.64 -18.15
N ALA D 170 12.20 27.59 -17.81
CA ALA D 170 13.60 27.75 -17.41
C ALA D 170 14.33 26.45 -17.69
N TYR D 171 15.66 26.51 -17.61
CA TYR D 171 16.52 25.34 -17.66
C TYR D 171 17.13 25.17 -16.28
N LEU D 172 17.23 23.93 -15.81
CA LEU D 172 17.94 23.62 -14.58
C LEU D 172 19.43 23.62 -14.93
N ASP D 173 20.00 24.82 -14.92
CA ASP D 173 21.37 25.06 -15.35
C ASP D 173 22.29 25.66 -14.26
N LYS D 174 21.79 25.68 -13.03
CA LYS D 174 22.55 26.21 -11.89
C LYS D 174 22.15 25.49 -10.60
N ASN D 175 23.13 25.28 -9.72
CA ASN D 175 22.89 24.69 -8.41
CA ASN D 175 22.93 24.65 -8.42
C ASN D 175 22.55 25.71 -7.36
N LYS D 176 21.88 25.25 -6.30
CA LYS D 176 21.46 26.10 -5.19
C LYS D 176 20.65 27.27 -5.66
N ALA D 177 19.85 27.10 -6.71
CA ALA D 177 19.20 28.25 -7.34
C ALA D 177 17.70 28.12 -7.61
N TYR D 178 17.28 26.95 -8.08
CA TYR D 178 15.90 26.72 -8.50
C TYR D 178 15.12 26.07 -7.38
N PRO D 179 14.22 26.84 -6.70
CA PRO D 179 13.51 26.27 -5.57
C PRO D 179 12.59 25.15 -5.99
N VAL D 180 12.64 24.06 -5.24
CA VAL D 180 11.81 22.91 -5.53
C VAL D 180 10.33 23.31 -5.59
N GLU D 181 9.88 24.16 -4.67
CA GLU D 181 8.46 24.47 -4.60
C GLU D 181 7.90 25.31 -5.77
N CYS D 182 8.78 25.93 -6.57
CA CYS D 182 8.42 26.80 -7.69
C CYS D 182 8.38 26.12 -9.06
N TRP D 183 9.04 24.98 -9.18
CA TRP D 183 9.37 24.44 -10.48
C TRP D 183 9.17 22.95 -10.53
N VAL D 184 8.71 22.47 -11.69
CA VAL D 184 8.58 21.06 -12.02
C VAL D 184 9.14 20.84 -13.43
N PRO D 185 9.45 19.58 -13.75
CA PRO D 185 9.82 19.25 -15.12
C PRO D 185 8.69 19.65 -16.06
N ASP D 186 9.06 20.27 -17.18
CA ASP D 186 8.10 20.73 -18.17
C ASP D 186 7.73 19.54 -19.07
N PRO D 187 6.50 19.01 -18.93
CA PRO D 187 6.13 17.85 -19.73
C PRO D 187 5.99 18.15 -21.23
N THR D 188 5.90 19.44 -21.61
CA THR D 188 5.81 19.81 -23.00
C THR D 188 7.16 19.86 -23.68
N ARG D 189 8.24 19.67 -22.93
CA ARG D 189 9.58 19.68 -23.50
C ARG D 189 10.26 18.39 -23.02
N ASN D 190 11.56 18.43 -22.71
CA ASN D 190 12.28 17.27 -22.19
C ASN D 190 12.23 15.99 -23.05
N GLU D 191 12.19 16.18 -24.36
CA GLU D 191 12.27 15.04 -25.27
C GLU D 191 13.59 14.27 -25.15
N ASN D 192 14.66 14.92 -24.68
CA ASN D 192 15.99 14.30 -24.61
C ASN D 192 16.44 14.05 -23.16
N THR D 193 15.45 13.91 -22.27
CA THR D 193 15.65 13.63 -20.86
C THR D 193 14.60 12.59 -20.44
N ARG D 194 14.96 11.75 -19.48
CA ARG D 194 14.00 10.88 -18.82
C ARG D 194 13.95 11.33 -17.37
N TYR D 195 12.77 11.62 -16.85
CA TYR D 195 12.63 12.07 -15.46
C TYR D 195 11.56 11.29 -14.73
N PHE D 196 11.73 11.22 -13.40
CA PHE D 196 10.89 10.43 -12.53
C PHE D 196 10.81 11.13 -11.18
N GLY D 197 9.61 11.28 -10.67
CA GLY D 197 9.47 11.88 -9.35
C GLY D 197 8.22 11.49 -8.63
N THR D 198 8.27 11.60 -7.30
CA THR D 198 7.14 11.36 -6.44
C THR D 198 7.08 12.38 -5.31
N LEU D 199 5.96 13.10 -5.24
CA LEU D 199 5.61 13.93 -4.11
C LEU D 199 4.70 13.13 -3.20
N THR D 200 5.12 12.98 -1.94
CA THR D 200 4.28 12.38 -0.92
C THR D 200 4.06 13.44 0.16
N GLY D 201 2.87 14.03 0.18
CA GLY D 201 2.53 15.13 1.10
C GLY D 201 1.77 14.79 2.36
N GLY D 202 1.98 15.51 3.43
CA GLY D 202 1.21 15.26 4.64
C GLY D 202 2.20 15.29 5.73
N GLU D 203 1.84 15.88 6.88
CA GLU D 203 2.87 16.14 7.90
CA GLU D 203 2.77 16.16 7.98
C GLU D 203 3.34 14.92 8.65
N ASN D 204 2.63 13.81 8.55
CA ASN D 204 3.06 12.61 9.25
C ASN D 204 3.48 11.47 8.35
N VAL D 205 3.57 11.68 7.04
CA VAL D 205 3.93 10.55 6.18
C VAL D 205 5.31 9.99 6.51
N PRO D 206 5.41 8.65 6.57
CA PRO D 206 6.67 7.98 6.88
C PRO D 206 7.59 7.90 5.68
N PRO D 207 8.87 8.26 5.84
CA PRO D 207 9.75 7.94 4.72
C PRO D 207 9.81 6.41 4.46
N VAL D 208 9.76 6.00 3.21
CA VAL D 208 9.98 4.58 2.88
C VAL D 208 11.06 4.60 1.83
N LEU D 209 12.27 4.21 2.22
CA LEU D 209 13.44 4.37 1.36
C LEU D 209 14.08 2.99 1.11
N HIS D 210 14.14 2.58 -0.17
CA HIS D 210 14.70 1.27 -0.52
C HIS D 210 16.07 1.47 -1.08
N ILE D 211 17.00 0.56 -0.74
CA ILE D 211 18.30 0.56 -1.34
C ILE D 211 18.58 -0.85 -1.88
N THR D 212 19.24 -0.92 -3.03
CA THR D 212 19.72 -2.18 -3.57
C THR D 212 20.66 -1.87 -4.73
N ASN D 213 21.64 -2.71 -4.95
CA ASN D 213 22.48 -2.58 -6.14
C ASN D 213 22.07 -3.50 -7.29
N THR D 214 20.84 -4.00 -7.25
CA THR D 214 20.35 -4.97 -8.23
C THR D 214 19.28 -4.44 -9.18
N ALA D 215 18.94 -3.15 -9.08
CA ALA D 215 17.79 -2.56 -9.80
C ALA D 215 18.33 -1.63 -10.86
N THR D 216 17.91 -1.82 -12.11
CA THR D 216 18.35 -0.96 -13.22
C THR D 216 17.10 -0.34 -13.87
N THR D 217 17.17 0.94 -14.23
CA THR D 217 16.18 1.57 -15.10
C THR D 217 16.72 1.70 -16.54
N VAL D 218 15.95 1.24 -17.51
CA VAL D 218 16.33 1.39 -18.90
C VAL D 218 15.84 2.77 -19.38
N LEU D 219 16.72 3.53 -20.02
CA LEU D 219 16.43 4.92 -20.42
C LEU D 219 16.00 5.06 -21.88
N LEU D 220 15.89 3.94 -22.58
CA LEU D 220 15.52 3.96 -23.98
C LEU D 220 14.06 4.30 -24.11
N ASP D 221 13.71 5.07 -25.14
CA ASP D 221 12.31 5.33 -25.44
C ASP D 221 11.68 4.18 -26.21
N GLU D 222 10.44 4.35 -26.63
CA GLU D 222 9.72 3.30 -27.35
C GLU D 222 10.32 2.96 -28.72
N PHE D 223 11.18 3.83 -29.24
CA PHE D 223 11.91 3.54 -30.48
C PHE D 223 13.31 2.98 -30.21
N GLY D 224 13.61 2.67 -28.95
CA GLY D 224 14.91 2.11 -28.60
C GLY D 224 16.03 3.14 -28.54
N VAL D 225 15.70 4.42 -28.35
CA VAL D 225 16.72 5.46 -28.31
C VAL D 225 16.75 6.15 -26.94
N GLY D 226 17.94 6.25 -26.36
CA GLY D 226 18.18 6.89 -25.08
C GLY D 226 18.52 8.35 -25.29
N PRO D 227 18.67 9.11 -24.19
CA PRO D 227 19.11 10.50 -24.26
C PRO D 227 20.45 10.58 -24.99
N LEU D 228 20.57 11.54 -25.88
CA LEU D 228 21.75 11.75 -26.69
C LEU D 228 22.47 13.01 -26.19
N CYS D 229 23.75 12.84 -25.83
CA CYS D 229 24.47 13.86 -25.05
C CYS D 229 25.08 14.93 -25.95
N LYS D 230 24.43 16.07 -25.99
CA LYS D 230 24.89 17.17 -26.81
C LYS D 230 26.18 17.75 -26.22
N GLY D 231 27.16 18.01 -27.07
CA GLY D 231 28.49 18.46 -26.64
C GLY D 231 29.24 17.48 -25.73
N ASP D 232 28.85 16.21 -25.74
CA ASP D 232 29.47 15.20 -24.88
C ASP D 232 29.35 15.52 -23.37
N ASN D 233 28.17 16.02 -22.99
CA ASN D 233 27.85 16.24 -21.61
C ASN D 233 26.60 15.48 -21.22
N LEU D 234 26.65 14.87 -20.04
CA LEU D 234 25.52 14.17 -19.47
C LEU D 234 24.99 15.03 -18.32
N TYR D 235 23.67 15.24 -18.30
CA TYR D 235 23.02 16.00 -17.24
C TYR D 235 22.23 15.10 -16.29
N LEU D 236 22.62 15.17 -15.03
CA LEU D 236 21.95 14.49 -13.94
C LEU D 236 21.32 15.50 -12.99
N SER D 237 20.08 15.26 -12.59
CA SER D 237 19.34 16.14 -11.69
C SER D 237 18.64 15.32 -10.61
N ALA D 238 18.47 15.91 -9.42
CA ALA D 238 17.89 15.21 -8.29
C ALA D 238 17.30 16.17 -7.28
N VAL D 239 16.27 15.68 -6.60
CA VAL D 239 15.81 16.26 -5.34
C VAL D 239 15.46 15.07 -4.44
N ASP D 240 15.97 15.08 -3.21
CA ASP D 240 15.58 14.07 -2.22
C ASP D 240 15.35 14.76 -0.88
N VAL D 241 14.22 15.46 -0.82
CA VAL D 241 13.73 16.01 0.44
C VAL D 241 13.02 14.85 1.13
N CYS D 242 13.60 14.37 2.22
CA CYS D 242 13.11 13.16 2.87
C CYS D 242 11.96 13.42 3.80
N GLY D 243 11.81 14.67 4.22
CA GLY D 243 10.79 15.07 5.17
C GLY D 243 11.36 16.18 6.03
N MET D 244 10.74 16.39 7.18
CA MET D 244 11.18 17.39 8.16
C MET D 244 11.66 16.76 9.43
N PHE D 245 12.71 17.37 9.98
CA PHE D 245 13.21 17.08 11.30
C PHE D 245 12.56 18.08 12.25
N THR D 246 12.05 17.57 13.36
CA THR D 246 11.46 18.41 14.40
C THR D 246 12.42 18.58 15.59
N ASN D 247 12.82 19.82 15.86
CA ASN D 247 13.65 20.13 17.02
C ASN D 247 12.84 20.02 18.31
N ARG D 248 13.56 19.92 19.40
CA ARG D 248 12.99 19.95 20.73
C ARG D 248 11.96 21.08 20.93
N SER D 249 12.24 22.25 20.37
CA SER D 249 11.32 23.41 20.53
C SER D 249 10.04 23.28 19.70
N GLY D 250 10.01 22.30 18.81
CA GLY D 250 8.91 22.15 17.88
C GLY D 250 9.23 22.67 16.49
N SER D 251 10.29 23.48 16.35
CA SER D 251 10.62 24.04 15.06
C SER D 251 11.03 22.92 14.09
N GLN D 252 10.75 23.13 12.81
CA GLN D 252 10.97 22.06 11.82
C GLN D 252 11.82 22.55 10.67
N GLN D 253 12.72 21.67 10.22
CA GLN D 253 13.66 21.91 9.14
C GLN D 253 13.58 20.77 8.12
N TRP D 254 13.60 21.10 6.84
CA TRP D 254 13.72 20.06 5.82
C TRP D 254 15.02 19.32 5.99
N ARG D 255 15.03 18.01 5.71
CA ARG D 255 16.26 17.20 5.69
C ARG D 255 16.35 16.48 4.37
N GLY D 256 17.49 16.61 3.71
CA GLY D 256 17.73 15.95 2.41
C GLY D 256 18.89 14.99 2.48
N LEU D 257 19.00 14.14 1.46
CA LEU D 257 20.10 13.19 1.35
C LEU D 257 20.63 13.21 -0.08
N SER D 258 21.87 12.78 -0.23
CA SER D 258 22.52 12.65 -1.52
C SER D 258 21.94 11.47 -2.34
N ARG D 259 22.10 11.57 -3.65
CA ARG D 259 21.68 10.54 -4.58
C ARG D 259 22.85 10.06 -5.42
N TYR D 260 23.00 8.74 -5.46
CA TYR D 260 23.97 8.07 -6.34
C TYR D 260 23.38 7.87 -7.73
N PHE D 261 24.21 8.03 -8.76
CA PHE D 261 23.88 7.74 -10.15
C PHE D 261 25.01 6.90 -10.77
N LYS D 262 24.62 5.83 -11.45
CA LYS D 262 25.53 5.14 -12.37
C LYS D 262 24.81 5.00 -13.70
N VAL D 263 25.38 5.58 -14.77
CA VAL D 263 24.77 5.59 -16.08
C VAL D 263 25.72 4.88 -17.06
N GLN D 264 25.18 3.94 -17.84
CA GLN D 264 25.93 3.30 -18.91
C GLN D 264 25.55 3.92 -20.24
N LEU D 265 26.56 4.22 -21.05
CA LEU D 265 26.36 4.92 -22.30
C LEU D 265 27.05 4.21 -23.45
N ARG D 266 26.50 4.37 -24.65
CA ARG D 266 27.09 3.75 -25.84
C ARG D 266 27.18 4.78 -26.95
N LYS D 267 28.11 4.58 -27.88
CA LYS D 267 28.25 5.50 -29.01
C LYS D 267 27.22 5.21 -30.08
N ARG D 268 26.54 6.26 -30.52
CA ARG D 268 25.49 6.18 -31.51
C ARG D 268 25.83 7.13 -32.66
N ARG D 269 25.71 6.64 -33.89
CA ARG D 269 25.94 7.49 -35.06
C ARG D 269 24.66 8.23 -35.40
N VAL D 270 24.80 9.51 -35.72
CA VAL D 270 23.68 10.35 -36.16
C VAL D 270 24.09 11.20 -37.38
N LYS D 271 23.11 11.61 -38.19
CA LYS D 271 23.32 12.48 -39.36
C LYS D 271 22.38 13.68 -39.37
N VAL E 7 38.99 -10.42 -13.38
CA VAL E 7 39.05 -11.88 -13.73
C VAL E 7 38.05 -12.22 -14.82
N GLU E 8 38.45 -13.15 -15.68
CA GLU E 8 37.59 -13.66 -16.74
C GLU E 8 36.76 -14.83 -16.16
N VAL E 9 35.44 -14.75 -16.29
CA VAL E 9 34.54 -15.81 -15.83
C VAL E 9 34.27 -16.80 -16.96
N LEU E 10 34.56 -18.06 -16.73
CA LEU E 10 34.39 -19.10 -17.76
C LEU E 10 33.19 -19.97 -17.39
N GLU E 11 33.23 -21.27 -17.68
CA GLU E 11 32.01 -22.09 -17.53
C GLU E 11 31.76 -22.56 -16.09
N VAL E 12 30.50 -22.88 -15.85
CA VAL E 12 30.04 -23.52 -14.63
C VAL E 12 30.38 -25.02 -14.68
N LYS E 13 30.86 -25.56 -13.55
CA LYS E 13 31.06 -27.00 -13.43
C LYS E 13 29.75 -27.72 -13.21
N THR E 14 29.61 -28.92 -13.76
CA THR E 14 28.42 -29.72 -13.50
C THR E 14 28.85 -31.00 -12.81
N GLY E 15 27.88 -31.81 -12.43
CA GLY E 15 28.16 -33.08 -11.75
C GLY E 15 27.68 -32.91 -10.33
N VAL E 16 27.43 -34.02 -9.65
CA VAL E 16 26.90 -33.93 -8.27
C VAL E 16 27.86 -33.21 -7.29
N ASP E 17 29.15 -33.23 -7.59
CA ASP E 17 30.15 -32.57 -6.76
C ASP E 17 30.07 -31.00 -6.83
N SER E 18 29.31 -30.47 -7.76
CA SER E 18 29.48 -29.10 -8.19
C SER E 18 28.62 -28.04 -7.48
N ILE E 19 27.74 -28.47 -6.57
CA ILE E 19 26.85 -27.55 -5.83
C ILE E 19 27.10 -27.68 -4.33
N THR E 20 26.88 -26.60 -3.58
CA THR E 20 26.86 -26.69 -2.15
C THR E 20 25.85 -25.66 -1.62
N GLU E 21 25.52 -25.81 -0.36
CA GLU E 21 24.50 -24.99 0.28
C GLU E 21 25.00 -24.50 1.64
N VAL E 22 24.67 -23.26 1.98
CA VAL E 22 24.99 -22.68 3.28
C VAL E 22 23.67 -22.30 3.90
N GLU E 23 23.49 -22.69 5.14
CA GLU E 23 22.30 -22.37 5.88
C GLU E 23 22.72 -21.90 7.25
N CYS E 24 22.23 -20.74 7.68
CA CYS E 24 22.56 -20.25 8.99
C CYS E 24 21.62 -19.12 9.40
N PHE E 25 21.82 -18.60 10.60
CA PHE E 25 21.08 -17.43 11.03
C PHE E 25 22.06 -16.44 11.61
N LEU E 26 21.70 -15.17 11.46
CA LEU E 26 22.45 -14.05 12.03
CA LEU E 26 22.47 -14.09 12.07
C LEU E 26 21.59 -13.45 13.13
N THR E 27 22.13 -13.37 14.35
CA THR E 27 21.41 -12.72 15.45
C THR E 27 21.55 -11.19 15.37
N PRO E 28 20.56 -10.47 15.91
CA PRO E 28 20.61 -9.01 15.90
C PRO E 28 21.55 -8.50 17.00
N GLU E 29 22.14 -7.33 16.76
CA GLU E 29 23.03 -6.68 17.71
C GLU E 29 22.49 -5.28 17.98
N MET E 30 21.50 -5.24 18.86
CA MET E 30 20.73 -4.02 19.16
C MET E 30 21.32 -3.16 20.25
N GLY E 31 22.27 -3.73 21.02
CA GLY E 31 22.95 -3.02 22.11
C GLY E 31 23.05 -3.84 23.40
N ASP E 32 22.04 -4.68 23.66
CA ASP E 32 22.04 -5.63 24.77
C ASP E 32 22.45 -5.02 26.12
N PRO E 33 21.62 -4.10 26.63
CA PRO E 33 22.02 -3.26 27.77
C PRO E 33 22.26 -3.99 29.11
N ASP E 34 21.63 -5.15 29.32
CA ASP E 34 21.97 -6.01 30.45
C ASP E 34 21.80 -7.48 30.10
N GLU E 35 22.06 -8.33 31.08
CA GLU E 35 22.06 -9.79 30.90
C GLU E 35 20.68 -10.37 30.53
N HIS E 36 19.62 -9.57 30.63
CA HIS E 36 18.26 -10.03 30.33
C HIS E 36 17.65 -9.44 29.08
N LEU E 37 18.39 -8.60 28.36
CA LEU E 37 17.82 -7.76 27.30
C LEU E 37 18.48 -7.95 25.93
N ARG E 38 18.98 -9.15 25.70
CA ARG E 38 19.43 -9.56 24.39
C ARG E 38 18.31 -9.32 23.38
N GLY E 39 18.63 -8.62 22.31
CA GLY E 39 17.65 -8.30 21.25
C GLY E 39 17.03 -6.94 21.41
N PHE E 40 17.33 -6.25 22.53
CA PHE E 40 16.87 -4.90 22.77
C PHE E 40 18.07 -3.94 22.88
N SER E 41 17.83 -2.66 22.58
CA SER E 41 18.77 -1.62 22.95
C SER E 41 18.48 -1.11 24.34
N LYS E 42 19.41 -0.31 24.82
CA LYS E 42 19.16 0.59 25.94
C LYS E 42 18.00 1.53 25.60
N SER E 43 17.28 1.97 26.62
CA SER E 43 16.32 3.01 26.42
C SER E 43 16.94 4.21 25.68
N ILE E 44 16.15 4.81 24.81
CA ILE E 44 16.62 5.92 24.00
CA ILE E 44 16.59 5.93 23.99
C ILE E 44 16.44 7.22 24.79
N SER E 45 17.50 8.01 24.86
CA SER E 45 17.43 9.33 25.47
C SER E 45 17.80 10.32 24.38
N ILE E 46 17.58 11.60 24.67
CA ILE E 46 17.72 12.66 23.70
C ILE E 46 18.65 13.77 24.20
N SER E 47 19.66 14.13 23.41
CA SER E 47 20.58 15.18 23.80
C SER E 47 19.83 16.51 23.84
N ASP E 48 20.36 17.45 24.61
CA ASP E 48 19.80 18.79 24.65
C ASP E 48 20.15 19.62 23.42
N THR E 49 21.26 19.30 22.75
CA THR E 49 21.69 20.00 21.54
C THR E 49 22.34 19.02 20.58
N PHE E 50 22.43 19.42 19.30
CA PHE E 50 23.16 18.61 18.32
C PHE E 50 24.58 18.42 18.81
N GLU E 51 25.16 19.52 19.31
CA GLU E 51 26.52 19.51 19.80
C GLU E 51 26.77 18.48 20.90
N SER E 52 25.77 18.21 21.74
CA SER E 52 25.95 17.34 22.91
C SER E 52 25.54 15.89 22.64
N ASP E 53 25.18 15.57 21.39
CA ASP E 53 24.74 14.22 21.04
C ASP E 53 25.89 13.24 21.29
N SER E 54 25.65 12.28 22.19
CA SER E 54 26.69 11.40 22.70
C SER E 54 26.12 10.02 23.05
N PRO E 55 25.67 9.27 22.03
CA PRO E 55 24.96 8.04 22.36
C PRO E 55 25.83 6.96 23.03
N ASN E 56 25.25 6.26 23.99
CA ASN E 56 25.85 5.10 24.62
C ASN E 56 26.03 4.00 23.59
N ARG E 57 27.09 3.22 23.75
CA ARG E 57 27.27 2.05 22.90
C ARG E 57 26.03 1.13 22.93
N ASP E 58 25.46 0.94 24.12
CA ASP E 58 24.34 0.01 24.26
C ASP E 58 23.01 0.54 23.73
N MET E 59 22.99 1.78 23.25
CA MET E 59 21.80 2.37 22.67
C MET E 59 21.83 2.33 21.13
N LEU E 60 22.95 1.86 20.56
CA LEU E 60 23.16 1.87 19.11
C LEU E 60 23.12 0.48 18.46
N PRO E 61 22.05 0.19 17.72
CA PRO E 61 22.09 -1.05 16.93
C PRO E 61 23.24 -1.05 15.92
N CYS E 62 23.78 -2.23 15.65
CA CYS E 62 24.89 -2.42 14.72
C CYS E 62 24.56 -3.43 13.62
N TYR E 63 25.29 -3.35 12.53
CA TYR E 63 25.16 -4.33 11.45
C TYR E 63 25.63 -5.68 11.96
N SER E 64 24.95 -6.74 11.54
CA SER E 64 25.43 -8.10 11.79
C SER E 64 26.16 -8.65 10.57
N VAL E 65 27.16 -9.48 10.82
CA VAL E 65 27.95 -10.09 9.74
C VAL E 65 28.38 -11.49 10.13
N ALA E 66 28.34 -12.38 9.17
CA ALA E 66 28.99 -13.71 9.34
C ALA E 66 29.84 -14.00 8.10
N ARG E 67 31.06 -14.45 8.32
CA ARG E 67 31.91 -14.94 7.26
C ARG E 67 31.88 -16.45 7.36
N ILE E 68 31.45 -17.10 6.28
CA ILE E 68 31.22 -18.54 6.29
C ILE E 68 32.21 -19.25 5.37
N PRO E 69 33.10 -20.08 5.95
CA PRO E 69 34.04 -20.84 5.13
C PRO E 69 33.30 -21.88 4.28
N LEU E 70 33.71 -21.99 3.02
CA LEU E 70 33.09 -22.88 2.08
C LEU E 70 34.05 -24.02 1.82
N PRO E 71 33.57 -25.08 1.16
CA PRO E 71 34.48 -26.18 0.87
C PRO E 71 35.69 -25.72 0.04
N ASN E 72 36.87 -26.19 0.41
CA ASN E 72 38.10 -25.78 -0.21
C ASN E 72 38.10 -26.11 -1.70
N LEU E 73 38.43 -25.15 -2.56
CA LEU E 73 38.45 -25.42 -4.02
C LEU E 73 39.80 -25.64 -4.71
N ASN E 74 40.78 -24.79 -4.46
CA ASN E 74 42.07 -24.94 -5.15
C ASN E 74 43.19 -25.26 -4.19
N ILE E 82 41.66 -22.81 -11.85
CA ILE E 82 41.07 -22.00 -10.76
C ILE E 82 39.53 -21.96 -10.69
N LEU E 83 38.98 -22.55 -9.64
CA LEU E 83 37.54 -22.57 -9.39
C LEU E 83 37.17 -21.68 -8.21
N MET E 84 35.96 -21.14 -8.27
CA MET E 84 35.39 -20.32 -7.22
C MET E 84 33.93 -20.71 -7.02
N TRP E 85 33.46 -20.62 -5.78
CA TRP E 85 32.06 -20.78 -5.49
C TRP E 85 31.33 -19.53 -5.91
N GLU E 86 30.23 -19.71 -6.65
CA GLU E 86 29.40 -18.62 -7.13
C GLU E 86 28.04 -18.73 -6.42
N ALA E 87 27.65 -17.69 -5.73
CA ALA E 87 26.37 -17.70 -5.05
C ALA E 87 25.25 -17.41 -6.09
N VAL E 88 24.27 -18.31 -6.15
CA VAL E 88 23.23 -18.25 -7.16
C VAL E 88 21.84 -17.87 -6.68
N THR E 89 21.44 -18.41 -5.54
CA THR E 89 20.14 -18.15 -4.95
C THR E 89 20.21 -17.94 -3.44
N LEU E 90 19.21 -17.21 -2.95
CA LEU E 90 19.04 -16.89 -1.55
C LEU E 90 17.57 -17.11 -1.14
N LYS E 91 17.36 -17.84 -0.05
CA LYS E 91 16.11 -17.75 0.68
C LYS E 91 16.42 -17.08 2.03
N THR E 92 15.61 -16.12 2.42
CA THR E 92 15.84 -15.44 3.68
C THR E 92 14.49 -15.10 4.36
N GLU E 93 14.55 -15.00 5.68
CA GLU E 93 13.37 -14.80 6.49
C GLU E 93 13.74 -14.21 7.86
N VAL E 94 12.94 -13.29 8.38
CA VAL E 94 13.12 -12.85 9.77
C VAL E 94 12.51 -13.93 10.70
N ILE E 95 13.26 -14.29 11.75
CA ILE E 95 12.89 -15.38 12.64
C ILE E 95 12.29 -14.82 13.93
N GLY E 96 11.07 -15.24 14.24
CA GLY E 96 10.40 -14.89 15.47
C GLY E 96 9.41 -13.75 15.35
N VAL E 97 8.81 -13.58 14.18
CA VAL E 97 7.89 -12.46 13.95
C VAL E 97 6.72 -12.42 14.94
N THR E 98 6.22 -13.58 15.35
CA THR E 98 5.09 -13.63 16.29
C THR E 98 5.43 -13.19 17.72
N SER E 99 6.71 -13.10 18.08
CA SER E 99 7.11 -12.63 19.42
C SER E 99 6.55 -11.22 19.66
N LEU E 100 6.31 -10.49 18.57
CA LEU E 100 5.77 -9.12 18.67
C LEU E 100 4.30 -9.11 19.06
N MET E 101 3.70 -10.28 19.22
CA MET E 101 2.37 -10.37 19.78
C MET E 101 2.33 -10.43 21.31
N ASN E 102 3.49 -10.36 21.96
CA ASN E 102 3.51 -10.21 23.41
C ASN E 102 3.26 -8.75 23.77
N VAL E 103 1.99 -8.45 24.03
CA VAL E 103 1.54 -7.11 24.40
C VAL E 103 1.05 -7.10 25.86
N HIS E 104 1.65 -7.96 26.66
CA HIS E 104 1.27 -8.09 28.07
C HIS E 104 2.45 -8.05 29.02
N SER E 105 3.62 -7.66 28.53
CA SER E 105 4.87 -7.71 29.30
C SER E 105 5.44 -6.31 29.49
N ASN E 106 5.05 -5.66 30.59
CA ASN E 106 5.55 -4.33 30.96
C ASN E 106 5.44 -3.29 29.85
N GLY E 107 4.38 -3.36 29.07
CA GLY E 107 4.17 -2.39 28.02
C GLY E 107 3.33 -1.22 28.51
N GLN E 108 3.32 -0.16 27.72
CA GLN E 108 2.46 0.99 28.02
C GLN E 108 1.12 0.75 27.37
N ALA E 109 0.06 0.83 28.16
CA ALA E 109 -1.28 0.58 27.65
C ALA E 109 -1.63 1.59 26.56
N THR E 110 -2.28 1.13 25.50
CA THR E 110 -2.70 1.99 24.41
C THR E 110 -3.69 3.06 24.87
N HIS E 111 -4.49 2.77 25.90
CA HIS E 111 -5.44 3.69 26.52
C HIS E 111 -5.84 3.06 27.84
N ASP E 112 -6.65 3.72 28.66
CA ASP E 112 -7.05 3.17 29.96
CA ASP E 112 -7.07 3.18 29.96
C ASP E 112 -7.67 1.76 29.83
N ASN E 113 -7.08 0.79 30.55
CA ASN E 113 -7.52 -0.61 30.56
C ASN E 113 -7.17 -1.37 29.29
N GLY E 114 -6.45 -0.73 28.38
CA GLY E 114 -6.09 -1.32 27.09
C GLY E 114 -4.93 -2.31 27.19
N ALA E 115 -4.65 -2.98 26.07
CA ALA E 115 -3.48 -3.83 25.96
C ALA E 115 -2.21 -3.00 25.80
N GLY E 116 -1.05 -3.64 25.96
CA GLY E 116 0.22 -2.99 25.76
C GLY E 116 0.43 -2.58 24.30
N LYS E 117 1.14 -1.50 24.09
CA LYS E 117 1.52 -1.08 22.74
C LYS E 117 2.49 -2.08 22.15
N PRO E 118 2.26 -2.48 20.89
CA PRO E 118 3.20 -3.37 20.25
C PRO E 118 4.42 -2.59 19.77
N VAL E 119 5.46 -3.34 19.45
CA VAL E 119 6.62 -2.81 18.77
C VAL E 119 6.17 -2.15 17.47
N GLN E 120 6.63 -0.92 17.28
CA GLN E 120 6.29 -0.14 16.10
CA GLN E 120 6.27 -0.12 16.12
C GLN E 120 7.25 1.04 15.98
N GLY E 121 7.11 1.79 14.90
CA GLY E 121 8.00 2.92 14.63
C GLY E 121 9.13 2.54 13.69
N THR E 122 10.11 3.40 13.58
CA THR E 122 11.18 3.27 12.60
C THR E 122 11.78 1.87 12.54
N SER E 123 11.88 1.34 11.33
CA SER E 123 12.47 0.02 11.10
C SER E 123 13.51 0.11 10.00
N PHE E 124 14.47 -0.79 10.07
CA PHE E 124 15.44 -0.98 9.00
C PHE E 124 15.65 -2.48 8.81
N HIS E 125 15.27 -3.00 7.64
CA HIS E 125 15.44 -4.39 7.31
C HIS E 125 16.36 -4.51 6.12
N PHE E 126 17.46 -5.21 6.30
CA PHE E 126 18.56 -5.21 5.34
C PHE E 126 19.20 -6.58 5.30
N PHE E 127 19.57 -7.04 4.11
CA PHE E 127 20.43 -8.21 4.01
C PHE E 127 21.31 -8.12 2.76
N SER E 128 22.44 -8.80 2.82
CA SER E 128 23.34 -8.89 1.69
C SER E 128 24.05 -10.22 1.66
N VAL E 129 24.43 -10.61 0.44
CA VAL E 129 25.19 -11.84 0.20
C VAL E 129 26.34 -11.44 -0.72
N GLY E 130 27.56 -11.70 -0.29
CA GLY E 130 28.71 -11.39 -1.16
C GLY E 130 29.86 -12.35 -1.06
N GLY E 131 30.79 -12.23 -2.00
CA GLY E 131 31.99 -13.03 -2.03
C GLY E 131 33.17 -12.36 -1.35
N GLU E 132 32.87 -11.32 -0.59
CA GLU E 132 33.83 -10.55 0.17
C GLU E 132 33.04 -9.65 1.10
N ALA E 133 33.70 -8.98 2.04
CA ALA E 133 33.00 -8.13 3.00
C ALA E 133 32.19 -7.03 2.33
N LEU E 134 31.02 -6.74 2.90
CA LEU E 134 30.20 -5.63 2.46
C LEU E 134 31.01 -4.36 2.60
N GLU E 135 30.96 -3.52 1.57
CA GLU E 135 31.66 -2.24 1.58
C GLU E 135 30.72 -1.13 2.04
N LEU E 136 31.17 -0.35 3.02
CA LEU E 136 30.33 0.65 3.66
C LEU E 136 30.80 2.07 3.35
N GLN E 137 29.81 2.97 3.31
CA GLN E 137 30.03 4.41 3.21
C GLN E 137 29.37 5.04 4.41
N GLY E 138 30.07 5.95 5.06
CA GLY E 138 29.56 6.66 6.23
C GLY E 138 28.75 7.88 5.84
N VAL E 139 27.59 8.04 6.48
CA VAL E 139 26.77 9.26 6.35
C VAL E 139 26.20 9.52 7.75
N LEU E 140 26.37 10.75 8.25
CA LEU E 140 25.98 11.09 9.61
C LEU E 140 24.75 11.97 9.60
N PHE E 141 23.80 11.68 10.47
CA PHE E 141 22.70 12.63 10.64
C PHE E 141 23.19 14.01 11.15
N ASN E 142 24.14 13.93 12.07
CA ASN E 142 24.71 15.08 12.78
C ASN E 142 26.19 14.84 12.94
N TYR E 143 27.02 15.60 12.22
CA TYR E 143 28.46 15.33 12.18
C TYR E 143 29.14 15.55 13.53
N ARG E 144 28.48 16.26 14.45
CA ARG E 144 29.01 16.49 15.80
C ARG E 144 28.68 15.40 16.81
N THR E 145 27.88 14.41 16.40
CA THR E 145 27.63 13.25 17.24
C THR E 145 28.95 12.61 17.68
N LYS E 146 29.08 12.37 18.99
CA LYS E 146 30.22 11.68 19.56
C LYS E 146 29.90 10.20 19.65
N TYR E 147 30.47 9.38 18.76
CA TYR E 147 30.24 7.92 18.78
C TYR E 147 31.13 7.29 19.88
N PRO E 148 30.62 6.25 20.55
CA PRO E 148 31.26 5.75 21.75
C PRO E 148 32.39 4.76 21.50
N ASP E 149 33.31 4.70 22.47
CA ASP E 149 34.37 3.70 22.51
CA ASP E 149 34.38 3.70 22.50
C ASP E 149 33.78 2.31 22.28
N GLY E 150 34.41 1.54 21.40
CA GLY E 150 33.93 0.17 21.11
C GLY E 150 33.16 0.08 19.82
N THR E 151 32.81 1.23 19.23
CA THR E 151 32.19 1.23 17.92
C THR E 151 33.20 1.70 16.88
N ILE E 152 32.94 1.35 15.62
CA ILE E 152 33.75 1.80 14.51
C ILE E 152 32.86 2.73 13.71
N PHE E 153 33.30 3.99 13.60
CA PHE E 153 32.47 5.09 13.10
C PHE E 153 33.26 5.98 12.15
N PRO E 154 32.57 6.85 11.39
CA PRO E 154 33.27 7.77 10.50
C PRO E 154 34.19 8.72 11.26
N LYS E 155 35.46 8.68 10.91
CA LYS E 155 36.48 9.47 11.56
C LYS E 155 36.73 10.75 10.80
N ASN E 156 37.24 11.75 11.50
CA ASN E 156 37.51 13.04 10.90
C ASN E 156 36.26 13.65 10.26
N ALA E 157 35.13 13.52 10.94
CA ALA E 157 33.88 14.00 10.41
C ALA E 157 33.90 15.49 10.25
N THR E 158 33.22 15.97 9.21
CA THR E 158 33.05 17.40 8.96
C THR E 158 31.59 17.64 8.69
N VAL E 159 31.19 18.89 8.52
CA VAL E 159 29.80 19.14 8.18
C VAL E 159 29.40 18.42 6.85
N GLN E 160 30.35 18.25 5.94
CA GLN E 160 30.04 17.57 4.68
C GLN E 160 29.67 16.08 4.88
N SER E 161 30.10 15.52 6.01
CA SER E 161 29.73 14.15 6.39
C SER E 161 28.23 13.98 6.55
N GLN E 162 27.51 15.09 6.73
CA GLN E 162 26.04 15.04 6.84
C GLN E 162 25.34 14.74 5.50
N VAL E 163 26.08 14.85 4.40
CA VAL E 163 25.52 14.57 3.05
C VAL E 163 26.38 13.60 2.24
N MET E 164 27.69 13.84 2.13
CA MET E 164 28.61 12.88 1.51
CA MET E 164 28.60 12.91 1.48
C MET E 164 30.05 13.33 1.69
N ASN E 165 30.79 12.52 2.44
CA ASN E 165 32.21 12.69 2.61
C ASN E 165 32.86 11.37 2.23
N THR E 166 33.57 11.37 1.10
CA THR E 166 34.09 10.15 0.52
C THR E 166 35.26 9.57 1.30
N GLU E 167 35.75 10.27 2.32
CA GLU E 167 36.75 9.70 3.20
C GLU E 167 36.18 8.52 4.02
N HIS E 168 34.86 8.52 4.26
CA HIS E 168 34.25 7.53 5.15
C HIS E 168 33.94 6.19 4.47
N LYS E 169 35.00 5.42 4.24
CA LYS E 169 34.91 4.07 3.68
C LYS E 169 35.31 3.03 4.73
N ALA E 170 34.61 1.91 4.73
CA ALA E 170 34.94 0.82 5.60
C ALA E 170 34.43 -0.50 5.02
N TYR E 171 34.89 -1.59 5.66
CA TYR E 171 34.41 -2.94 5.41
C TYR E 171 33.63 -3.41 6.63
N LEU E 172 32.48 -4.01 6.39
CA LEU E 172 31.74 -4.67 7.45
C LEU E 172 32.48 -5.96 7.81
N ASP E 173 33.46 -5.85 8.70
CA ASP E 173 34.39 -6.95 9.01
C ASP E 173 34.45 -7.34 10.50
N LYS E 174 33.48 -6.89 11.27
CA LYS E 174 33.45 -7.16 12.70
C LYS E 174 32.04 -6.98 13.22
N ASN E 175 31.66 -7.82 14.18
CA ASN E 175 30.36 -7.70 14.83
C ASN E 175 30.36 -6.80 16.02
N LYS E 176 29.16 -6.33 16.37
CA LYS E 176 28.94 -5.40 17.48
C LYS E 176 29.80 -4.17 17.35
N ALA E 177 30.06 -3.72 16.13
CA ALA E 177 31.02 -2.66 15.90
C ALA E 177 30.51 -1.49 15.06
N TYR E 178 29.80 -1.78 13.97
CA TYR E 178 29.44 -0.77 12.97
C TYR E 178 28.01 -0.30 13.22
N PRO E 179 27.84 0.92 13.75
CA PRO E 179 26.46 1.29 14.05
C PRO E 179 25.61 1.47 12.79
N VAL E 180 24.37 1.03 12.85
CA VAL E 180 23.49 1.12 11.70
C VAL E 180 23.34 2.58 11.25
N GLU E 181 23.18 3.48 12.21
CA GLU E 181 22.82 4.86 11.88
C GLU E 181 23.93 5.65 11.17
N CYS E 182 25.18 5.21 11.20
CA CYS E 182 26.18 6.01 10.50
C CYS E 182 26.82 5.37 9.26
N TRP E 183 26.33 4.19 8.89
CA TRP E 183 26.89 3.47 7.74
C TRP E 183 25.80 2.96 6.84
N VAL E 184 26.04 2.99 5.53
CA VAL E 184 25.21 2.33 4.55
C VAL E 184 26.09 1.53 3.58
N PRO E 185 25.49 0.60 2.84
CA PRO E 185 26.25 0.02 1.74
C PRO E 185 26.72 1.10 0.76
N ASP E 186 27.98 0.99 0.35
CA ASP E 186 28.58 1.94 -0.58
C ASP E 186 28.19 1.59 -2.02
N PRO E 187 27.28 2.38 -2.63
CA PRO E 187 26.85 2.02 -3.97
C PRO E 187 27.94 2.20 -5.03
N THR E 188 29.03 2.88 -4.70
CA THR E 188 30.15 3.07 -5.64
C THR E 188 31.06 1.85 -5.67
N ARG E 189 30.83 0.90 -4.76
CA ARG E 189 31.64 -0.30 -4.72
C ARG E 189 30.68 -1.50 -4.69
N ASN E 190 30.99 -2.57 -3.95
CA ASN E 190 30.07 -3.71 -3.84
C ASN E 190 29.70 -4.41 -5.15
N GLU E 191 30.62 -4.43 -6.12
CA GLU E 191 30.38 -5.17 -7.38
C GLU E 191 30.21 -6.70 -7.16
N ASN E 192 30.81 -7.20 -6.08
CA ASN E 192 30.81 -8.65 -5.78
C ASN E 192 29.88 -9.05 -4.62
N THR E 193 28.88 -8.19 -4.40
CA THR E 193 27.87 -8.37 -3.37
C THR E 193 26.51 -7.99 -3.96
N ARG E 194 25.45 -8.62 -3.46
CA ARG E 194 24.09 -8.20 -3.72
C ARG E 194 23.50 -7.78 -2.39
N TYR E 195 22.99 -6.55 -2.32
CA TYR E 195 22.38 -6.03 -1.10
C TYR E 195 21.00 -5.47 -1.32
N PHE E 196 20.18 -5.53 -0.27
CA PHE E 196 18.78 -5.15 -0.32
C PHE E 196 18.40 -4.56 1.04
N GLY E 197 17.81 -3.38 1.05
CA GLY E 197 17.35 -2.82 2.31
C GLY E 197 16.20 -1.87 2.20
N THR E 198 15.45 -1.74 3.29
CA THR E 198 14.35 -0.81 3.37
C THR E 198 14.35 -0.13 4.73
N LEU E 199 14.39 1.18 4.69
CA LEU E 199 14.15 2.01 5.87
C LEU E 199 12.70 2.52 5.81
N THR E 200 11.93 2.22 6.86
CA THR E 200 10.57 2.75 7.02
C THR E 200 10.55 3.63 8.28
N GLY E 201 10.44 4.93 8.11
CA GLY E 201 10.65 5.87 9.21
C GLY E 201 9.36 6.44 9.74
N GLY E 202 9.28 6.75 11.00
CA GLY E 202 8.05 7.36 11.53
C GLY E 202 7.74 6.69 12.82
N GLU E 203 7.24 7.41 13.80
CA GLU E 203 7.12 6.82 15.14
C GLU E 203 6.01 5.84 15.27
N ASN E 204 5.03 5.87 14.37
CA ASN E 204 3.89 4.98 14.46
C ASN E 204 3.81 3.95 13.37
N VAL E 205 4.86 3.78 12.58
CA VAL E 205 4.74 2.86 11.46
C VAL E 205 4.59 1.42 11.97
N PRO E 206 3.65 0.67 11.39
CA PRO E 206 3.43 -0.72 11.79
C PRO E 206 4.44 -1.65 11.16
N PRO E 207 5.02 -2.57 11.94
CA PRO E 207 5.78 -3.64 11.30
C PRO E 207 4.89 -4.44 10.37
N VAL E 208 5.38 -4.76 9.17
CA VAL E 208 4.70 -5.67 8.26
C VAL E 208 5.74 -6.69 7.90
N LEU E 209 5.60 -7.88 8.49
CA LEU E 209 6.64 -8.90 8.34
C LEU E 209 6.03 -10.15 7.72
N HIS E 210 6.54 -10.53 6.55
CA HIS E 210 6.05 -11.69 5.81
C HIS E 210 7.00 -12.85 5.99
N ILE E 211 6.45 -14.04 6.14
CA ILE E 211 7.29 -15.24 6.23
C ILE E 211 6.76 -16.26 5.21
N THR E 212 7.65 -16.97 4.54
CA THR E 212 7.26 -18.08 3.71
C THR E 212 8.53 -18.85 3.34
N ASN E 213 8.38 -20.12 3.06
CA ASN E 213 9.51 -20.89 2.56
C ASN E 213 9.43 -21.15 1.04
N THR E 214 8.61 -20.36 0.34
CA THR E 214 8.39 -20.52 -1.07
C THR E 214 9.04 -19.43 -1.94
N ALA E 215 9.76 -18.51 -1.34
CA ALA E 215 10.27 -17.31 -2.04
C ALA E 215 11.80 -17.41 -2.18
N THR E 216 12.29 -17.29 -3.41
CA THR E 216 13.72 -17.31 -3.69
C THR E 216 14.16 -16.01 -4.37
N THR E 217 15.30 -15.46 -3.95
CA THR E 217 15.95 -14.39 -4.70
C THR E 217 17.13 -14.90 -5.52
N VAL E 218 17.13 -14.59 -6.80
CA VAL E 218 18.23 -14.97 -7.68
C VAL E 218 19.34 -13.91 -7.55
N LEU E 219 20.59 -14.35 -7.40
CA LEU E 219 21.73 -13.45 -7.11
C LEU E 219 22.60 -13.15 -8.32
N LEU E 220 22.21 -13.68 -9.46
CA LEU E 220 22.93 -13.48 -10.69
C LEU E 220 22.73 -12.04 -11.16
N ASP E 221 23.79 -11.45 -11.67
CA ASP E 221 23.69 -10.16 -12.34
C ASP E 221 23.18 -10.29 -13.77
N GLU E 222 23.15 -9.18 -14.48
CA GLU E 222 22.64 -9.17 -15.85
C GLU E 222 23.47 -10.01 -16.82
N PHE E 223 24.67 -10.40 -16.41
CA PHE E 223 25.50 -11.30 -17.22
C PHE E 223 25.42 -12.76 -16.78
N GLY E 224 24.53 -13.07 -15.84
CA GLY E 224 24.34 -14.45 -15.39
C GLY E 224 25.38 -14.86 -14.36
N VAL E 225 26.02 -13.89 -13.70
CA VAL E 225 27.12 -14.17 -12.77
C VAL E 225 26.77 -13.67 -11.36
N GLY E 226 26.85 -14.59 -10.41
CA GLY E 226 26.59 -14.31 -9.03
C GLY E 226 27.86 -13.89 -8.31
N PRO E 227 27.73 -13.47 -7.04
CA PRO E 227 28.95 -13.20 -6.26
C PRO E 227 29.94 -14.38 -6.29
N LEU E 228 31.21 -14.10 -6.46
CA LEU E 228 32.28 -15.09 -6.52
C LEU E 228 33.07 -15.02 -5.20
N CYS E 229 33.18 -16.16 -4.52
CA CYS E 229 33.64 -16.16 -3.14
C CYS E 229 35.15 -16.21 -3.04
N LYS E 230 35.75 -15.07 -2.77
CA LYS E 230 37.22 -14.98 -2.71
C LYS E 230 37.75 -15.75 -1.49
N GLY E 231 38.77 -16.54 -1.70
CA GLY E 231 39.33 -17.38 -0.63
C GLY E 231 38.33 -18.39 -0.06
N ASP E 232 37.30 -18.77 -0.83
CA ASP E 232 36.28 -19.73 -0.36
C ASP E 232 35.55 -19.26 0.91
N ASN E 233 35.25 -17.97 0.96
CA ASN E 233 34.44 -17.38 2.03
C ASN E 233 33.20 -16.72 1.47
N LEU E 234 32.06 -16.98 2.10
CA LEU E 234 30.81 -16.31 1.80
C LEU E 234 30.51 -15.30 2.94
N TYR E 235 30.12 -14.08 2.57
CA TYR E 235 29.78 -13.04 3.53
C TYR E 235 28.28 -12.74 3.52
N LEU E 236 27.67 -12.90 4.68
CA LEU E 236 26.27 -12.62 4.92
C LEU E 236 26.18 -11.49 5.93
N SER E 237 25.37 -10.48 5.61
CA SER E 237 25.19 -9.33 6.49
C SER E 237 23.70 -9.03 6.63
N ALA E 238 23.32 -8.43 7.77
CA ALA E 238 21.93 -8.19 8.05
C ALA E 238 21.76 -7.11 9.10
N VAL E 239 20.62 -6.44 8.99
CA VAL E 239 20.03 -5.64 10.08
C VAL E 239 18.53 -5.86 10.04
N ASP E 240 17.91 -6.10 11.19
CA ASP E 240 16.47 -6.21 11.31
C ASP E 240 16.01 -5.52 12.58
N VAL E 241 16.12 -4.20 12.56
CA VAL E 241 15.52 -3.34 13.58
C VAL E 241 14.03 -3.26 13.26
N CYS E 242 13.20 -3.90 14.09
CA CYS E 242 11.78 -4.06 13.79
C CYS E 242 10.93 -2.87 14.18
N GLY E 243 11.46 -2.03 15.05
CA GLY E 243 10.73 -0.88 15.59
C GLY E 243 11.23 -0.69 17.02
N MET E 244 10.42 0.04 17.80
CA MET E 244 10.69 0.27 19.20
C MET E 244 9.60 -0.34 20.08
N PHE E 245 10.05 -0.89 21.22
CA PHE E 245 9.20 -1.33 22.32
C PHE E 245 9.10 -0.19 23.31
N THR E 246 7.87 0.13 23.69
CA THR E 246 7.59 1.18 24.68
C THR E 246 7.22 0.52 26.00
N ASN E 247 7.98 0.78 27.05
CA ASN E 247 7.61 0.19 28.32
C ASN E 247 6.62 1.08 29.08
N ARG E 248 6.19 0.60 30.24
CA ARG E 248 5.10 1.26 30.96
C ARG E 248 5.39 2.74 31.25
N SER E 249 6.65 3.10 31.45
CA SER E 249 7.02 4.52 31.75
C SER E 249 6.96 5.43 30.51
N GLY E 250 6.86 4.81 29.33
CA GLY E 250 6.89 5.56 28.06
C GLY E 250 8.25 5.52 27.40
N SER E 251 9.25 5.01 28.11
CA SER E 251 10.59 4.93 27.54
CA SER E 251 10.59 4.91 27.56
C SER E 251 10.62 3.86 26.44
N GLN E 252 11.50 4.05 25.44
CA GLN E 252 11.52 3.24 24.23
C GLN E 252 12.89 2.66 23.94
N GLN E 253 12.89 1.41 23.46
CA GLN E 253 14.07 0.64 23.13
C GLN E 253 13.89 0.03 21.75
N TRP E 254 14.94 -0.02 20.96
CA TRP E 254 14.88 -0.75 19.71
C TRP E 254 14.72 -2.24 20.00
N ARG E 255 13.96 -2.94 19.17
CA ARG E 255 13.84 -4.40 19.25
C ARG E 255 14.22 -4.98 17.88
N GLY E 256 15.16 -5.92 17.89
CA GLY E 256 15.58 -6.63 16.67
C GLY E 256 15.25 -8.10 16.69
N LEU E 257 15.32 -8.72 15.51
CA LEU E 257 15.10 -10.16 15.39
C LEU E 257 16.21 -10.75 14.51
N SER E 258 16.42 -12.05 14.66
CA SER E 258 17.40 -12.77 13.85
C SER E 258 16.92 -12.96 12.40
N ARG E 259 17.88 -13.22 11.51
CA ARG E 259 17.58 -13.50 10.11
C ARG E 259 18.21 -14.79 9.65
N TYR E 260 17.37 -15.61 9.03
CA TYR E 260 17.76 -16.87 8.39
C TYR E 260 18.27 -16.60 6.99
N PHE E 261 19.34 -17.31 6.62
CA PHE E 261 19.83 -17.32 5.23
C PHE E 261 19.99 -18.74 4.74
N LYS E 262 19.53 -19.02 3.52
CA LYS E 262 19.96 -20.22 2.82
C LYS E 262 20.45 -19.86 1.44
N VAL E 263 21.71 -20.17 1.16
CA VAL E 263 22.34 -19.79 -0.09
C VAL E 263 22.80 -21.04 -0.82
N GLN E 264 22.42 -21.13 -2.09
CA GLN E 264 22.91 -22.19 -2.98
C GLN E 264 24.06 -21.64 -3.84
N LEU E 265 25.15 -22.41 -3.90
CA LEU E 265 26.32 -22.03 -4.64
C LEU E 265 26.74 -23.13 -5.62
N ARG E 266 27.42 -22.70 -6.68
CA ARG E 266 27.90 -23.62 -7.71
C ARG E 266 29.34 -23.28 -8.03
N LYS E 267 30.09 -24.24 -8.55
CA LYS E 267 31.48 -24.03 -8.91
C LYS E 267 31.60 -23.39 -10.28
N ARG E 268 32.38 -22.33 -10.36
CA ARG E 268 32.59 -21.59 -11.57
C ARG E 268 34.09 -21.55 -11.85
N ARG E 269 34.50 -21.88 -13.08
CA ARG E 269 35.90 -21.68 -13.46
C ARG E 269 36.16 -20.21 -13.83
N VAL E 270 37.31 -19.71 -13.41
CA VAL E 270 37.74 -18.35 -13.72
C VAL E 270 39.21 -18.36 -14.13
N LYS E 271 39.67 -17.31 -14.81
CA LYS E 271 41.09 -17.21 -15.23
C LYS E 271 41.78 -15.98 -14.69
C1 GOL F . -0.55 -11.03 34.02
O1 GOL F . -0.62 -10.13 35.13
C2 GOL F . 0.72 -10.67 33.28
O2 GOL F . 1.77 -11.19 34.06
C3 GOL F . 0.77 -11.20 31.84
O3 GOL F . -0.58 -11.28 31.41
C1 EDO G . -1.02 -14.74 4.47
O1 EDO G . -1.64 -13.47 4.68
C2 EDO G . -0.01 -14.63 3.34
O2 EDO G . 1.21 -14.16 3.92
K K H . -16.85 -27.61 -2.80
K K I . 17.06 -27.00 5.67
C1 SIA J . -28.43 13.24 14.49
C2 SIA J . -29.66 13.75 13.78
C3 SIA J . -29.39 15.01 12.94
C4 SIA J . -28.60 14.71 11.65
C5 SIA J . -29.25 13.57 10.84
C6 SIA J . -29.43 12.36 11.77
C7 SIA J . -30.10 11.16 11.09
C8 SIA J . -30.43 10.08 12.11
C9 SIA J . -30.74 8.76 11.41
C10 SIA J . -28.96 12.84 8.51
C11 SIA J . -28.01 12.46 7.42
N5 SIA J . -28.44 13.21 9.69
O1A SIA J . -27.49 14.04 14.78
O1B SIA J . -28.36 12.01 14.77
O2 SIA J . -30.66 14.04 14.79
O4 SIA J . -28.49 15.90 10.85
O6 SIA J . -30.22 12.73 12.92
O7 SIA J . -31.31 11.55 10.43
O8 SIA J . -29.32 9.91 13.01
O9 SIA J . -30.92 7.70 12.36
O10 SIA J . -30.17 12.80 8.34
C1 GOL K . -29.00 -0.71 20.97
O1 GOL K . -29.46 0.28 20.04
C2 GOL K . -28.87 -2.00 20.18
O2 GOL K . -28.66 -3.09 21.08
C3 GOL K . -27.66 -1.93 19.26
O3 GOL K . -27.68 -3.07 18.41
C1 EDO L . -12.61 -6.49 -4.82
O1 EDO L . -12.46 -7.65 -4.00
C2 EDO L . -13.71 -5.62 -4.23
O2 EDO L . -13.28 -4.26 -4.14
C1 EDO M . -13.49 0.64 -5.97
O1 EDO M . -12.12 0.57 -6.36
C2 EDO M . -14.16 -0.73 -5.94
O2 EDO M . -14.58 -0.93 -4.58
C1 GOL N . -11.69 0.63 0.15
O1 GOL N . -12.30 1.91 -0.05
C2 GOL N . -11.27 -0.02 -1.18
O2 GOL N . -12.28 0.16 -2.17
C3 GOL N . -11.02 -1.52 -0.97
O3 GOL N . -12.16 -2.29 -1.40
K K O . -23.45 0.35 -22.81
C1 SIA P . -9.55 32.78 6.46
C2 SIA P . -9.18 34.05 5.69
C3 SIA P . -7.69 34.41 5.78
C4 SIA P . -6.85 33.40 4.97
C5 SIA P . -7.39 33.28 3.54
C6 SIA P . -8.88 32.95 3.57
C7 SIA P . -9.59 32.84 2.21
C8 SIA P . -11.08 32.65 2.35
C9 SIA P . -11.70 32.22 1.02
C10 SIA P . -6.40 32.39 1.48
C11 SIA P . -5.62 31.27 0.82
N5 SIA P . -6.65 32.27 2.78
O1A SIA P . -8.87 32.48 7.46
O1B SIA P . -10.53 32.08 6.13
O2 SIA P . -9.97 35.11 6.25
O4 SIA P . -5.47 33.77 4.97
O6 SIA P . -9.57 33.96 4.32
O7 SIA P . -9.33 34.02 1.41
O8 SIA P . -11.37 31.68 3.38
O9 SIA P . -13.04 31.80 1.23
O10 SIA P . -6.78 33.34 0.82
C1 GOL Q . -23.61 26.48 4.44
O1 GOL Q . -24.39 27.64 4.69
C2 GOL Q . -24.13 25.81 3.17
O2 GOL Q . -25.41 25.28 3.44
C3 GOL Q . -23.28 24.64 2.67
O3 GOL Q . -21.94 25.13 2.54
C1 EDO R . -6.19 6.91 -12.09
O1 EDO R . -7.34 6.30 -11.52
C2 EDO R . -6.28 8.40 -11.81
O2 EDO R . -5.20 8.80 -10.99
C1 GOL S . -3.54 10.54 -4.09
O1 GOL S . -2.83 11.80 -4.12
C2 GOL S . -3.24 9.69 -5.33
O2 GOL S . -2.98 10.53 -6.46
C3 GOL S . -4.43 8.80 -5.69
O3 GOL S . -5.09 9.28 -6.87
C1 SIA T . 15.47 25.89 17.35
C2 SIA T . 16.91 26.33 17.56
C3 SIA T . 17.70 25.41 18.48
C4 SIA T . 17.94 24.04 17.84
C5 SIA T . 18.55 24.16 16.45
C6 SIA T . 17.73 25.11 15.59
C7 SIA T . 18.30 25.38 14.20
C8 SIA T . 17.57 26.53 13.50
C9 SIA T . 17.89 26.62 12.02
C10 SIA T . 19.50 22.45 14.96
C11 SIA T . 19.30 21.10 14.35
N5 SIA T . 18.56 22.85 15.81
O1A SIA T . 14.88 25.23 18.25
O1B SIA T . 14.91 26.23 16.28
O2 SIA T . 16.93 27.65 18.12
O4 SIA T . 18.79 23.26 18.69
O6 SIA T . 17.56 26.37 16.28
O7 SIA T . 19.68 25.68 14.29
O8 SIA T . 16.14 26.40 13.63
O9 SIA T . 16.97 27.55 11.44
O10 SIA T . 20.46 23.14 14.70
C1 GOL U . 7.71 34.16 7.33
O1 GOL U . 8.09 35.45 7.84
C2 GOL U . 7.92 34.17 5.84
O2 GOL U . 6.95 35.05 5.27
C3 GOL U . 7.71 32.78 5.21
O3 GOL U . 8.71 31.91 5.77
C1 EDO V . 10.37 7.63 -8.51
O1 EDO V . 9.08 8.21 -8.78
C2 EDO V . 11.13 8.58 -7.60
O2 EDO V . 11.09 8.13 -6.25
C1 GOL W . 22.61 11.07 25.73
O1 GOL W . 22.37 9.68 25.93
C2 GOL W . 23.02 11.32 24.30
O2 GOL W . 23.37 12.69 24.07
C3 GOL W . 21.89 10.91 23.35
O3 GOL W . 22.51 10.22 22.27
C1 EDO X . 11.06 -8.60 5.74
O1 EDO X . 11.56 -7.66 6.69
C2 EDO X . 9.71 -9.11 6.26
O2 EDO X . 8.69 -9.09 5.25
C1 GOL Y . 8.15 -3.15 7.56
O1 GOL Y . 8.23 -3.85 8.82
C2 GOL Y . 8.56 -4.00 6.34
O2 GOL Y . 9.39 -5.13 6.73
C3 GOL Y . 9.35 -3.18 5.31
O3 GOL Y . 10.77 -3.44 5.40
C1 GOL Z . -3.79 -2.66 31.63
O1 GOL Z . -4.37 -1.64 30.81
C2 GOL Z . -4.80 -3.69 32.13
O2 GOL Z . -5.94 -3.08 32.75
C3 GOL Z . -4.19 -4.58 33.20
O3 GOL Z . -2.80 -4.61 33.00
#